data_9CUS
#
_entry.id   9CUS
#
_cell.length_a   1.00
_cell.length_b   1.00
_cell.length_c   1.00
_cell.angle_alpha   90.00
_cell.angle_beta   90.00
_cell.angle_gamma   90.00
#
_symmetry.space_group_name_H-M   'P 1'
#
loop_
_entity.id
_entity.type
_entity.pdbx_description
1 polymer 'Probable multidrug resistance ABC transporter ATP-binding/permease protein YheI'
2 polymer 'Probable multidrug resistance ABC transporter ATP-binding/permease protein YheH'
3 non-polymer 'MAGNESIUM ION'
4 non-polymer "ADENOSINE-5'-TRIPHOSPHATE"
5 non-polymer "2'-(4-ETHOXYPHENYL)-5-(4-METHYL-1-PIPERAZINYL)-2,5'-BI-BENZIMIDAZOLE"
6 non-polymer '(2S)-3-(hexadecanoyloxy)-2-[(9Z)-octadec-9-enoyloxy]propyl 2-(trimethylammonio)ethyl phosphate'
7 non-polymer 'ADP ORTHOVANADATE'
#
loop_
_entity_poly.entity_id
_entity_poly.type
_entity_poly.pdbx_seq_one_letter_code
_entity_poly.pdbx_strand_id
1 'polypeptide(L)'
;MGSSHHHHHHSSGLVPRGSHMLEFSVLKKLGWFFKAYWLRYTIAIVLLLAVNVIEMFPPKLLGNAIDDMKAGAFTAEGLL
FYIGIFFVLTAAVYIMSYFWMHQLFGGANLMEKILRTKLMGHLLTMSPPFYEKNRTGDLMARGTNDLQAVSLTTGFGILT
LVDSTMFMMTIFLTMGFLISWKLTFAAIIPLPVMAIAISLYGSKIHERFTEAQNAFGALNDRVLESVSGVRVIRAYVQET
NDVRRFNEMTADVYQKNMKVAFIDSLFEPTVKLLVGASYLIGLGYGAFLVFRNELTLGELVSFNVYLGMMIWPMFAIGEL
INVMQRGNASLDRVNETLSYETDVTDPKQPADLKEPGDIVFSHVSFTYPSSTSDNLQDISFTVRKGQTVGIAGKTGSGKT
TIIKQLLRQYPPGEGSITFSGVPIQQIPLDRLRGWIGYVPQDHLLFSRTVKENILYGKQDATDKEVQQAIAEAHFEKDLH
MLPSGLETMVGEKGVALSGGQKQRISIARALMANPEILILDDSLSAVDAKTEAAIIKNIRENRKGKTTFILTHRLSAVEH
ADLILVMDGGVIAERGTHQELLANNGWYREQYERQQLFTAEEGGAGA
;
C
2 'polypeptide(L)'
;MKIGKTLWRYALLYRKLLITAVLLLTVAVGAELTGPFIGKKMIDDHILGIEKTWYEAAEKDKNAVQFHGVSYVREDRLQE
PVSKAKEAHIYQVGMAFYFVDQAVSFDGNRTVSDGKLTITNGDKSRAYAAEKLTKQELFQFYQPEIKGMVLLICLYGGLL
VFSVFFQYGQHYLLQMSANRIIQKMRQDVFSHIQKMPIRYFDNLPAGKVVARITNDTEAIRDLYVTVLSTFVTSGIYMFG
IFTALFLLDVKLAFVCLAIVPIIWLWSVIYRRYASYYNQKIRSINSDINAKMNESIQGMTIIQAFRHQKETMREFEELNE
SHFYFQNRMLNLNSLMSHNLVNVIRNLAFVCLIWHFGGASLNAAGIVSIGVLYAFVDYLNRLFQPITGIVNQFSKLELAR
VSAGRVFELLEEKNTEEAGEPAKERALGRVEFRDVSFAYQEGEEVLKHISFTAQKGETVALVGHTGSGKSSILNLLFRFY
DAQKGDVLIDGKSIYNMSRQELRSHMGIVLQDPYLFSGTIGSNVSLDDERMTEEEIKNALRQVGAEPLLKKLPKGINEPV
IEKGSTLSSGERQLISFARALAFDPAILILDEATAHIDTETEAVIQKALDVVKQGRTTFVIAHRLSTIRNADQILVLDKG
EIVERGNHEELMALEGQYYQMYELQKGQKHSIALEHHHHHH
;
D
#
loop_
_chem_comp.id
_chem_comp.type
_chem_comp.name
_chem_comp.formula
AOV non-polymer 'ADP ORTHOVANADATE' 'C10 H17 N5 O14 P2 V'
ATP non-polymer ADENOSINE-5'-TRIPHOSPHATE 'C10 H16 N5 O13 P3'
HT1 non-polymer 2'-(4-ETHOXYPHENYL)-5-(4-METHYL-1-PIPERAZINYL)-2,5'-BI-BENZIMIDAZOLE 'C27 H28 N6 O'
MG non-polymer 'MAGNESIUM ION' 'Mg 2'
POV non-polymer '(2S)-3-(hexadecanoyloxy)-2-[(9Z)-octadec-9-enoyloxy]propyl 2-(trimethylammonio)ethyl phosphate' 'C42 H82 N O8 P'
#
# COMPACT_ATOMS: atom_id res chain seq x y z
N PHE A 24 -11.04 23.40 3.62
CA PHE A 24 -10.52 22.09 4.11
C PHE A 24 -9.01 22.11 4.26
N SER A 25 -8.51 21.35 5.23
CA SER A 25 -7.07 21.27 5.43
C SER A 25 -6.38 20.63 4.23
N VAL A 26 -6.98 19.58 3.67
CA VAL A 26 -6.33 18.90 2.54
C VAL A 26 -6.24 19.82 1.34
N LEU A 27 -7.33 20.55 1.05
CA LEU A 27 -7.31 21.46 -0.09
C LEU A 27 -6.37 22.63 0.16
N LYS A 28 -6.34 23.14 1.39
CA LYS A 28 -5.37 24.20 1.69
C LYS A 28 -3.94 23.70 1.54
N LYS A 29 -3.70 22.42 1.80
CA LYS A 29 -2.37 21.86 1.64
C LYS A 29 -2.03 21.60 0.18
N LEU A 30 -3.02 21.26 -0.64
CA LEU A 30 -2.82 21.03 -2.06
C LEU A 30 -3.00 22.29 -2.91
N GLY A 31 -3.20 23.44 -2.26
CA GLY A 31 -3.27 24.69 -3.00
C GLY A 31 -2.09 24.90 -3.94
N TRP A 32 -0.91 24.38 -3.59
CA TRP A 32 0.24 24.56 -4.47
C TRP A 32 -0.02 23.91 -5.82
N PHE A 33 -0.62 22.72 -5.83
CA PHE A 33 -0.95 22.05 -7.09
C PHE A 33 -2.15 22.69 -7.75
N PHE A 34 -3.18 23.02 -6.97
CA PHE A 34 -4.38 23.61 -7.55
C PHE A 34 -4.08 24.93 -8.24
N LYS A 35 -3.12 25.69 -7.73
CA LYS A 35 -2.72 26.92 -8.40
C LYS A 35 -2.02 26.62 -9.72
N ALA A 36 -1.16 25.62 -9.75
CA ALA A 36 -0.48 25.27 -10.99
C ALA A 36 -1.47 24.78 -12.03
N TYR A 37 -2.43 23.96 -11.62
CA TYR A 37 -3.46 23.42 -12.51
C TYR A 37 -4.79 24.10 -12.16
N TRP A 38 -5.02 25.26 -12.76
CA TRP A 38 -6.23 26.03 -12.53
C TRP A 38 -7.18 26.04 -13.72
N LEU A 39 -6.65 26.08 -14.94
CA LEU A 39 -7.51 26.06 -16.12
C LEU A 39 -8.26 24.74 -16.21
N ARG A 40 -7.56 23.63 -15.94
CA ARG A 40 -8.21 22.32 -16.00
C ARG A 40 -9.42 22.25 -15.08
N TYR A 41 -9.23 22.64 -13.81
CA TYR A 41 -10.32 22.55 -12.85
C TYR A 41 -11.39 23.60 -13.10
N THR A 42 -11.01 24.78 -13.60
CA THR A 42 -12.01 25.77 -13.97
C THR A 42 -12.92 25.23 -15.07
N ILE A 43 -12.33 24.64 -16.11
CA ILE A 43 -13.13 24.04 -17.17
C ILE A 43 -14.01 22.93 -16.61
N ALA A 44 -13.44 22.10 -15.72
CA ALA A 44 -14.21 21.01 -15.14
C ALA A 44 -15.44 21.53 -14.41
N ILE A 45 -15.26 22.57 -13.59
CA ILE A 45 -16.37 23.11 -12.81
C ILE A 45 -17.42 23.72 -13.73
N VAL A 46 -16.98 24.47 -14.74
CA VAL A 46 -17.93 25.09 -15.66
C VAL A 46 -18.76 24.03 -16.36
N LEU A 47 -18.09 22.98 -16.86
CA LEU A 47 -18.81 21.90 -17.53
C LEU A 47 -19.75 21.18 -16.56
N LEU A 48 -19.35 21.05 -15.30
CA LEU A 48 -20.22 20.40 -14.32
C LEU A 48 -21.51 21.20 -14.12
N LEU A 49 -21.40 22.51 -13.93
CA LEU A 49 -22.61 23.32 -13.75
C LEU A 49 -23.47 23.27 -15.01
N ALA A 50 -22.85 23.38 -16.19
CA ALA A 50 -23.59 23.28 -17.42
C ALA A 50 -24.35 21.96 -17.49
N VAL A 51 -23.67 20.86 -17.19
CA VAL A 51 -24.31 19.54 -17.24
C VAL A 51 -25.48 19.48 -16.26
N ASN A 52 -25.32 20.08 -15.08
CA ASN A 52 -26.43 20.14 -14.13
C ASN A 52 -27.66 20.76 -14.79
N VAL A 53 -27.48 21.90 -15.44
CA VAL A 53 -28.63 22.57 -16.05
C VAL A 53 -29.21 21.74 -17.20
N ILE A 54 -28.33 21.24 -18.08
CA ILE A 54 -28.77 20.49 -19.25
C ILE A 54 -29.39 19.15 -18.87
N GLU A 55 -29.16 18.69 -17.64
CA GLU A 55 -29.89 17.53 -17.14
C GLU A 55 -31.20 17.93 -16.46
N MET A 56 -31.25 19.11 -15.86
CA MET A 56 -32.51 19.60 -15.32
C MET A 56 -33.55 19.78 -16.41
N PHE A 57 -33.12 20.10 -17.63
CA PHE A 57 -34.08 20.35 -18.70
C PHE A 57 -34.88 19.12 -19.10
N PRO A 58 -34.29 17.95 -19.33
CA PRO A 58 -35.04 16.79 -19.82
C PRO A 58 -36.29 16.49 -19.02
N PRO A 59 -36.25 16.57 -17.69
CA PRO A 59 -37.50 16.36 -16.93
C PRO A 59 -38.63 17.28 -17.37
N LYS A 60 -38.36 18.58 -17.49
CA LYS A 60 -39.39 19.52 -17.92
C LYS A 60 -39.85 19.20 -19.34
N LEU A 61 -38.92 18.87 -20.23
CA LEU A 61 -39.31 18.58 -21.60
C LEU A 61 -40.24 17.36 -21.66
N LEU A 62 -39.90 16.30 -20.94
CA LEU A 62 -40.76 15.11 -20.93
C LEU A 62 -42.11 15.41 -20.31
N GLY A 63 -42.13 16.19 -19.23
CA GLY A 63 -43.40 16.58 -18.63
C GLY A 63 -44.28 17.33 -19.61
N ASN A 64 -43.69 18.28 -20.34
CA ASN A 64 -44.44 19.01 -21.35
C ASN A 64 -44.97 18.08 -22.43
N ALA A 65 -44.14 17.13 -22.88
CA ALA A 65 -44.58 16.20 -23.91
C ALA A 65 -45.77 15.39 -23.44
N ILE A 66 -45.70 14.84 -22.23
CA ILE A 66 -46.80 14.03 -21.72
C ILE A 66 -48.05 14.88 -21.54
N ASP A 67 -47.89 16.10 -21.05
CA ASP A 67 -49.05 16.99 -20.87
C ASP A 67 -49.72 17.27 -22.22
N ASP A 68 -48.91 17.57 -23.24
CA ASP A 68 -49.48 17.79 -24.57
C ASP A 68 -50.10 16.53 -25.14
N MET A 69 -49.67 15.35 -24.68
CA MET A 69 -50.28 14.10 -25.13
C MET A 69 -51.66 13.88 -24.53
N LYS A 70 -52.08 14.70 -23.58
CA LYS A 70 -53.36 14.49 -22.90
C LYS A 70 -54.54 14.82 -23.83
N ALA A 71 -54.63 16.07 -24.27
CA ALA A 71 -55.77 16.55 -25.04
C ALA A 71 -55.65 16.27 -26.54
N GLY A 72 -54.76 15.37 -26.93
CA GLY A 72 -54.61 15.05 -28.33
C GLY A 72 -53.92 16.11 -29.15
N ALA A 73 -53.31 17.11 -28.51
CA ALA A 73 -52.62 18.16 -29.23
C ALA A 73 -51.23 17.75 -29.71
N PHE A 74 -50.78 16.56 -29.34
CA PHE A 74 -49.47 16.06 -29.79
C PHE A 74 -49.55 15.75 -31.28
N THR A 75 -48.86 16.54 -32.09
CA THR A 75 -48.91 16.42 -33.54
C THR A 75 -47.65 15.74 -34.06
N ALA A 76 -47.60 15.54 -35.38
CA ALA A 76 -46.42 14.93 -35.99
C ALA A 76 -45.19 15.79 -35.81
N GLU A 77 -45.35 17.12 -35.90
CA GLU A 77 -44.23 18.01 -35.66
C GLU A 77 -43.69 17.84 -34.25
N GLY A 78 -44.58 17.66 -33.27
CA GLY A 78 -44.14 17.48 -31.90
C GLY A 78 -43.22 16.29 -31.74
N LEU A 79 -43.53 15.18 -32.44
CA LEU A 79 -42.69 13.99 -32.35
C LEU A 79 -41.29 14.28 -32.90
N LEU A 80 -41.21 14.86 -34.09
CA LEU A 80 -39.92 15.14 -34.72
C LEU A 80 -39.16 16.26 -34.04
N PHE A 81 -39.82 17.03 -33.17
CA PHE A 81 -39.12 18.02 -32.36
C PHE A 81 -38.60 17.40 -31.07
N TYR A 82 -39.45 16.60 -30.40
CA TYR A 82 -39.04 15.97 -29.15
C TYR A 82 -37.91 14.99 -29.38
N ILE A 83 -38.00 14.17 -30.43
CA ILE A 83 -36.94 13.19 -30.70
C ILE A 83 -35.62 13.91 -30.95
N GLY A 84 -35.66 14.94 -31.79
CA GLY A 84 -34.43 15.65 -32.11
C GLY A 84 -33.82 16.34 -30.90
N ILE A 85 -34.66 17.01 -30.11
CA ILE A 85 -34.11 17.71 -28.95
C ILE A 85 -33.58 16.73 -27.93
N PHE A 86 -34.24 15.59 -27.75
CA PHE A 86 -33.73 14.58 -26.82
C PHE A 86 -32.40 14.03 -27.31
N PHE A 87 -32.27 13.78 -28.62
CA PHE A 87 -31.00 13.30 -29.14
C PHE A 87 -29.90 14.31 -28.92
N VAL A 88 -30.17 15.59 -29.18
CA VAL A 88 -29.16 16.63 -28.99
C VAL A 88 -28.78 16.73 -27.52
N LEU A 89 -29.78 16.68 -26.63
CA LEU A 89 -29.50 16.73 -25.20
C LEU A 89 -28.62 15.55 -24.78
N THR A 90 -28.93 14.35 -25.27
CA THR A 90 -28.15 13.18 -24.93
C THR A 90 -26.71 13.34 -25.39
N ALA A 91 -26.51 13.74 -26.65
CA ALA A 91 -25.16 13.89 -27.17
C ALA A 91 -24.38 14.93 -26.37
N ALA A 92 -25.00 16.08 -26.09
CA ALA A 92 -24.33 17.14 -25.35
C ALA A 92 -23.93 16.66 -23.97
N VAL A 93 -24.88 16.08 -23.22
CA VAL A 93 -24.55 15.62 -21.87
C VAL A 93 -23.44 14.60 -21.92
N TYR A 94 -23.51 13.66 -22.87
CA TYR A 94 -22.48 12.63 -22.97
C TYR A 94 -21.11 13.26 -23.17
N ILE A 95 -20.98 14.15 -24.14
CA ILE A 95 -19.67 14.68 -24.49
C ILE A 95 -19.11 15.53 -23.35
N MET A 96 -19.90 16.47 -22.84
CA MET A 96 -19.38 17.34 -21.78
C MET A 96 -19.10 16.56 -20.51
N SER A 97 -19.89 15.53 -20.20
CA SER A 97 -19.61 14.71 -19.03
C SER A 97 -18.32 13.93 -19.21
N TYR A 98 -18.12 13.33 -20.37
CA TYR A 98 -16.84 12.69 -20.66
C TYR A 98 -15.70 13.67 -20.42
N PHE A 99 -15.86 14.91 -20.88
CA PHE A 99 -14.77 15.86 -20.81
C PHE A 99 -14.46 16.27 -19.38
N TRP A 100 -15.49 16.58 -18.58
CA TRP A 100 -15.19 17.05 -17.22
C TRP A 100 -14.75 15.89 -16.33
N MET A 101 -15.20 14.67 -16.60
CA MET A 101 -14.67 13.53 -15.87
C MET A 101 -13.23 13.25 -16.27
N HIS A 102 -12.87 13.50 -17.52
CA HIS A 102 -11.48 13.42 -17.94
C HIS A 102 -10.64 14.45 -17.22
N GLN A 103 -11.15 15.68 -17.09
CA GLN A 103 -10.36 16.76 -16.50
C GLN A 103 -10.19 16.57 -15.00
N LEU A 104 -11.28 16.24 -14.29
CA LEU A 104 -11.20 16.10 -12.84
C LEU A 104 -10.38 14.88 -12.44
N PHE A 105 -10.83 13.69 -12.83
CA PHE A 105 -10.12 12.48 -12.48
C PHE A 105 -8.72 12.48 -13.09
N GLY A 106 -8.59 12.97 -14.32
CA GLY A 106 -7.28 13.05 -14.94
C GLY A 106 -6.30 13.86 -14.12
N GLY A 107 -6.80 14.82 -13.34
CA GLY A 107 -5.95 15.58 -12.45
C GLY A 107 -5.56 14.85 -11.18
N ALA A 108 -6.28 13.77 -10.84
CA ALA A 108 -5.91 12.97 -9.68
C ALA A 108 -4.69 12.10 -9.96
N ASN A 109 -4.60 11.56 -11.18
CA ASN A 109 -3.41 10.78 -11.53
C ASN A 109 -2.16 11.63 -11.48
N LEU A 110 -2.26 12.89 -11.91
CA LEU A 110 -1.13 13.80 -11.80
C LEU A 110 -0.72 13.99 -10.35
N MET A 111 -1.68 13.95 -9.42
CA MET A 111 -1.32 13.94 -8.00
C MET A 111 -0.35 12.80 -7.71
N GLU A 112 -0.72 11.58 -8.11
CA GLU A 112 0.13 10.43 -7.82
C GLU A 112 1.50 10.61 -8.47
N LYS A 113 1.52 11.00 -9.74
CA LYS A 113 2.79 11.12 -10.45
C LYS A 113 3.70 12.15 -9.78
N ILE A 114 3.17 13.35 -9.54
CA ILE A 114 3.98 14.43 -8.99
C ILE A 114 4.46 14.07 -7.58
N LEU A 115 3.57 13.53 -6.75
CA LEU A 115 3.96 13.20 -5.38
C LEU A 115 5.00 12.09 -5.37
N ARG A 116 4.85 11.07 -6.22
CA ARG A 116 5.84 10.01 -6.29
C ARG A 116 7.18 10.55 -6.74
N THR A 117 7.19 11.41 -7.75
CA THR A 117 8.44 11.99 -8.23
C THR A 117 9.11 12.81 -7.13
N LYS A 118 8.33 13.64 -6.44
CA LYS A 118 8.90 14.43 -5.35
C LYS A 118 9.46 13.54 -4.25
N LEU A 119 8.72 12.49 -3.88
CA LEU A 119 9.16 11.60 -2.83
C LEU A 119 10.48 10.92 -3.20
N MET A 120 10.56 10.40 -4.42
CA MET A 120 11.78 9.72 -4.83
C MET A 120 12.96 10.69 -4.94
N GLY A 121 12.72 11.88 -5.48
CA GLY A 121 13.79 12.87 -5.56
C GLY A 121 14.25 13.33 -4.19
N HIS A 122 13.36 13.30 -3.21
CA HIS A 122 13.76 13.62 -1.84
C HIS A 122 14.55 12.48 -1.22
N LEU A 123 14.12 11.24 -1.45
CA LEU A 123 14.84 10.10 -0.91
C LEU A 123 16.25 10.01 -1.48
N LEU A 124 16.40 10.31 -2.77
CA LEU A 124 17.70 10.20 -3.41
C LEU A 124 18.71 11.19 -2.85
N THR A 125 18.29 12.21 -2.11
CA THR A 125 19.17 13.20 -1.53
C THR A 125 19.12 13.15 -0.01
N MET A 126 19.01 11.94 0.55
CA MET A 126 18.89 11.75 1.98
C MET A 126 20.03 10.87 2.48
N SER A 127 20.61 11.26 3.61
CA SER A 127 21.78 10.61 4.16
C SER A 127 21.37 9.52 5.14
N PRO A 128 22.32 8.72 5.61
CA PRO A 128 21.98 7.58 6.48
C PRO A 128 21.21 7.99 7.72
N PRO A 129 21.51 9.16 8.32
CA PRO A 129 20.74 9.57 9.50
C PRO A 129 19.24 9.59 9.26
N PHE A 130 18.81 10.01 8.08
CA PHE A 130 17.39 9.93 7.74
C PHE A 130 16.93 8.49 7.71
N TYR A 131 17.73 7.61 7.11
CA TYR A 131 17.32 6.22 6.92
C TYR A 131 17.41 5.41 8.21
N GLU A 132 18.20 5.85 9.18
CA GLU A 132 18.20 5.17 10.48
C GLU A 132 16.84 5.29 11.14
N LYS A 133 16.22 6.47 11.10
CA LYS A 133 14.94 6.69 11.76
C LYS A 133 13.79 6.10 10.96
N ASN A 134 13.85 6.20 9.63
CA ASN A 134 12.75 5.79 8.76
C ASN A 134 13.03 4.41 8.18
N ARG A 135 12.12 3.47 8.45
CA ARG A 135 12.27 2.12 7.92
C ARG A 135 11.97 2.08 6.43
N THR A 136 12.57 1.11 5.74
CA THR A 136 12.39 0.99 4.30
C THR A 136 11.07 0.35 3.92
N GLY A 137 10.32 -0.17 4.89
CA GLY A 137 8.99 -0.66 4.61
C GLY A 137 7.97 0.45 4.74
N ASP A 138 8.19 1.32 5.72
CA ASP A 138 7.31 2.48 5.89
C ASP A 138 7.39 3.41 4.67
N LEU A 139 8.59 3.65 4.17
CA LEU A 139 8.75 4.56 3.04
C LEU A 139 8.04 4.03 1.80
N MET A 140 8.14 2.72 1.55
CA MET A 140 7.47 2.14 0.40
C MET A 140 5.96 2.32 0.50
N ALA A 141 5.40 2.14 1.69
CA ALA A 141 3.98 2.37 1.90
C ALA A 141 3.62 3.84 1.77
N ARG A 142 4.59 4.74 1.87
CA ARG A 142 4.36 6.16 1.70
C ARG A 142 4.41 6.60 0.24
N GLY A 143 4.68 5.69 -0.69
CA GLY A 143 4.77 6.03 -2.09
C GLY A 143 3.89 5.15 -2.97
N THR A 144 3.14 4.23 -2.38
CA THR A 144 2.30 3.33 -3.16
C THR A 144 0.87 3.27 -2.60
N ASN A 145 0.71 3.57 -1.32
CA ASN A 145 -0.60 3.53 -0.67
C ASN A 145 -1.08 4.89 -0.20
N ASP A 146 -0.19 5.69 0.37
CA ASP A 146 -0.57 7.03 0.80
C ASP A 146 -0.99 7.88 -0.39
N LEU A 147 -0.28 7.73 -1.51
CA LEU A 147 -0.66 8.47 -2.71
C LEU A 147 -2.05 8.06 -3.19
N GLN A 148 -2.35 6.77 -3.14
CA GLN A 148 -3.69 6.32 -3.48
C GLN A 148 -4.73 6.98 -2.59
N ALA A 149 -4.44 7.05 -1.28
CA ALA A 149 -5.37 7.75 -0.38
C ALA A 149 -5.48 9.23 -0.74
N VAL A 150 -4.34 9.88 -1.01
CA VAL A 150 -4.36 11.30 -1.33
C VAL A 150 -4.96 11.56 -2.70
N SER A 151 -4.80 10.62 -3.64
CA SER A 151 -5.28 10.83 -5.00
C SER A 151 -6.79 11.05 -5.01
N LEU A 152 -7.53 10.27 -4.24
CA LEU A 152 -8.98 10.36 -4.25
C LEU A 152 -9.48 11.73 -3.83
N THR A 153 -8.69 12.50 -3.08
CA THR A 153 -9.12 13.81 -2.64
C THR A 153 -9.32 14.75 -3.82
N THR A 154 -8.36 14.77 -4.74
CA THR A 154 -8.40 15.69 -5.88
C THR A 154 -9.28 15.21 -7.02
N GLY A 155 -9.64 13.93 -7.03
CA GLY A 155 -10.48 13.37 -8.07
C GLY A 155 -11.91 13.23 -7.59
N PHE A 156 -12.26 12.01 -7.15
CA PHE A 156 -13.60 11.79 -6.63
C PHE A 156 -13.96 12.75 -5.51
N GLY A 157 -12.95 13.21 -4.76
CA GLY A 157 -13.24 14.15 -3.68
C GLY A 157 -13.76 15.48 -4.19
N ILE A 158 -13.11 16.04 -5.21
CA ILE A 158 -13.54 17.33 -5.73
C ILE A 158 -14.87 17.20 -6.47
N LEU A 159 -15.03 16.14 -7.25
CA LEU A 159 -16.30 15.94 -7.96
C LEU A 159 -17.46 15.94 -6.99
N THR A 160 -17.39 15.12 -5.94
CA THR A 160 -18.49 15.04 -4.99
C THR A 160 -18.74 16.39 -4.32
N LEU A 161 -17.68 17.07 -3.91
CA LEU A 161 -17.85 18.36 -3.23
C LEU A 161 -18.70 19.30 -4.07
N VAL A 162 -18.22 19.63 -5.28
CA VAL A 162 -18.90 20.64 -6.08
C VAL A 162 -20.26 20.15 -6.54
N ASP A 163 -20.36 18.88 -6.93
CA ASP A 163 -21.64 18.35 -7.41
C ASP A 163 -22.70 18.44 -6.32
N SER A 164 -22.38 17.96 -5.11
CA SER A 164 -23.33 18.00 -4.02
C SER A 164 -23.63 19.43 -3.59
N THR A 165 -22.62 20.31 -3.62
CA THR A 165 -22.87 21.69 -3.25
C THR A 165 -23.85 22.36 -4.21
N MET A 166 -23.66 22.14 -5.51
CA MET A 166 -24.57 22.72 -6.48
C MET A 166 -25.97 22.13 -6.35
N PHE A 167 -26.06 20.81 -6.14
CA PHE A 167 -27.38 20.19 -5.99
C PHE A 167 -28.09 20.72 -4.75
N MET A 168 -27.37 20.85 -3.64
CA MET A 168 -27.96 21.38 -2.41
C MET A 168 -28.39 22.82 -2.59
N MET A 169 -27.56 23.65 -3.23
CA MET A 169 -27.92 25.04 -3.42
C MET A 169 -29.13 25.17 -4.35
N THR A 170 -29.20 24.32 -5.38
CA THR A 170 -30.36 24.35 -6.26
C THR A 170 -31.63 23.98 -5.50
N ILE A 171 -31.56 22.95 -4.67
CA ILE A 171 -32.74 22.56 -3.90
C ILE A 171 -33.13 23.66 -2.92
N PHE A 172 -32.14 24.28 -2.28
CA PHE A 172 -32.42 25.36 -1.34
C PHE A 172 -33.08 26.55 -2.05
N LEU A 173 -32.57 26.91 -3.23
CA LEU A 173 -33.08 28.09 -3.92
C LEU A 173 -34.47 27.84 -4.50
N THR A 174 -34.65 26.69 -5.16
CA THR A 174 -35.95 26.42 -5.77
C THR A 174 -37.05 26.37 -4.73
N MET A 175 -36.77 25.75 -3.58
CA MET A 175 -37.76 25.70 -2.51
C MET A 175 -38.02 27.07 -1.90
N GLY A 176 -37.10 28.02 -2.08
CA GLY A 176 -37.24 29.33 -1.49
C GLY A 176 -37.93 30.34 -2.38
N PHE A 177 -38.01 30.05 -3.67
CA PHE A 177 -38.68 30.92 -4.63
C PHE A 177 -39.96 30.32 -5.17
N LEU A 178 -40.00 29.02 -5.40
CA LEU A 178 -41.19 28.39 -5.97
C LEU A 178 -42.25 28.12 -4.91
N ILE A 179 -41.86 27.58 -3.76
CA ILE A 179 -42.82 27.13 -2.76
C ILE A 179 -43.04 28.19 -1.70
N SER A 180 -42.02 28.47 -0.90
CA SER A 180 -42.13 29.42 0.20
C SER A 180 -40.77 29.54 0.87
N TRP A 181 -40.68 30.48 1.81
CA TRP A 181 -39.48 30.70 2.59
C TRP A 181 -39.58 30.14 4.00
N LYS A 182 -40.75 30.23 4.64
CA LYS A 182 -40.89 29.70 5.99
C LYS A 182 -40.64 28.21 6.02
N LEU A 183 -41.18 27.46 5.04
CA LEU A 183 -40.95 26.02 5.00
C LEU A 183 -39.49 25.70 4.77
N THR A 184 -38.83 26.44 3.88
CA THR A 184 -37.43 26.16 3.60
C THR A 184 -36.56 26.38 4.83
N PHE A 185 -36.81 27.46 5.58
CA PHE A 185 -36.10 27.67 6.83
C PHE A 185 -36.55 26.70 7.92
N ALA A 186 -37.65 25.97 7.69
CA ALA A 186 -38.12 25.01 8.69
C ALA A 186 -37.38 23.67 8.56
N ALA A 187 -37.29 23.14 7.35
CA ALA A 187 -36.62 21.87 7.12
C ALA A 187 -35.14 22.08 6.83
N ILE A 188 -34.48 22.90 7.66
CA ILE A 188 -33.04 23.09 7.58
C ILE A 188 -32.44 23.05 8.99
N ILE A 189 -33.29 23.17 10.01
CA ILE A 189 -32.78 23.17 11.39
C ILE A 189 -31.96 21.93 11.68
N PRO A 190 -32.32 20.73 11.20
CA PRO A 190 -31.46 19.57 11.44
C PRO A 190 -30.06 19.71 10.85
N LEU A 191 -29.91 20.49 9.78
CA LEU A 191 -28.65 20.47 9.04
C LEU A 191 -27.46 20.90 9.86
N PRO A 192 -27.49 22.00 10.63
CA PRO A 192 -26.33 22.35 11.46
C PRO A 192 -25.89 21.22 12.39
N VAL A 193 -26.83 20.51 13.00
CA VAL A 193 -26.46 19.40 13.88
C VAL A 193 -25.72 18.34 13.10
N MET A 194 -26.20 18.03 11.89
CA MET A 194 -25.51 17.07 11.04
C MET A 194 -24.10 17.54 10.73
N ALA A 195 -23.94 18.84 10.44
CA ALA A 195 -22.61 19.36 10.15
C ALA A 195 -21.67 19.17 11.32
N ILE A 196 -22.12 19.52 12.53
CA ILE A 196 -21.25 19.37 13.70
C ILE A 196 -20.91 17.90 13.93
N ALA A 197 -21.91 17.02 13.85
CA ALA A 197 -21.66 15.61 14.11
C ALA A 197 -20.66 15.04 13.11
N ILE A 198 -20.84 15.36 11.83
CA ILE A 198 -19.94 14.83 10.81
C ILE A 198 -18.55 15.43 10.97
N SER A 199 -18.46 16.69 11.38
CA SER A 199 -17.15 17.28 11.63
C SER A 199 -16.42 16.57 12.74
N LEU A 200 -17.12 16.27 13.84
CA LEU A 200 -16.48 15.54 14.94
C LEU A 200 -16.05 14.14 14.50
N TYR A 201 -16.91 13.45 13.76
CA TYR A 201 -16.55 12.12 13.29
C TYR A 201 -15.33 12.17 12.38
N GLY A 202 -15.25 13.17 11.50
CA GLY A 202 -14.07 13.31 10.67
C GLY A 202 -12.83 13.61 11.46
N SER A 203 -12.94 14.48 12.48
CA SER A 203 -11.79 14.78 13.31
C SER A 203 -11.26 13.53 13.97
N LYS A 204 -12.14 12.66 14.48
CA LYS A 204 -11.67 11.43 15.10
C LYS A 204 -11.12 10.46 14.05
N ILE A 205 -11.78 10.38 12.89
CA ILE A 205 -11.34 9.44 11.87
C ILE A 205 -9.97 9.81 11.34
N HIS A 206 -9.61 11.10 11.38
CA HIS A 206 -8.27 11.48 10.97
C HIS A 206 -7.22 10.77 11.82
N GLU A 207 -7.38 10.83 13.15
CA GLU A 207 -6.44 10.17 14.04
C GLU A 207 -6.50 8.65 13.87
N ARG A 208 -7.71 8.09 13.75
CA ARG A 208 -7.82 6.64 13.61
C ARG A 208 -7.12 6.17 12.34
N PHE A 209 -7.29 6.90 11.23
CA PHE A 209 -6.68 6.49 9.97
C PHE A 209 -5.18 6.73 9.98
N THR A 210 -4.72 7.78 10.67
CA THR A 210 -3.28 7.94 10.83
C THR A 210 -2.68 6.76 11.57
N GLU A 211 -3.35 6.29 12.63
CA GLU A 211 -2.87 5.13 13.35
C GLU A 211 -2.91 3.88 12.48
N ALA A 212 -3.98 3.70 11.70
CA ALA A 212 -4.12 2.50 10.89
C ALA A 212 -3.10 2.47 9.76
N GLN A 213 -2.81 3.62 9.15
CA GLN A 213 -1.90 3.66 8.02
C GLN A 213 -0.49 3.24 8.44
N ASN A 214 -0.04 3.69 9.61
CA ASN A 214 1.28 3.28 10.08
C ASN A 214 1.39 1.78 10.23
N ALA A 215 0.28 1.11 10.56
CA ALA A 215 0.29 -0.34 10.67
C ALA A 215 0.55 -1.00 9.33
N PHE A 216 0.39 -0.27 8.22
CA PHE A 216 0.76 -0.82 6.91
C PHE A 216 2.27 -0.83 6.75
N GLY A 217 2.95 0.22 7.18
CA GLY A 217 4.40 0.24 7.14
C GLY A 217 5.01 -0.85 7.99
N ALA A 218 4.44 -1.09 9.17
CA ALA A 218 4.93 -2.17 10.02
C ALA A 218 4.78 -3.52 9.34
N LEU A 219 3.65 -3.74 8.69
CA LEU A 219 3.45 -5.00 7.95
C LEU A 219 4.46 -5.14 6.83
N ASN A 220 4.70 -4.05 6.08
CA ASN A 220 5.68 -4.10 5.01
C ASN A 220 7.07 -4.43 5.55
N ASP A 221 7.45 -3.81 6.67
CA ASP A 221 8.75 -4.09 7.27
C ASP A 221 8.84 -5.54 7.72
N ARG A 222 7.77 -6.05 8.33
CA ARG A 222 7.77 -7.45 8.76
C ARG A 222 7.93 -8.39 7.58
N VAL A 223 7.24 -8.12 6.48
CA VAL A 223 7.37 -8.97 5.30
C VAL A 223 8.79 -8.89 4.74
N LEU A 224 9.35 -7.68 4.71
CA LEU A 224 10.70 -7.50 4.17
C LEU A 224 11.73 -8.27 5.01
N GLU A 225 11.64 -8.16 6.33
CA GLU A 225 12.60 -8.83 7.19
C GLU A 225 12.53 -10.34 7.04
N SER A 226 11.33 -10.89 6.92
CA SER A 226 11.18 -12.33 6.74
C SER A 226 11.59 -12.80 5.36
N VAL A 227 11.86 -11.88 4.43
CA VAL A 227 12.31 -12.23 3.09
C VAL A 227 13.81 -11.98 2.94
N SER A 228 14.28 -10.81 3.38
CA SER A 228 15.70 -10.50 3.30
C SER A 228 16.53 -11.44 4.17
N GLY A 229 15.94 -11.96 5.24
CA GLY A 229 16.65 -12.85 6.13
C GLY A 229 16.05 -14.24 6.16
N VAL A 230 15.68 -14.75 4.98
CA VAL A 230 15.06 -16.07 4.91
C VAL A 230 16.06 -17.15 5.27
N ARG A 231 17.31 -16.99 4.85
CA ARG A 231 18.33 -18.02 5.12
C ARG A 231 18.52 -18.21 6.62
N VAL A 232 18.62 -17.12 7.37
CA VAL A 232 18.80 -17.22 8.82
C VAL A 232 17.60 -17.92 9.45
N ILE A 233 16.40 -17.52 9.06
CA ILE A 233 15.19 -18.07 9.65
C ILE A 233 15.10 -19.57 9.38
N ARG A 234 15.38 -19.98 8.14
CA ARG A 234 15.23 -21.38 7.78
C ARG A 234 16.34 -22.24 8.39
N ALA A 235 17.56 -21.70 8.46
CA ALA A 235 18.67 -22.47 9.00
C ALA A 235 18.43 -22.84 10.46
N TYR A 236 17.91 -21.91 11.24
CA TYR A 236 17.65 -22.15 12.66
C TYR A 236 16.24 -22.66 12.94
N VAL A 237 15.43 -22.87 11.89
CA VAL A 237 14.10 -23.45 12.07
C VAL A 237 13.23 -22.49 12.86
N GLN A 238 13.14 -21.24 12.40
CA GLN A 238 12.31 -20.23 13.03
C GLN A 238 11.05 -19.93 12.24
N GLU A 239 10.68 -20.79 11.30
CA GLU A 239 9.49 -20.54 10.49
C GLU A 239 8.25 -20.44 11.37
N THR A 240 8.10 -21.35 12.32
CA THR A 240 6.93 -21.32 13.19
C THR A 240 6.90 -20.04 14.01
N ASN A 241 8.04 -19.63 14.56
CA ASN A 241 8.11 -18.38 15.30
C ASN A 241 8.09 -17.16 14.39
N ASP A 242 8.16 -17.35 13.07
CA ASP A 242 8.06 -16.26 12.12
C ASP A 242 6.63 -16.09 11.62
N VAL A 243 5.92 -17.20 11.42
CA VAL A 243 4.51 -17.12 11.03
C VAL A 243 3.68 -16.55 12.16
N ARG A 244 4.00 -16.91 13.41
CA ARG A 244 3.26 -16.38 14.55
C ARG A 244 3.43 -14.87 14.68
N ARG A 245 4.65 -14.37 14.48
CA ARG A 245 4.87 -12.93 14.55
C ARG A 245 4.08 -12.21 13.46
N PHE A 246 4.06 -12.77 12.25
CA PHE A 246 3.31 -12.15 11.17
C PHE A 246 1.82 -12.18 11.48
N ASN A 247 1.32 -13.26 12.06
CA ASN A 247 -0.09 -13.32 12.43
C ASN A 247 -0.42 -12.26 13.48
N GLU A 248 0.48 -12.07 14.46
CA GLU A 248 0.26 -11.01 15.44
C GLU A 248 0.25 -9.64 14.79
N MET A 249 1.15 -9.41 13.83
CA MET A 249 1.16 -8.13 13.12
C MET A 249 -0.13 -7.93 12.34
N THR A 250 -0.62 -8.98 11.68
CA THR A 250 -1.87 -8.87 10.93
C THR A 250 -3.04 -8.59 11.88
N ALA A 251 -3.05 -9.24 13.04
CA ALA A 251 -4.10 -8.97 14.02
C ALA A 251 -4.05 -7.53 14.48
N ASP A 252 -2.85 -7.01 14.73
CA ASP A 252 -2.72 -5.61 15.12
C ASP A 252 -3.24 -4.69 14.02
N VAL A 253 -2.91 -4.99 12.77
CA VAL A 253 -3.39 -4.19 11.65
C VAL A 253 -4.92 -4.21 11.62
N TYR A 254 -5.50 -5.39 11.80
CA TYR A 254 -6.96 -5.52 11.77
C TYR A 254 -7.60 -4.73 12.90
N GLN A 255 -6.98 -4.75 14.09
CA GLN A 255 -7.53 -4.01 15.21
C GLN A 255 -7.58 -2.52 14.92
N LYS A 256 -6.51 -1.97 14.31
CA LYS A 256 -6.49 -0.55 14.00
C LYS A 256 -7.41 -0.20 12.84
N ASN A 257 -7.77 -1.18 12.00
CA ASN A 257 -8.75 -0.93 10.96
C ASN A 257 -10.15 -0.82 11.54
N MET A 258 -10.46 -1.66 12.53
CA MET A 258 -11.78 -1.61 13.16
C MET A 258 -11.97 -0.31 13.93
N LYS A 259 -10.92 0.22 14.54
CA LYS A 259 -11.04 1.51 15.20
C LYS A 259 -11.42 2.62 14.23
N VAL A 260 -11.17 2.43 12.94
CA VAL A 260 -11.64 3.36 11.93
C VAL A 260 -13.06 3.03 11.49
N ALA A 261 -13.41 1.74 11.44
CA ALA A 261 -14.76 1.33 11.06
C ALA A 261 -15.79 1.84 12.06
N PHE A 262 -15.45 1.79 13.36
CA PHE A 262 -16.39 2.19 14.39
C PHE A 262 -16.83 3.64 14.23
N ILE A 263 -16.03 4.46 13.54
CA ILE A 263 -16.37 5.85 13.29
C ILE A 263 -16.89 6.04 11.87
N ASP A 264 -16.36 5.29 10.91
CA ASP A 264 -16.81 5.40 9.53
C ASP A 264 -18.28 5.01 9.41
N SER A 265 -18.70 3.99 10.15
CA SER A 265 -20.08 3.53 10.08
C SER A 265 -21.07 4.54 10.63
N LEU A 266 -20.60 5.59 11.32
CA LEU A 266 -21.48 6.60 11.88
C LEU A 266 -21.88 7.68 10.88
N PHE A 267 -21.26 7.72 9.71
CA PHE A 267 -21.55 8.78 8.76
C PHE A 267 -22.90 8.58 8.07
N GLU A 268 -23.26 7.35 7.78
CA GLU A 268 -24.50 7.08 7.07
C GLU A 268 -25.71 7.19 8.00
N PRO A 269 -25.71 6.49 9.15
CA PRO A 269 -26.88 6.58 10.03
C PRO A 269 -27.17 8.00 10.50
N THR A 270 -26.14 8.80 10.77
CA THR A 270 -26.36 10.17 11.21
C THR A 270 -27.05 10.98 10.11
N VAL A 271 -26.57 10.84 8.87
CA VAL A 271 -27.16 11.58 7.77
C VAL A 271 -28.61 11.14 7.57
N LYS A 272 -28.86 9.83 7.60
CA LYS A 272 -30.22 9.35 7.39
C LYS A 272 -31.16 9.83 8.49
N LEU A 273 -30.71 9.79 9.74
CA LEU A 273 -31.55 10.25 10.83
C LEU A 273 -31.83 11.75 10.73
N LEU A 274 -30.81 12.55 10.46
CA LEU A 274 -30.98 13.99 10.45
C LEU A 274 -31.56 14.51 9.14
N VAL A 275 -31.75 13.65 8.15
CA VAL A 275 -32.58 13.98 7.00
C VAL A 275 -34.02 13.55 7.25
N GLY A 276 -34.22 12.39 7.87
CA GLY A 276 -35.56 11.98 8.23
C GLY A 276 -36.22 12.96 9.18
N ALA A 277 -35.44 13.53 10.10
CA ALA A 277 -35.98 14.59 10.96
C ALA A 277 -36.38 15.81 10.13
N SER A 278 -35.59 16.14 9.11
CA SER A 278 -35.95 17.25 8.23
C SER A 278 -37.24 16.94 7.48
N TYR A 279 -37.41 15.69 7.04
CA TYR A 279 -38.64 15.32 6.33
C TYR A 279 -39.87 15.51 7.21
N LEU A 280 -39.80 15.04 8.46
CA LEU A 280 -40.93 15.19 9.36
C LEU A 280 -41.20 16.66 9.67
N ILE A 281 -40.14 17.44 9.91
CA ILE A 281 -40.35 18.86 10.20
C ILE A 281 -41.02 19.54 9.02
N GLY A 282 -40.54 19.26 7.81
CA GLY A 282 -41.12 19.88 6.63
C GLY A 282 -42.58 19.50 6.44
N LEU A 283 -42.88 18.21 6.57
CA LEU A 283 -44.27 17.77 6.39
C LEU A 283 -45.18 18.38 7.45
N GLY A 284 -44.74 18.39 8.71
CA GLY A 284 -45.56 18.96 9.76
C GLY A 284 -45.81 20.45 9.57
N TYR A 285 -44.76 21.20 9.25
CA TYR A 285 -44.92 22.63 9.05
C TYR A 285 -45.80 22.90 7.83
N GLY A 286 -45.65 22.12 6.77
CA GLY A 286 -46.50 22.30 5.61
C GLY A 286 -47.97 22.02 5.92
N ALA A 287 -48.23 20.95 6.67
CA ALA A 287 -49.61 20.66 7.05
C ALA A 287 -50.19 21.77 7.91
N PHE A 288 -49.41 22.27 8.87
CA PHE A 288 -49.90 23.36 9.71
C PHE A 288 -50.18 24.61 8.88
N LEU A 289 -49.29 24.94 7.95
CA LEU A 289 -49.52 26.11 7.11
C LEU A 289 -50.74 25.94 6.23
N VAL A 290 -50.95 24.73 5.69
CA VAL A 290 -52.15 24.47 4.90
C VAL A 290 -53.39 24.65 5.76
N PHE A 291 -53.37 24.15 6.99
CA PHE A 291 -54.52 24.28 7.87
C PHE A 291 -54.80 25.75 8.16
N ARG A 292 -53.76 26.54 8.40
CA ARG A 292 -53.91 27.98 8.59
C ARG A 292 -54.15 28.72 7.28
N ASN A 293 -54.11 28.03 6.14
CA ASN A 293 -54.36 28.62 4.83
C ASN A 293 -53.24 29.59 4.41
N GLU A 294 -51.99 29.12 4.48
CA GLU A 294 -50.87 29.80 3.85
C GLU A 294 -50.42 29.15 2.55
N LEU A 295 -50.74 27.89 2.33
CA LEU A 295 -50.35 27.17 1.12
C LEU A 295 -51.56 26.93 0.23
N THR A 296 -51.30 26.47 -0.99
CA THR A 296 -52.33 26.28 -2.00
C THR A 296 -52.62 24.81 -2.28
N LEU A 297 -52.13 23.89 -1.44
CA LEU A 297 -52.36 22.46 -1.54
C LEU A 297 -51.68 21.84 -2.75
N GLY A 298 -51.05 22.63 -3.62
CA GLY A 298 -50.24 22.10 -4.69
C GLY A 298 -48.80 22.47 -4.44
N GLU A 299 -48.59 23.50 -3.62
CA GLU A 299 -47.24 23.84 -3.18
C GLU A 299 -46.69 22.78 -2.24
N LEU A 300 -47.56 22.15 -1.44
CA LEU A 300 -47.07 21.18 -0.47
C LEU A 300 -46.61 19.89 -1.14
N VAL A 301 -47.30 19.46 -2.20
CA VAL A 301 -46.89 18.25 -2.89
C VAL A 301 -45.53 18.46 -3.54
N SER A 302 -45.35 19.60 -4.23
CA SER A 302 -44.07 19.91 -4.82
C SER A 302 -42.99 20.04 -3.75
N PHE A 303 -43.35 20.61 -2.59
CA PHE A 303 -42.40 20.76 -1.51
C PHE A 303 -41.96 19.40 -0.97
N ASN A 304 -42.90 18.46 -0.85
CA ASN A 304 -42.54 17.11 -0.42
C ASN A 304 -41.62 16.45 -1.45
N VAL A 305 -41.93 16.63 -2.73
CA VAL A 305 -41.05 16.09 -3.77
C VAL A 305 -39.65 16.67 -3.63
N TYR A 306 -39.55 17.98 -3.40
CA TYR A 306 -38.24 18.61 -3.25
C TYR A 306 -37.52 18.07 -2.02
N LEU A 307 -38.24 17.88 -0.91
CA LEU A 307 -37.62 17.33 0.28
C LEU A 307 -37.04 15.95 0.01
N GLY A 308 -37.79 15.12 -0.73
CA GLY A 308 -37.29 13.79 -1.04
C GLY A 308 -35.93 13.82 -1.72
N MET A 309 -35.65 14.87 -2.48
CA MET A 309 -34.38 14.94 -3.21
C MET A 309 -33.21 15.26 -2.28
N MET A 310 -33.48 15.92 -1.16
CA MET A 310 -32.40 16.43 -0.33
C MET A 310 -31.49 15.32 0.19
N ILE A 311 -31.99 14.09 0.27
CA ILE A 311 -31.21 13.02 0.90
C ILE A 311 -29.86 12.85 0.21
N TRP A 312 -29.87 12.80 -1.13
CA TRP A 312 -28.65 12.45 -1.85
C TRP A 312 -27.49 13.39 -1.58
N PRO A 313 -27.64 14.71 -1.64
CA PRO A 313 -26.49 15.58 -1.33
C PRO A 313 -25.95 15.37 0.08
N MET A 314 -26.78 14.95 1.02
CA MET A 314 -26.30 14.74 2.39
C MET A 314 -25.44 13.49 2.47
N PHE A 315 -25.85 12.40 1.82
CA PHE A 315 -24.99 11.24 1.73
C PHE A 315 -23.69 11.61 1.01
N ALA A 316 -23.80 12.46 0.00
CA ALA A 316 -22.61 12.89 -0.74
C ALA A 316 -21.64 13.64 0.17
N ILE A 317 -22.15 14.57 0.98
CA ILE A 317 -21.27 15.35 1.86
C ILE A 317 -20.69 14.46 2.95
N GLY A 318 -21.47 13.50 3.44
CA GLY A 318 -20.91 12.54 4.40
C GLY A 318 -19.77 11.75 3.81
N GLU A 319 -19.96 11.23 2.60
CA GLU A 319 -18.88 10.47 1.95
C GLU A 319 -17.68 11.38 1.68
N LEU A 320 -17.93 12.63 1.30
CA LEU A 320 -16.85 13.59 1.09
C LEU A 320 -16.03 13.77 2.36
N ILE A 321 -16.68 14.05 3.47
CA ILE A 321 -15.97 14.26 4.72
C ILE A 321 -15.20 13.01 5.11
N ASN A 322 -15.79 11.82 4.85
CA ASN A 322 -15.06 10.59 5.12
C ASN A 322 -13.80 10.50 4.26
N VAL A 323 -13.90 10.84 2.98
CA VAL A 323 -12.76 10.70 2.07
C VAL A 323 -11.69 11.75 2.38
N MET A 324 -12.12 12.99 2.67
CA MET A 324 -11.14 14.06 2.85
C MET A 324 -10.20 13.74 4.00
N GLN A 325 -10.73 13.24 5.12
CA GLN A 325 -9.88 12.88 6.24
C GLN A 325 -9.00 11.69 5.92
N ARG A 326 -9.51 10.74 5.12
CA ARG A 326 -8.68 9.61 4.72
C ARG A 326 -7.46 10.07 3.94
N GLY A 327 -7.59 11.16 3.18
CA GLY A 327 -6.47 11.69 2.42
C GLY A 327 -5.66 12.70 3.20
N ASN A 328 -6.24 13.25 4.28
CA ASN A 328 -5.52 14.21 5.08
C ASN A 328 -4.38 13.55 5.87
N ALA A 329 -4.63 12.36 6.41
CA ALA A 329 -3.60 11.65 7.15
C ALA A 329 -2.45 11.23 6.24
N SER A 330 -2.78 10.65 5.08
CA SER A 330 -1.75 10.22 4.16
C SER A 330 -0.93 11.40 3.65
N LEU A 331 -1.60 12.50 3.33
CA LEU A 331 -0.88 13.70 2.91
C LEU A 331 0.00 14.22 4.04
N ASP A 332 -0.49 14.12 5.28
CA ASP A 332 0.33 14.54 6.41
C ASP A 332 1.60 13.69 6.53
N ARG A 333 1.47 12.38 6.35
CA ARG A 333 2.65 11.52 6.41
C ARG A 333 3.61 11.83 5.27
N VAL A 334 3.08 12.04 4.06
CA VAL A 334 3.94 12.35 2.93
C VAL A 334 4.67 13.66 3.15
N ASN A 335 3.97 14.67 3.67
CA ASN A 335 4.61 15.94 3.98
C ASN A 335 5.65 15.79 5.07
N GLU A 336 5.38 14.94 6.07
CA GLU A 336 6.37 14.69 7.10
C GLU A 336 7.64 14.11 6.51
N THR A 337 7.50 13.17 5.57
CA THR A 337 8.66 12.64 4.88
C THR A 337 9.37 13.71 4.07
N LEU A 338 8.60 14.55 3.36
CA LEU A 338 9.17 15.52 2.43
C LEU A 338 9.68 16.78 3.12
N SER A 339 9.47 16.94 4.42
CA SER A 339 9.93 18.11 5.15
C SER A 339 11.12 17.81 6.03
N TYR A 340 11.90 16.78 5.69
CA TYR A 340 13.09 16.41 6.43
C TYR A 340 14.28 17.16 5.82
N GLU A 341 14.78 18.16 6.52
CA GLU A 341 15.89 18.95 6.00
C GLU A 341 17.13 18.09 5.87
N THR A 342 17.93 18.37 4.85
CA THR A 342 19.12 17.57 4.58
C THR A 342 20.08 17.62 5.75
N ASP A 343 20.65 16.46 6.06
CA ASP A 343 21.62 16.38 7.15
C ASP A 343 22.94 17.03 6.76
N VAL A 344 23.42 16.77 5.55
CA VAL A 344 24.63 17.37 5.02
C VAL A 344 24.22 18.33 3.92
N THR A 345 24.61 19.59 4.04
CA THR A 345 24.15 20.65 3.16
C THR A 345 25.24 21.00 2.15
N ASP A 346 24.86 21.01 0.88
CA ASP A 346 25.77 21.47 -0.16
C ASP A 346 26.07 22.96 0.06
N PRO A 347 27.33 23.38 0.09
CA PRO A 347 27.62 24.78 0.41
C PRO A 347 27.00 25.73 -0.59
N LYS A 348 26.53 26.87 -0.08
CA LYS A 348 25.92 27.88 -0.94
C LYS A 348 26.97 28.65 -1.74
N GLN A 349 28.13 28.90 -1.15
CA GLN A 349 29.25 29.55 -1.85
C GLN A 349 30.43 28.59 -1.82
N PRO A 350 30.58 27.72 -2.80
CA PRO A 350 31.64 26.70 -2.75
C PRO A 350 33.02 27.27 -3.04
N ALA A 351 34.00 26.40 -2.95
CA ALA A 351 35.38 26.70 -3.32
C ALA A 351 35.68 26.12 -4.69
N ASP A 352 36.53 26.83 -5.44
CA ASP A 352 36.86 26.43 -6.79
C ASP A 352 38.01 25.43 -6.85
N LEU A 353 38.28 24.73 -5.76
CA LEU A 353 39.35 23.74 -5.76
C LEU A 353 39.07 22.65 -6.77
N LYS A 354 40.11 22.27 -7.51
CA LYS A 354 39.99 21.27 -8.57
C LYS A 354 40.43 19.88 -8.14
N GLU A 355 41.53 19.76 -7.40
CA GLU A 355 42.04 18.48 -6.97
C GLU A 355 42.44 18.55 -5.50
N PRO A 356 42.35 17.44 -4.77
CA PRO A 356 42.74 17.46 -3.36
C PRO A 356 44.23 17.18 -3.16
N GLY A 357 44.94 18.09 -2.52
CA GLY A 357 46.37 17.92 -2.33
C GLY A 357 46.73 17.27 -1.01
N ASP A 358 46.24 17.83 0.10
CA ASP A 358 46.54 17.34 1.44
C ASP A 358 45.25 17.17 2.21
N ILE A 359 45.07 15.99 2.80
CA ILE A 359 43.94 15.71 3.67
C ILE A 359 44.48 15.68 5.09
N VAL A 360 44.30 16.77 5.82
CA VAL A 360 44.83 16.91 7.18
C VAL A 360 43.65 16.99 8.14
N PHE A 361 43.55 16.02 9.04
CA PHE A 361 42.59 16.08 10.13
C PHE A 361 43.19 16.90 11.27
N SER A 362 42.36 17.70 11.92
CA SER A 362 42.82 18.58 12.99
C SER A 362 41.79 18.57 14.11
N HIS A 363 42.10 17.84 15.19
CA HIS A 363 41.25 17.80 16.39
C HIS A 363 39.81 17.44 16.03
N VAL A 364 39.66 16.36 15.27
CA VAL A 364 38.34 15.91 14.83
C VAL A 364 37.69 15.11 15.95
N SER A 365 36.50 15.53 16.36
CA SER A 365 35.69 14.81 17.33
C SER A 365 34.31 14.62 16.73
N PHE A 366 33.92 13.37 16.51
CA PHE A 366 32.67 13.03 15.84
C PHE A 366 31.95 11.96 16.64
N THR A 367 30.67 12.21 16.93
CA THR A 367 29.82 11.25 17.63
C THR A 367 28.58 10.98 16.80
N TYR A 368 28.26 9.71 16.61
CA TYR A 368 27.14 9.35 15.77
C TYR A 368 25.84 9.85 16.39
N PRO A 369 24.80 10.07 15.58
CA PRO A 369 23.56 10.63 16.14
C PRO A 369 22.97 9.79 17.26
N SER A 370 22.86 8.48 17.06
CA SER A 370 22.20 7.62 18.04
C SER A 370 23.13 7.21 19.18
N SER A 371 24.40 7.58 19.13
CA SER A 371 25.34 7.20 20.17
C SER A 371 25.44 8.29 21.24
N THR A 372 26.11 7.95 22.34
CA THR A 372 26.36 8.89 23.42
C THR A 372 27.83 9.01 23.78
N SER A 373 28.70 8.15 23.24
CA SER A 373 30.13 8.20 23.50
C SER A 373 30.87 8.64 22.25
N ASP A 374 31.87 9.50 22.43
CA ASP A 374 32.64 10.02 21.31
C ASP A 374 33.26 8.89 20.51
N ASN A 375 32.81 8.71 19.28
CA ASN A 375 33.36 7.67 18.41
C ASN A 375 34.72 8.06 17.85
N LEU A 376 34.93 9.33 17.57
CA LEU A 376 36.24 9.87 17.23
C LEU A 376 36.59 10.94 18.26
N GLN A 377 37.83 10.92 18.73
CA GLN A 377 38.26 11.79 19.82
C GLN A 377 39.64 12.35 19.49
N ASP A 378 39.69 13.64 19.19
CA ASP A 378 40.94 14.37 18.97
C ASP A 378 41.85 13.61 18.01
N ILE A 379 41.38 13.49 16.77
CA ILE A 379 42.12 12.83 15.71
C ILE A 379 42.82 13.90 14.88
N SER A 380 44.11 13.70 14.62
CA SER A 380 44.89 14.64 13.83
C SER A 380 45.98 13.88 13.09
N PHE A 381 45.87 13.81 11.77
CA PHE A 381 46.90 13.20 10.94
C PHE A 381 46.84 13.83 9.56
N THR A 382 47.93 13.69 8.82
CA THR A 382 48.08 14.31 7.51
C THR A 382 48.31 13.23 6.45
N VAL A 383 47.58 13.33 5.35
CA VAL A 383 47.76 12.46 4.20
C VAL A 383 48.23 13.33 3.04
N ARG A 384 49.52 13.24 2.70
CA ARG A 384 50.07 14.05 1.63
C ARG A 384 49.71 13.45 0.27
N LYS A 385 49.75 14.29 -0.75
CA LYS A 385 49.36 13.87 -2.08
C LYS A 385 50.21 12.68 -2.53
N GLY A 386 49.53 11.62 -2.96
CA GLY A 386 50.19 10.43 -3.44
C GLY A 386 50.52 9.40 -2.38
N GLN A 387 50.45 9.76 -1.11
CA GLN A 387 50.74 8.82 -0.05
C GLN A 387 49.61 7.81 0.09
N THR A 388 49.98 6.58 0.48
CA THR A 388 49.03 5.53 0.78
C THR A 388 49.01 5.35 2.29
N VAL A 389 47.82 5.49 2.88
CA VAL A 389 47.64 5.47 4.33
C VAL A 389 46.89 4.21 4.71
N GLY A 390 47.41 3.49 5.69
CA GLY A 390 46.78 2.28 6.21
C GLY A 390 46.22 2.54 7.59
N ILE A 391 45.06 1.96 7.88
CA ILE A 391 44.41 2.09 9.17
C ILE A 391 44.07 0.69 9.67
N ALA A 392 44.57 0.34 10.86
CA ALA A 392 44.34 -0.96 11.45
C ALA A 392 43.91 -0.80 12.90
N GLY A 393 43.28 -1.82 13.44
CA GLY A 393 42.85 -1.80 14.82
C GLY A 393 41.80 -2.86 15.07
N LYS A 394 41.67 -3.21 16.35
CA LYS A 394 40.71 -4.24 16.72
C LYS A 394 39.29 -3.81 16.37
N THR A 395 38.37 -4.76 16.43
CA THR A 395 37.00 -4.52 15.97
C THR A 395 36.37 -3.39 16.78
N GLY A 396 35.56 -2.58 16.08
CA GLY A 396 34.88 -1.48 16.74
C GLY A 396 35.82 -0.43 17.30
N SER A 397 36.83 -0.04 16.53
CA SER A 397 37.80 0.96 16.97
C SER A 397 37.54 2.33 16.37
N GLY A 398 37.07 2.39 15.12
CA GLY A 398 36.80 3.67 14.47
C GLY A 398 37.44 3.79 13.10
N LYS A 399 37.87 2.66 12.53
CA LYS A 399 38.54 2.70 11.23
C LYS A 399 37.62 3.25 10.14
N THR A 400 36.43 2.67 10.01
CA THR A 400 35.50 3.12 8.97
C THR A 400 34.92 4.48 9.26
N THR A 401 35.00 4.95 10.51
CA THR A 401 34.46 6.26 10.84
C THR A 401 35.24 7.36 10.13
N ILE A 402 36.56 7.20 10.01
CA ILE A 402 37.37 8.19 9.30
C ILE A 402 36.98 8.22 7.82
N ILE A 403 36.83 7.04 7.22
CA ILE A 403 36.42 6.97 5.82
C ILE A 403 35.06 7.64 5.64
N LYS A 404 34.15 7.45 6.59
CA LYS A 404 32.84 8.08 6.49
C LYS A 404 32.95 9.60 6.70
N GLN A 405 33.88 10.05 7.54
CA GLN A 405 34.14 11.48 7.63
C GLN A 405 34.52 12.03 6.27
N LEU A 406 35.36 11.31 5.54
CA LEU A 406 35.72 11.74 4.19
C LEU A 406 34.51 11.69 3.26
N LEU A 407 33.67 10.66 3.39
CA LEU A 407 32.55 10.49 2.47
C LEU A 407 31.43 11.50 2.69
N ARG A 408 31.41 12.16 3.85
CA ARG A 408 30.34 13.11 4.19
C ARG A 408 28.97 12.44 4.13
N GLN A 409 28.80 11.45 5.00
CA GLN A 409 27.51 10.78 5.18
C GLN A 409 26.75 11.31 6.39
N TYR A 410 27.44 11.82 7.39
CA TYR A 410 26.84 12.34 8.61
C TYR A 410 27.22 13.80 8.78
N PRO A 411 26.47 14.55 9.58
CA PRO A 411 26.78 15.96 9.78
C PRO A 411 28.20 16.13 10.29
N PRO A 412 28.91 17.16 9.83
CA PRO A 412 30.31 17.31 10.27
C PRO A 412 30.41 17.42 11.78
N GLY A 413 31.43 16.78 12.33
CA GLY A 413 31.71 16.85 13.75
C GLY A 413 32.47 18.12 14.10
N GLU A 414 33.31 18.02 15.11
CA GLU A 414 34.14 19.15 15.53
C GLU A 414 35.43 19.15 14.70
N GLY A 415 36.40 19.97 15.10
CA GLY A 415 37.65 20.01 14.38
C GLY A 415 37.46 20.48 12.96
N SER A 416 38.32 19.98 12.06
CA SER A 416 38.26 20.37 10.67
C SER A 416 38.96 19.32 9.83
N ILE A 417 38.50 19.20 8.57
CA ILE A 417 39.13 18.34 7.56
C ILE A 417 39.34 19.21 6.33
N THR A 418 40.58 19.60 6.09
CA THR A 418 40.91 20.54 5.03
C THR A 418 41.50 19.80 3.83
N PHE A 419 40.93 20.03 2.66
CA PHE A 419 41.42 19.46 1.40
C PHE A 419 42.30 20.53 0.74
N SER A 420 43.60 20.52 1.08
CA SER A 420 44.55 21.48 0.55
C SER A 420 44.33 22.87 1.13
N GLY A 421 43.94 22.93 2.40
CA GLY A 421 43.71 24.17 3.09
C GLY A 421 42.29 24.71 3.03
N VAL A 422 41.42 24.05 2.28
CA VAL A 422 40.01 24.44 2.18
C VAL A 422 39.19 23.42 2.96
N PRO A 423 38.36 23.85 3.91
CA PRO A 423 37.58 22.87 4.69
C PRO A 423 36.68 22.03 3.80
N ILE A 424 36.42 20.80 4.24
CA ILE A 424 35.62 19.88 3.45
C ILE A 424 34.22 20.42 3.22
N GLN A 425 33.71 21.24 4.15
CA GLN A 425 32.35 21.76 4.01
C GLN A 425 32.22 22.62 2.77
N GLN A 426 33.20 23.48 2.50
CA GLN A 426 33.13 24.39 1.35
C GLN A 426 33.58 23.70 0.08
N ILE A 427 33.00 22.54 -0.22
CA ILE A 427 33.28 21.82 -1.45
C ILE A 427 31.99 21.14 -1.89
N PRO A 428 31.51 21.37 -3.12
CA PRO A 428 30.25 20.74 -3.54
C PRO A 428 30.34 19.23 -3.46
N LEU A 429 29.23 18.60 -3.05
CA LEU A 429 29.24 17.16 -2.83
C LEU A 429 29.53 16.40 -4.13
N ASP A 430 29.10 16.92 -5.27
CA ASP A 430 29.31 16.22 -6.53
C ASP A 430 30.80 16.08 -6.83
N ARG A 431 31.55 17.18 -6.71
CA ARG A 431 32.98 17.14 -6.98
C ARG A 431 33.70 16.21 -6.01
N LEU A 432 33.38 16.33 -4.72
CA LEU A 432 34.02 15.49 -3.72
C LEU A 432 33.74 14.02 -3.97
N ARG A 433 32.50 13.68 -4.31
CA ARG A 433 32.16 12.30 -4.60
C ARG A 433 32.86 11.81 -5.86
N GLY A 434 33.00 12.66 -6.86
CA GLY A 434 33.77 12.30 -8.03
C GLY A 434 35.22 12.02 -7.70
N TRP A 435 35.78 12.75 -6.73
CA TRP A 435 37.16 12.50 -6.31
C TRP A 435 37.31 11.11 -5.69
N ILE A 436 36.35 10.71 -4.86
CA ILE A 436 36.51 9.55 -3.99
C ILE A 436 35.90 8.33 -4.65
N GLY A 437 36.68 7.24 -4.72
CA GLY A 437 36.18 5.96 -5.16
C GLY A 437 36.07 5.00 -3.99
N TYR A 438 34.83 4.69 -3.60
CA TYR A 438 34.56 4.01 -2.34
C TYR A 438 34.29 2.52 -2.56
N VAL A 439 34.87 1.70 -1.71
CA VAL A 439 34.62 0.27 -1.67
C VAL A 439 34.05 -0.08 -0.31
N PRO A 440 32.73 -0.27 -0.20
CA PRO A 440 32.14 -0.51 1.12
C PRO A 440 32.62 -1.82 1.73
N GLN A 441 32.68 -1.83 3.06
CA GLN A 441 33.02 -3.07 3.77
C GLN A 441 31.90 -4.10 3.64
N ASP A 442 30.65 -3.66 3.57
CA ASP A 442 29.52 -4.54 3.32
C ASP A 442 29.19 -4.47 1.83
N HIS A 443 29.20 -5.62 1.17
CA HIS A 443 29.01 -5.66 -0.28
C HIS A 443 27.64 -5.10 -0.65
N LEU A 444 27.63 -4.26 -1.68
CA LEU A 444 26.40 -3.64 -2.17
C LEU A 444 26.37 -3.78 -3.69
N LEU A 445 25.46 -4.60 -4.19
CA LEU A 445 25.31 -4.83 -5.62
C LEU A 445 23.83 -4.89 -5.97
N PHE A 446 23.53 -4.61 -7.23
CA PHE A 446 22.17 -4.58 -7.73
C PHE A 446 21.94 -5.73 -8.70
N SER A 447 20.66 -5.95 -9.04
CA SER A 447 20.25 -7.08 -9.87
C SER A 447 20.45 -6.71 -11.34
N ARG A 448 21.70 -6.77 -11.78
CA ARG A 448 22.07 -6.46 -13.15
C ARG A 448 23.17 -7.43 -13.59
N THR A 449 23.63 -7.25 -14.82
CA THR A 449 24.79 -7.98 -15.29
C THR A 449 26.05 -7.45 -14.60
N VAL A 450 27.09 -8.27 -14.61
CA VAL A 450 28.34 -7.88 -13.98
C VAL A 450 28.87 -6.59 -14.60
N LYS A 451 28.77 -6.47 -15.92
CA LYS A 451 29.25 -5.25 -16.58
C LYS A 451 28.46 -4.04 -16.12
N GLU A 452 27.14 -4.19 -15.96
CA GLU A 452 26.33 -3.06 -15.52
C GLU A 452 26.77 -2.57 -14.15
N ASN A 453 27.03 -3.48 -13.22
CA ASN A 453 27.53 -3.08 -11.92
C ASN A 453 28.90 -2.43 -12.03
N ILE A 454 29.79 -3.00 -12.84
CA ILE A 454 31.14 -2.45 -12.96
C ILE A 454 31.11 -1.07 -13.58
N LEU A 455 30.08 -0.78 -14.39
CA LEU A 455 30.00 0.51 -15.08
C LEU A 455 29.45 1.62 -14.19
N TYR A 456 29.03 1.32 -12.96
CA TYR A 456 28.54 2.36 -12.08
C TYR A 456 29.59 3.46 -11.89
N GLY A 457 30.86 3.07 -11.85
CA GLY A 457 31.92 4.07 -11.68
C GLY A 457 32.02 5.00 -12.86
N LYS A 458 31.77 4.50 -14.06
CA LYS A 458 31.89 5.30 -15.28
C LYS A 458 30.88 4.73 -16.28
N GLN A 459 29.71 5.37 -16.36
CA GLN A 459 28.64 4.86 -17.22
C GLN A 459 29.07 4.88 -18.69
N ASP A 460 29.71 5.96 -19.12
CA ASP A 460 30.13 6.11 -20.52
C ASP A 460 31.55 5.57 -20.70
N ALA A 461 31.69 4.26 -20.50
CA ALA A 461 32.97 3.59 -20.50
C ALA A 461 33.00 2.51 -21.58
N THR A 462 34.10 2.46 -22.32
CA THR A 462 34.29 1.44 -23.33
C THR A 462 34.57 0.09 -22.67
N ASP A 463 34.29 -0.98 -23.43
CA ASP A 463 34.50 -2.33 -22.89
C ASP A 463 35.95 -2.56 -22.49
N LYS A 464 36.90 -1.91 -23.16
CA LYS A 464 38.30 -2.10 -22.82
C LYS A 464 38.61 -1.59 -21.42
N GLU A 465 37.99 -0.46 -21.03
CA GLU A 465 38.19 0.05 -19.68
C GLU A 465 37.65 -0.94 -18.64
N VAL A 466 36.49 -1.54 -18.92
CA VAL A 466 35.94 -2.54 -18.01
C VAL A 466 36.87 -3.74 -17.91
N GLN A 467 37.41 -4.18 -19.05
CA GLN A 467 38.34 -5.30 -19.04
C GLN A 467 39.60 -4.97 -18.23
N GLN A 468 40.11 -3.75 -18.38
CA GLN A 468 41.29 -3.36 -17.60
C GLN A 468 40.99 -3.34 -16.11
N ALA A 469 39.84 -2.79 -15.73
CA ALA A 469 39.48 -2.77 -14.32
C ALA A 469 39.33 -4.18 -13.77
N ILE A 470 38.72 -5.07 -14.56
CA ILE A 470 38.56 -6.46 -14.14
C ILE A 470 39.93 -7.12 -13.97
N ALA A 471 40.82 -6.94 -14.94
CA ALA A 471 42.14 -7.54 -14.86
C ALA A 471 42.97 -6.96 -13.73
N GLU A 472 42.67 -5.75 -13.28
CA GLU A 472 43.35 -5.17 -12.13
C GLU A 472 42.76 -5.63 -10.81
N ALA A 473 41.71 -6.44 -10.83
CA ALA A 473 41.12 -7.01 -9.63
C ALA A 473 41.22 -8.52 -9.59
N HIS A 474 41.98 -9.12 -10.51
CA HIS A 474 42.18 -10.57 -10.55
C HIS A 474 40.84 -11.30 -10.67
N PHE A 475 40.15 -11.04 -11.79
CA PHE A 475 38.80 -11.55 -12.00
C PHE A 475 38.59 -12.14 -13.38
N GLU A 476 39.62 -12.19 -14.23
CA GLU A 476 39.46 -12.77 -15.56
C GLU A 476 39.16 -14.26 -15.47
N LYS A 477 39.83 -14.98 -14.56
CA LYS A 477 39.58 -16.41 -14.43
C LYS A 477 38.13 -16.68 -14.07
N ASP A 478 37.58 -15.88 -13.16
CA ASP A 478 36.17 -16.02 -12.82
C ASP A 478 35.27 -15.76 -14.02
N LEU A 479 35.61 -14.74 -14.81
CA LEU A 479 34.83 -14.44 -16.00
C LEU A 479 34.81 -15.63 -16.94
N HIS A 480 35.96 -16.27 -17.13
CA HIS A 480 35.99 -17.50 -17.92
C HIS A 480 35.12 -18.58 -17.28
N MET A 481 35.19 -18.70 -15.95
CA MET A 481 34.45 -19.75 -15.27
C MET A 481 32.95 -19.50 -15.32
N LEU A 482 32.52 -18.24 -15.28
CA LEU A 482 31.12 -17.92 -15.17
C LEU A 482 30.36 -18.36 -16.44
N PRO A 483 29.05 -18.58 -16.33
CA PRO A 483 28.30 -19.10 -17.48
C PRO A 483 28.28 -18.16 -18.67
N SER A 484 27.82 -16.93 -18.46
CA SER A 484 27.68 -15.95 -19.53
C SER A 484 28.78 -14.89 -19.50
N GLY A 485 29.78 -15.06 -18.65
CA GLY A 485 30.84 -14.05 -18.58
C GLY A 485 30.30 -12.76 -18.02
N LEU A 486 30.62 -11.65 -18.70
CA LEU A 486 30.25 -10.34 -18.21
C LEU A 486 28.73 -10.13 -18.17
N GLU A 487 27.97 -10.97 -18.87
CA GLU A 487 26.52 -10.82 -18.97
C GLU A 487 25.79 -11.76 -18.03
N THR A 488 26.35 -12.06 -16.87
CA THR A 488 25.72 -12.92 -15.89
C THR A 488 24.85 -12.08 -14.97
N MET A 489 23.56 -12.37 -14.93
CA MET A 489 22.65 -11.65 -14.05
C MET A 489 22.93 -12.06 -12.61
N VAL A 490 23.35 -11.11 -11.79
CA VAL A 490 23.57 -11.34 -10.37
C VAL A 490 22.25 -11.13 -9.65
N GLY A 491 21.85 -12.11 -8.85
CA GLY A 491 20.57 -12.04 -8.18
C GLY A 491 20.44 -10.81 -7.30
N GLU A 492 19.29 -10.62 -6.67
CA GLU A 492 19.09 -9.47 -5.81
C GLU A 492 20.16 -9.46 -4.73
N LYS A 493 20.83 -8.32 -4.58
CA LYS A 493 21.95 -8.14 -3.67
C LYS A 493 23.18 -8.95 -4.07
N GLY A 494 23.18 -9.53 -5.27
CA GLY A 494 24.30 -10.33 -5.71
C GLY A 494 24.36 -11.73 -5.14
N VAL A 495 23.22 -12.27 -4.71
CA VAL A 495 23.21 -13.60 -4.10
C VAL A 495 23.61 -14.70 -5.07
N ALA A 496 23.74 -14.39 -6.36
CA ALA A 496 24.18 -15.36 -7.35
C ALA A 496 25.67 -15.28 -7.61
N LEU A 497 26.45 -14.88 -6.61
CA LEU A 497 27.89 -14.78 -6.75
C LEU A 497 28.54 -15.13 -5.42
N SER A 498 29.83 -15.45 -5.48
CA SER A 498 30.60 -15.67 -4.27
C SER A 498 31.01 -14.34 -3.65
N GLY A 499 31.34 -14.38 -2.36
CA GLY A 499 31.72 -13.16 -1.67
C GLY A 499 32.94 -12.50 -2.27
N GLY A 500 33.96 -13.30 -2.61
CA GLY A 500 35.14 -12.74 -3.23
C GLY A 500 34.87 -12.16 -4.60
N GLN A 501 33.97 -12.80 -5.35
CA GLN A 501 33.58 -12.25 -6.64
C GLN A 501 32.89 -10.90 -6.47
N LYS A 502 32.03 -10.78 -5.46
CA LYS A 502 31.42 -9.47 -5.17
C LYS A 502 32.48 -8.45 -4.79
N GLN A 503 33.45 -8.84 -3.97
CA GLN A 503 34.50 -7.91 -3.56
C GLN A 503 35.30 -7.44 -4.77
N ARG A 504 35.64 -8.35 -5.67
CA ARG A 504 36.42 -7.97 -6.84
C ARG A 504 35.59 -7.11 -7.79
N ILE A 505 34.29 -7.37 -7.91
CA ILE A 505 33.43 -6.49 -8.69
C ILE A 505 33.43 -5.08 -8.10
N SER A 506 33.35 -4.98 -6.77
CA SER A 506 33.37 -3.67 -6.13
C SER A 506 34.71 -2.97 -6.35
N ILE A 507 35.80 -3.71 -6.27
CA ILE A 507 37.12 -3.13 -6.50
C ILE A 507 37.22 -2.62 -7.93
N ALA A 508 36.72 -3.39 -8.90
CA ALA A 508 36.70 -2.95 -10.28
C ALA A 508 35.83 -1.70 -10.44
N ARG A 509 34.69 -1.66 -9.76
CA ARG A 509 33.84 -0.48 -9.80
C ARG A 509 34.60 0.75 -9.34
N ALA A 510 35.30 0.64 -8.22
CA ALA A 510 36.06 1.76 -7.70
C ALA A 510 37.19 2.17 -8.65
N LEU A 511 37.91 1.19 -9.19
CA LEU A 511 39.06 1.47 -10.03
C LEU A 511 38.67 1.96 -11.43
N MET A 512 37.43 1.75 -11.85
CA MET A 512 37.03 2.19 -13.18
C MET A 512 37.16 3.70 -13.32
N ALA A 513 36.71 4.45 -12.31
CA ALA A 513 36.69 5.90 -12.40
C ALA A 513 38.08 6.51 -12.28
N ASN A 514 39.10 5.74 -11.91
CA ASN A 514 40.43 6.26 -11.66
C ASN A 514 40.39 7.38 -10.63
N PRO A 515 39.82 7.12 -9.44
CA PRO A 515 39.61 8.20 -8.48
C PRO A 515 40.92 8.78 -7.97
N GLU A 516 40.87 10.07 -7.63
CA GLU A 516 42.01 10.70 -6.98
C GLU A 516 42.29 10.04 -5.64
N ILE A 517 41.24 9.77 -4.87
CA ILE A 517 41.34 9.13 -3.56
C ILE A 517 40.65 7.79 -3.65
N LEU A 518 41.37 6.72 -3.36
CA LEU A 518 40.82 5.37 -3.39
C LEU A 518 40.70 4.86 -1.96
N ILE A 519 39.48 4.51 -1.57
CA ILE A 519 39.19 4.03 -0.21
C ILE A 519 38.89 2.55 -0.30
N LEU A 520 39.84 1.73 0.14
CA LEU A 520 39.66 0.28 0.21
C LEU A 520 39.36 -0.07 1.66
N ASP A 521 38.08 -0.17 1.98
CA ASP A 521 37.62 -0.49 3.34
C ASP A 521 37.45 -1.99 3.45
N ASP A 522 38.50 -2.68 3.90
CA ASP A 522 38.48 -4.13 4.05
C ASP A 522 38.02 -4.80 2.75
N SER A 523 38.73 -4.47 1.68
CA SER A 523 38.38 -4.96 0.35
C SER A 523 38.98 -6.31 0.01
N LEU A 524 39.77 -6.89 0.93
CA LEU A 524 40.37 -8.21 0.74
C LEU A 524 40.02 -9.04 1.97
N SER A 525 38.84 -9.67 1.93
CA SER A 525 38.35 -10.44 3.07
C SER A 525 37.93 -11.83 2.65
N ALA A 526 37.43 -11.97 1.42
CA ALA A 526 37.02 -13.25 0.87
C ALA A 526 37.77 -13.56 -0.42
N VAL A 527 39.05 -13.20 -0.47
CA VAL A 527 39.83 -13.23 -1.70
C VAL A 527 41.00 -14.19 -1.58
N ASP A 528 40.82 -15.27 -0.83
CA ASP A 528 41.83 -16.35 -0.80
C ASP A 528 43.14 -15.77 -0.28
N ALA A 529 44.29 -16.23 -0.77
CA ALA A 529 45.57 -15.63 -0.40
C ALA A 529 46.35 -15.29 -1.67
N LYS A 530 46.27 -16.13 -2.69
CA LYS A 530 46.90 -15.80 -3.96
C LYS A 530 46.19 -14.64 -4.63
N THR A 531 44.87 -14.65 -4.63
CA THR A 531 44.12 -13.54 -5.20
C THR A 531 44.38 -12.26 -4.43
N GLU A 532 44.47 -12.36 -3.09
CA GLU A 532 44.78 -11.17 -2.29
C GLU A 532 46.16 -10.62 -2.64
N ALA A 533 47.16 -11.50 -2.75
CA ALA A 533 48.49 -11.04 -3.12
C ALA A 533 48.48 -10.39 -4.50
N ALA A 534 47.78 -10.99 -5.46
CA ALA A 534 47.72 -10.43 -6.80
C ALA A 534 47.05 -9.05 -6.79
N ILE A 535 45.94 -8.92 -6.08
CA ILE A 535 45.24 -7.64 -6.04
C ILE A 535 46.10 -6.58 -5.37
N ILE A 536 46.79 -6.95 -4.29
CA ILE A 536 47.65 -5.98 -3.61
C ILE A 536 48.79 -5.54 -4.51
N LYS A 537 49.38 -6.49 -5.24
CA LYS A 537 50.44 -6.14 -6.17
C LYS A 537 49.93 -5.20 -7.26
N ASN A 538 48.74 -5.48 -7.79
CA ASN A 538 48.17 -4.62 -8.82
C ASN A 538 47.90 -3.22 -8.27
N ILE A 539 47.36 -3.14 -7.05
CA ILE A 539 47.10 -1.83 -6.45
C ILE A 539 48.39 -1.06 -6.25
N ARG A 540 49.43 -1.73 -5.76
CA ARG A 540 50.72 -1.08 -5.58
C ARG A 540 51.25 -0.55 -6.91
N GLU A 541 50.96 -1.22 -8.01
CA GLU A 541 51.38 -0.79 -9.33
C GLU A 541 50.34 0.06 -10.05
N ASN A 542 49.21 0.36 -9.40
CA ASN A 542 48.16 1.18 -9.98
C ASN A 542 47.92 2.49 -9.24
N ARG A 543 48.14 2.52 -7.93
CA ARG A 543 47.97 3.73 -7.13
C ARG A 543 49.30 4.40 -6.82
N LYS A 544 50.35 4.08 -7.55
CA LYS A 544 51.63 4.74 -7.34
C LYS A 544 51.49 6.24 -7.54
N GLY A 545 51.78 7.00 -6.49
CA GLY A 545 51.65 8.44 -6.57
C GLY A 545 50.24 8.97 -6.44
N LYS A 546 49.31 8.19 -5.89
CA LYS A 546 47.93 8.62 -5.71
C LYS A 546 47.48 8.27 -4.31
N THR A 547 46.47 9.01 -3.83
CA THR A 547 46.05 8.90 -2.44
C THR A 547 45.16 7.67 -2.23
N THR A 548 45.49 6.88 -1.21
CA THR A 548 44.75 5.67 -0.89
C THR A 548 44.59 5.53 0.62
N PHE A 549 43.39 5.15 1.04
CA PHE A 549 43.09 4.79 2.42
C PHE A 549 42.78 3.31 2.46
N ILE A 550 43.70 2.51 3.00
CA ILE A 550 43.54 1.06 3.09
C ILE A 550 43.21 0.71 4.53
N LEU A 551 42.05 0.10 4.75
CA LEU A 551 41.63 -0.39 6.05
C LEU A 551 41.66 -1.90 6.02
N THR A 552 42.43 -2.51 6.91
CA THR A 552 42.61 -3.95 6.89
C THR A 552 42.86 -4.48 8.28
N HIS A 553 42.50 -5.74 8.49
CA HIS A 553 42.90 -6.49 9.67
C HIS A 553 44.15 -7.32 9.41
N ARG A 554 44.41 -7.68 8.16
CA ARG A 554 45.67 -8.30 7.78
C ARG A 554 46.71 -7.22 7.57
N LEU A 555 47.85 -7.35 8.24
CA LEU A 555 48.88 -6.32 8.19
C LEU A 555 49.84 -6.48 7.02
N SER A 556 49.64 -7.50 6.18
CA SER A 556 50.45 -7.65 4.97
C SER A 556 50.00 -6.72 3.86
N ALA A 557 48.82 -6.12 3.96
CA ALA A 557 48.30 -5.21 2.96
C ALA A 557 48.63 -3.76 3.25
N VAL A 558 49.41 -3.48 4.30
CA VAL A 558 49.70 -2.11 4.70
C VAL A 558 51.22 -1.95 4.81
N GLU A 559 51.96 -2.97 4.37
CA GLU A 559 53.41 -2.90 4.47
C GLU A 559 53.99 -1.76 3.64
N HIS A 560 53.31 -1.37 2.57
CA HIS A 560 53.78 -0.31 1.69
C HIS A 560 53.32 1.07 2.12
N ALA A 561 52.43 1.16 3.10
CA ALA A 561 51.86 2.45 3.46
C ALA A 561 52.93 3.38 4.04
N ASP A 562 52.81 4.66 3.70
CA ASP A 562 53.71 5.67 4.27
C ASP A 562 53.34 6.02 5.69
N LEU A 563 52.05 5.91 6.03
CA LEU A 563 51.55 6.21 7.37
C LEU A 563 50.56 5.12 7.76
N ILE A 564 50.82 4.48 8.89
CA ILE A 564 49.94 3.45 9.45
C ILE A 564 49.39 3.95 10.77
N LEU A 565 48.06 3.94 10.91
CA LEU A 565 47.38 4.43 12.09
C LEU A 565 46.70 3.28 12.80
N VAL A 566 47.03 3.09 14.08
CA VAL A 566 46.40 2.07 14.92
C VAL A 566 45.32 2.73 15.74
N MET A 567 44.07 2.30 15.56
CA MET A 567 42.91 2.89 16.20
C MET A 567 42.51 2.04 17.39
N ASP A 568 42.48 2.65 18.57
CA ASP A 568 42.01 2.02 19.80
C ASP A 568 40.89 2.88 20.39
N GLY A 569 39.65 2.47 20.17
CA GLY A 569 38.52 3.15 20.78
C GLY A 569 38.39 4.61 20.40
N GLY A 570 38.50 4.91 19.11
CA GLY A 570 38.30 6.27 18.64
C GLY A 570 39.49 7.19 18.79
N VAL A 571 40.65 6.68 19.19
CA VAL A 571 41.85 7.47 19.34
C VAL A 571 43.01 6.73 18.68
N ILE A 572 43.83 7.46 17.95
CA ILE A 572 45.00 6.87 17.31
C ILE A 572 46.02 6.52 18.40
N ALA A 573 46.14 5.23 18.70
CA ALA A 573 47.08 4.80 19.73
C ALA A 573 48.51 4.87 19.23
N GLU A 574 48.75 4.49 17.98
CA GLU A 574 50.09 4.47 17.41
C GLU A 574 50.05 5.01 15.99
N ARG A 575 51.21 5.45 15.52
CA ARG A 575 51.33 5.96 14.17
C ARG A 575 52.77 5.78 13.70
N GLY A 576 52.95 5.87 12.38
CA GLY A 576 54.22 5.65 11.73
C GLY A 576 54.10 4.61 10.65
N THR A 577 55.24 4.31 10.03
CA THR A 577 55.29 3.25 9.04
C THR A 577 55.54 1.90 9.71
N HIS A 578 55.70 0.87 8.89
CA HIS A 578 55.84 -0.49 9.40
C HIS A 578 56.99 -0.60 10.38
N GLN A 579 58.13 0.00 10.06
CA GLN A 579 59.34 -0.20 10.86
C GLN A 579 59.16 0.32 12.28
N GLU A 580 58.73 1.57 12.44
CA GLU A 580 58.58 2.11 13.79
C GLU A 580 57.51 1.36 14.58
N LEU A 581 56.38 1.05 13.94
CA LEU A 581 55.34 0.32 14.66
C LEU A 581 55.86 -1.02 15.15
N LEU A 582 56.69 -1.69 14.34
CA LEU A 582 57.33 -2.91 14.83
C LEU A 582 58.26 -2.61 15.99
N ALA A 583 59.00 -1.50 15.91
CA ALA A 583 59.93 -1.12 16.97
C ALA A 583 59.23 -0.57 18.20
N ASN A 584 57.95 -0.21 18.10
CA ASN A 584 57.20 0.30 19.22
C ASN A 584 56.52 -0.79 20.04
N ASN A 585 56.68 -2.05 19.64
CA ASN A 585 56.00 -3.16 20.32
C ASN A 585 54.49 -2.88 20.29
N GLY A 586 53.77 -3.32 21.32
CA GLY A 586 52.36 -3.00 21.40
C GLY A 586 51.51 -3.82 20.44
N TRP A 587 50.33 -3.28 20.16
CA TRP A 587 49.33 -4.02 19.40
C TRP A 587 49.83 -4.37 18.01
N TYR A 588 50.47 -3.42 17.33
CA TYR A 588 50.89 -3.67 15.96
C TYR A 588 51.90 -4.82 15.90
N ARG A 589 52.91 -4.80 16.76
CA ARG A 589 53.88 -5.88 16.76
C ARG A 589 53.23 -7.20 17.16
N GLU A 590 52.34 -7.17 18.14
CA GLU A 590 51.65 -8.39 18.54
C GLU A 590 50.93 -9.02 17.37
N GLN A 591 50.12 -8.22 16.67
CA GLN A 591 49.37 -8.74 15.53
C GLN A 591 50.31 -9.17 14.41
N TYR A 592 51.36 -8.40 14.15
CA TYR A 592 52.33 -8.76 13.12
C TYR A 592 52.91 -10.13 13.39
N GLU A 593 53.35 -10.36 14.62
CA GLU A 593 53.95 -11.65 14.98
C GLU A 593 52.92 -12.77 14.90
N ARG A 594 51.70 -12.51 15.36
CA ARG A 594 50.66 -13.53 15.31
C ARG A 594 50.20 -13.83 13.89
N GLN A 595 50.48 -12.94 12.95
CA GLN A 595 49.99 -13.09 11.57
C GLN A 595 51.04 -13.60 10.60
N GLN A 596 52.32 -13.39 10.88
CA GLN A 596 53.40 -13.81 9.99
C GLN A 596 54.25 -14.94 10.54
N LEU A 597 54.54 -14.93 11.83
CA LEU A 597 55.37 -15.96 12.43
C LEU A 597 54.61 -17.27 12.69
N PHE A 598 53.29 -17.25 12.56
CA PHE A 598 52.48 -18.45 12.77
C PHE A 598 52.96 -19.59 11.87
N MET B 1 -13.28 -21.66 -12.69
CA MET B 1 -12.72 -20.28 -12.58
C MET B 1 -12.06 -20.09 -11.22
N LYS B 2 -10.73 -20.00 -11.23
CA LYS B 2 -9.98 -19.89 -9.99
C LYS B 2 -10.34 -18.61 -9.24
N ILE B 3 -10.42 -17.48 -9.94
CA ILE B 3 -10.63 -16.21 -9.26
C ILE B 3 -12.02 -16.14 -8.65
N GLY B 4 -13.05 -16.49 -9.44
CA GLY B 4 -14.40 -16.43 -8.94
C GLY B 4 -14.69 -17.49 -7.89
N LYS B 5 -14.27 -18.73 -8.17
CA LYS B 5 -14.56 -19.84 -7.27
C LYS B 5 -13.74 -19.79 -6.00
N THR B 6 -12.72 -18.93 -5.91
CA THR B 6 -11.88 -18.85 -4.73
C THR B 6 -12.35 -17.76 -3.77
N LEU B 7 -12.69 -16.58 -4.28
CA LEU B 7 -13.22 -15.53 -3.42
C LEU B 7 -14.50 -15.98 -2.74
N TRP B 8 -15.27 -16.85 -3.38
CA TRP B 8 -16.47 -17.39 -2.76
C TRP B 8 -16.12 -18.21 -1.51
N ARG B 9 -15.05 -18.99 -1.58
CA ARG B 9 -14.67 -19.83 -0.46
C ARG B 9 -14.33 -18.99 0.77
N TYR B 10 -13.57 -17.91 0.57
CA TYR B 10 -13.25 -17.03 1.69
C TYR B 10 -14.49 -16.39 2.28
N ALA B 11 -15.42 -15.96 1.41
CA ALA B 11 -16.70 -15.47 1.91
C ALA B 11 -17.46 -16.56 2.64
N LEU B 12 -17.43 -17.78 2.09
CA LEU B 12 -18.13 -18.89 2.74
C LEU B 12 -17.59 -19.17 4.13
N LEU B 13 -16.28 -19.00 4.33
CA LEU B 13 -15.70 -19.23 5.65
C LEU B 13 -16.38 -18.36 6.69
N TYR B 14 -16.44 -17.06 6.45
CA TYR B 14 -17.12 -16.12 7.34
C TYR B 14 -18.55 -15.87 6.89
N ARG B 15 -19.30 -16.95 6.71
CA ARG B 15 -20.67 -16.83 6.19
C ARG B 15 -21.63 -16.30 7.24
N LYS B 16 -21.36 -16.52 8.52
CA LYS B 16 -22.23 -15.98 9.57
C LYS B 16 -22.26 -14.45 9.52
N LEU B 17 -21.08 -13.83 9.55
CA LEU B 17 -21.01 -12.38 9.54
C LEU B 17 -21.63 -11.81 8.26
N LEU B 18 -21.31 -12.40 7.11
CA LEU B 18 -21.81 -11.86 5.85
C LEU B 18 -23.32 -12.03 5.73
N ILE B 19 -23.84 -13.18 6.18
CA ILE B 19 -25.29 -13.38 6.14
C ILE B 19 -25.99 -12.40 7.05
N THR B 20 -25.45 -12.18 8.25
CA THR B 20 -26.05 -11.20 9.15
C THR B 20 -26.00 -9.80 8.55
N ALA B 21 -24.88 -9.46 7.91
CA ALA B 21 -24.78 -8.15 7.26
C ALA B 21 -25.81 -8.01 6.16
N VAL B 22 -26.01 -9.06 5.37
CA VAL B 22 -26.99 -9.02 4.29
C VAL B 22 -28.39 -8.84 4.84
N LEU B 23 -28.71 -9.55 5.93
CA LEU B 23 -30.04 -9.42 6.53
C LEU B 23 -30.26 -8.02 7.08
N LEU B 24 -29.26 -7.46 7.76
CA LEU B 24 -29.39 -6.10 8.27
C LEU B 24 -29.54 -5.11 7.13
N LEU B 25 -28.77 -5.30 6.05
CA LEU B 25 -28.90 -4.44 4.88
C LEU B 25 -30.29 -4.52 4.29
N THR B 26 -30.85 -5.73 4.18
CA THR B 26 -32.19 -5.89 3.63
C THR B 26 -33.21 -5.18 4.50
N VAL B 27 -33.11 -5.33 5.82
CA VAL B 27 -34.08 -4.68 6.70
C VAL B 27 -33.96 -3.16 6.60
N ALA B 28 -32.73 -2.64 6.59
CA ALA B 28 -32.55 -1.19 6.50
C ALA B 28 -33.09 -0.66 5.18
N VAL B 29 -32.83 -1.37 4.08
CA VAL B 29 -33.33 -0.93 2.78
C VAL B 29 -34.85 -0.96 2.76
N GLY B 30 -35.44 -2.01 3.33
CA GLY B 30 -36.90 -2.07 3.39
C GLY B 30 -37.48 -0.92 4.18
N ALA B 31 -36.88 -0.60 5.33
CA ALA B 31 -37.38 0.51 6.14
C ALA B 31 -37.26 1.83 5.38
N GLU B 32 -36.09 2.08 4.78
CA GLU B 32 -35.89 3.34 4.06
C GLU B 32 -36.84 3.44 2.88
N LEU B 33 -37.06 2.35 2.16
CA LEU B 33 -38.00 2.36 1.05
C LEU B 33 -39.41 2.63 1.54
N THR B 34 -39.80 2.03 2.66
CA THR B 34 -41.15 2.21 3.18
C THR B 34 -41.41 3.65 3.59
N GLY B 35 -40.45 4.28 4.25
CA GLY B 35 -40.64 5.60 4.81
C GLY B 35 -41.43 6.56 3.94
N PRO B 36 -40.90 6.86 2.75
CA PRO B 36 -41.59 7.83 1.89
C PRO B 36 -43.02 7.43 1.58
N PHE B 37 -43.34 6.14 1.59
CA PHE B 37 -44.72 5.73 1.36
C PHE B 37 -45.61 6.01 2.57
N ILE B 38 -45.04 5.93 3.78
CA ILE B 38 -45.78 6.40 4.95
C ILE B 38 -46.02 7.90 4.83
N GLY B 39 -45.02 8.65 4.36
CA GLY B 39 -45.24 10.08 4.15
C GLY B 39 -46.33 10.34 3.12
N LYS B 40 -46.33 9.58 2.03
CA LYS B 40 -47.37 9.74 1.01
C LYS B 40 -48.74 9.42 1.57
N LYS B 41 -48.84 8.36 2.38
CA LYS B 41 -50.12 8.02 2.99
C LYS B 41 -50.59 9.15 3.89
N MET B 42 -49.69 9.68 4.72
CA MET B 42 -50.04 10.81 5.58
C MET B 42 -50.58 11.94 4.73
N ILE B 43 -49.85 12.32 3.68
CA ILE B 43 -50.30 13.41 2.82
C ILE B 43 -51.70 13.12 2.30
N ASP B 44 -51.83 12.05 1.51
CA ASP B 44 -53.06 11.80 0.76
C ASP B 44 -54.26 11.52 1.66
N ASP B 45 -54.03 11.17 2.93
CA ASP B 45 -55.15 10.90 3.82
C ASP B 45 -55.46 12.02 4.79
N HIS B 46 -54.53 12.96 5.00
CA HIS B 46 -54.70 13.96 6.05
C HIS B 46 -54.63 15.40 5.59
N ILE B 47 -53.82 15.73 4.57
CA ILE B 47 -53.73 17.11 4.13
C ILE B 47 -54.38 17.32 2.77
N LEU B 48 -54.37 16.32 1.90
CA LEU B 48 -55.07 16.38 0.62
C LEU B 48 -56.43 15.70 0.69
N GLY B 49 -56.81 15.18 1.86
CA GLY B 49 -58.04 14.43 2.01
C GLY B 49 -59.28 15.26 2.24
N ILE B 50 -59.18 16.59 2.19
CA ILE B 50 -60.34 17.45 2.33
C ILE B 50 -60.90 17.76 0.96
N GLU B 51 -60.50 16.98 -0.04
CA GLU B 51 -60.91 17.20 -1.42
C GLU B 51 -61.93 16.20 -1.93
N LYS B 52 -61.92 14.98 -1.42
CA LYS B 52 -62.86 13.97 -1.90
C LYS B 52 -64.26 14.28 -1.42
N THR B 53 -65.21 13.41 -1.78
CA THR B 53 -66.61 13.67 -1.51
C THR B 53 -66.87 13.77 -0.01
N TRP B 54 -67.76 14.69 0.36
CA TRP B 54 -68.23 14.84 1.74
C TRP B 54 -69.74 14.61 1.72
N TYR B 55 -70.14 13.36 1.96
CA TYR B 55 -71.55 13.00 1.89
C TYR B 55 -72.33 13.74 2.98
N GLU B 56 -73.48 14.29 2.59
CA GLU B 56 -74.33 15.06 3.50
C GLU B 56 -75.06 14.08 4.41
N ALA B 57 -74.59 13.97 5.66
CA ALA B 57 -75.17 13.07 6.63
C ALA B 57 -75.55 13.86 7.88
N ALA B 58 -76.28 13.21 8.78
CA ALA B 58 -76.74 13.83 10.01
C ALA B 58 -75.66 13.67 11.09
N GLU B 59 -76.01 13.97 12.33
CA GLU B 59 -75.09 13.82 13.45
C GLU B 59 -75.00 12.34 13.84
N LYS B 60 -74.31 12.07 14.94
CA LYS B 60 -74.21 10.71 15.48
C LYS B 60 -73.58 9.76 14.48
N ASP B 61 -72.63 10.27 13.70
CA ASP B 61 -71.87 9.45 12.75
C ASP B 61 -70.47 9.12 13.25
N LYS B 62 -70.19 9.37 14.54
CA LYS B 62 -68.89 9.13 15.14
C LYS B 62 -67.86 10.15 14.69
N ASN B 63 -68.25 11.04 13.77
CA ASN B 63 -67.34 12.07 13.27
C ASN B 63 -68.14 12.99 12.37
N ALA B 64 -68.13 14.28 12.67
CA ALA B 64 -68.87 15.24 11.88
C ALA B 64 -68.37 16.64 12.23
N VAL B 65 -68.47 17.54 11.26
CA VAL B 65 -67.99 18.91 11.41
C VAL B 65 -69.13 19.86 11.08
N GLN B 66 -69.39 20.82 11.98
CA GLN B 66 -70.42 21.81 11.76
C GLN B 66 -70.02 22.77 10.65
N PHE B 67 -70.98 23.10 9.80
CA PHE B 67 -70.75 24.09 8.74
C PHE B 67 -72.11 24.71 8.38
N HIS B 68 -72.30 25.97 8.79
CA HIS B 68 -73.54 26.69 8.52
C HIS B 68 -74.76 25.94 9.04
N GLY B 69 -74.60 25.29 10.19
CA GLY B 69 -75.68 24.62 10.87
C GLY B 69 -75.96 23.21 10.41
N VAL B 70 -75.29 22.74 9.36
CA VAL B 70 -75.45 21.37 8.86
C VAL B 70 -74.11 20.68 8.96
N SER B 71 -74.10 19.50 9.58
CA SER B 71 -72.87 18.75 9.82
C SER B 71 -72.74 17.69 8.74
N TYR B 72 -71.61 17.72 8.03
CA TYR B 72 -71.32 16.74 6.98
C TYR B 72 -70.30 15.73 7.49
N VAL B 73 -70.08 14.69 6.69
CA VAL B 73 -69.17 13.60 7.06
C VAL B 73 -68.34 13.22 5.85
N ARG B 74 -67.05 12.98 6.08
CA ARG B 74 -66.16 12.59 5.00
C ARG B 74 -66.60 11.26 4.40
N GLU B 75 -65.98 10.92 3.27
CA GLU B 75 -66.37 9.69 2.56
C GLU B 75 -65.96 8.45 3.36
N ASP B 76 -64.72 8.40 3.83
CA ASP B 76 -64.22 7.20 4.48
C ASP B 76 -64.57 7.13 5.97
N ARG B 77 -64.51 8.27 6.67
CA ARG B 77 -64.90 8.28 8.08
C ARG B 77 -66.38 7.97 8.27
N LEU B 78 -67.17 8.02 7.22
CA LEU B 78 -68.59 7.72 7.29
C LEU B 78 -68.81 6.24 7.59
N GLN B 79 -69.95 5.93 8.20
CA GLN B 79 -70.38 4.56 8.36
C GLN B 79 -70.87 4.04 7.01
N GLU B 80 -71.59 2.91 7.00
CA GLU B 80 -71.95 2.32 5.72
C GLU B 80 -73.43 2.48 5.37
N PRO B 81 -73.88 3.69 5.03
CA PRO B 81 -75.09 3.81 4.20
C PRO B 81 -74.73 3.85 2.73
N VAL B 82 -75.73 3.86 1.85
CA VAL B 82 -75.52 4.01 0.42
C VAL B 82 -76.16 5.33 -0.01
N SER B 83 -75.35 6.25 -0.53
CA SER B 83 -75.82 7.52 -1.07
C SER B 83 -76.81 8.19 -0.11
N LYS B 84 -76.27 8.58 1.04
CA LYS B 84 -77.13 9.02 2.15
C LYS B 84 -78.10 10.11 1.71
N ALA B 85 -77.59 11.31 1.44
CA ALA B 85 -78.44 12.37 0.91
C ALA B 85 -77.97 12.84 -0.47
N LYS B 86 -76.72 13.26 -0.56
CA LYS B 86 -76.15 13.86 -1.76
C LYS B 86 -74.65 13.96 -1.56
N GLU B 87 -73.96 14.47 -2.57
CA GLU B 87 -72.53 14.71 -2.51
C GLU B 87 -72.29 16.22 -2.43
N ALA B 88 -71.58 16.65 -1.40
CA ALA B 88 -71.22 18.05 -1.18
C ALA B 88 -69.70 18.14 -1.28
N HIS B 89 -69.20 18.46 -2.47
CA HIS B 89 -67.78 18.46 -2.71
C HIS B 89 -67.12 19.69 -2.09
N ILE B 90 -65.80 19.63 -1.98
CA ILE B 90 -64.97 20.76 -1.58
C ILE B 90 -63.89 20.95 -2.63
N TYR B 91 -63.55 22.20 -2.91
CA TYR B 91 -62.54 22.50 -3.90
C TYR B 91 -61.76 23.73 -3.46
N GLN B 92 -60.46 23.73 -3.73
CA GLN B 92 -59.56 24.80 -3.30
C GLN B 92 -59.03 25.50 -4.55
N VAL B 93 -59.79 26.47 -5.03
CA VAL B 93 -59.35 27.30 -6.14
C VAL B 93 -58.48 28.42 -5.59
N GLY B 94 -57.42 28.75 -6.32
CA GLY B 94 -56.47 29.72 -5.84
C GLY B 94 -55.73 29.20 -4.62
N MET B 95 -56.01 29.76 -3.45
CA MET B 95 -55.45 29.27 -2.20
C MET B 95 -56.50 29.13 -1.10
N ALA B 96 -57.78 29.36 -1.42
CA ALA B 96 -58.86 29.27 -0.46
C ALA B 96 -59.81 28.15 -0.84
N PHE B 97 -60.40 27.52 0.18
CA PHE B 97 -61.30 26.39 -0.03
C PHE B 97 -62.73 26.90 -0.21
N TYR B 98 -63.41 26.39 -1.22
CA TYR B 98 -64.79 26.78 -1.53
C TYR B 98 -65.69 25.55 -1.41
N PHE B 99 -66.79 25.71 -0.68
CA PHE B 99 -67.72 24.62 -0.46
C PHE B 99 -68.72 24.53 -1.61
N VAL B 100 -68.99 23.30 -2.06
CA VAL B 100 -70.01 23.06 -3.06
C VAL B 100 -71.19 22.36 -2.39
N ASP B 101 -72.14 23.15 -1.90
CA ASP B 101 -73.31 22.61 -1.20
C ASP B 101 -74.50 22.38 -2.11
N GLN B 102 -74.42 22.78 -3.38
CA GLN B 102 -75.58 22.70 -4.26
C GLN B 102 -75.82 21.29 -4.76
N ALA B 103 -74.84 20.69 -5.42
CA ALA B 103 -75.03 19.39 -6.06
C ALA B 103 -73.68 18.76 -6.35
N VAL B 104 -73.71 17.63 -7.06
CA VAL B 104 -72.51 16.87 -7.39
C VAL B 104 -71.81 17.53 -8.58
N SER B 105 -70.60 17.08 -8.88
CA SER B 105 -69.81 17.61 -9.99
C SER B 105 -69.10 16.45 -10.67
N PHE B 106 -68.18 16.79 -11.57
CA PHE B 106 -67.40 15.79 -12.31
C PHE B 106 -65.92 16.10 -12.18
N ASP B 107 -65.07 15.45 -12.97
CA ASP B 107 -63.64 15.70 -12.94
C ASP B 107 -63.36 17.19 -12.92
N GLY B 108 -62.66 17.64 -11.87
CA GLY B 108 -62.56 19.06 -11.59
C GLY B 108 -61.52 19.76 -12.44
N ASN B 109 -61.81 21.04 -12.74
CA ASN B 109 -60.89 21.95 -13.40
C ASN B 109 -60.97 23.27 -12.67
N ARG B 110 -59.97 23.56 -11.84
CA ARG B 110 -60.02 24.73 -10.98
C ARG B 110 -60.22 26.00 -11.80
N THR B 111 -61.16 26.84 -11.36
CA THR B 111 -61.42 28.12 -12.00
C THR B 111 -62.01 29.06 -10.96
N VAL B 112 -61.63 30.34 -11.03
CA VAL B 112 -62.13 31.31 -10.07
C VAL B 112 -63.64 31.23 -10.01
N SER B 113 -64.19 31.25 -8.80
CA SER B 113 -65.62 31.07 -8.63
C SER B 113 -66.39 32.37 -8.86
N ASP B 114 -65.99 33.44 -8.17
CA ASP B 114 -66.75 34.68 -8.17
C ASP B 114 -68.19 34.42 -7.69
N GLY B 115 -68.32 33.50 -6.73
CA GLY B 115 -69.60 33.04 -6.27
C GLY B 115 -70.15 31.85 -7.03
N LYS B 116 -69.50 31.45 -8.13
CA LYS B 116 -69.95 30.33 -8.95
C LYS B 116 -68.72 29.59 -9.46
N LEU B 117 -68.39 28.46 -8.83
CA LEU B 117 -67.21 27.68 -9.20
C LEU B 117 -67.45 26.98 -10.53
N THR B 118 -66.74 27.43 -11.58
CA THR B 118 -66.89 26.87 -12.92
C THR B 118 -65.89 25.75 -13.10
N ILE B 119 -66.38 24.53 -13.25
CA ILE B 119 -65.54 23.35 -13.46
C ILE B 119 -65.51 23.13 -14.97
N THR B 120 -64.53 23.75 -15.63
CA THR B 120 -64.41 23.67 -17.09
C THR B 120 -63.50 22.50 -17.45
N ASN B 121 -64.08 21.30 -17.41
CA ASN B 121 -63.37 20.08 -17.81
C ASN B 121 -63.62 19.76 -19.27
N GLY B 122 -64.88 19.54 -19.64
CA GLY B 122 -65.29 19.40 -21.02
C GLY B 122 -66.20 20.53 -21.41
N ASP B 123 -67.50 20.23 -21.53
CA ASP B 123 -68.52 21.25 -21.70
C ASP B 123 -69.40 21.42 -20.48
N LYS B 124 -69.51 20.41 -19.63
CA LYS B 124 -70.37 20.46 -18.45
C LYS B 124 -69.70 21.30 -17.38
N SER B 125 -70.01 22.60 -17.35
CA SER B 125 -69.51 23.53 -16.33
C SER B 125 -70.71 24.34 -15.84
N ARG B 126 -71.39 23.83 -14.81
CA ARG B 126 -72.63 24.43 -14.35
C ARG B 126 -72.41 25.66 -13.47
N ALA B 127 -71.20 25.89 -12.98
CA ALA B 127 -70.92 27.01 -12.09
C ALA B 127 -71.85 26.96 -10.87
N TYR B 128 -71.69 25.89 -10.09
CA TYR B 128 -72.67 25.54 -9.06
C TYR B 128 -72.79 26.64 -8.02
N ALA B 129 -71.74 26.85 -7.22
CA ALA B 129 -71.76 27.83 -6.14
C ALA B 129 -70.40 27.87 -5.46
N ALA B 130 -70.26 28.73 -4.46
CA ALA B 130 -69.01 28.80 -3.72
C ALA B 130 -69.25 29.58 -2.42
N GLU B 131 -68.53 29.18 -1.37
CA GLU B 131 -68.60 29.88 -0.10
C GLU B 131 -67.23 29.76 0.56
N LYS B 132 -66.54 30.90 0.69
CA LYS B 132 -65.24 30.90 1.34
C LYS B 132 -65.37 30.36 2.76
N LEU B 133 -64.43 29.52 3.15
CA LEU B 133 -64.47 28.85 4.45
C LEU B 133 -63.72 29.61 5.53
N THR B 134 -63.22 30.81 5.25
CA THR B 134 -62.50 31.59 6.27
C THR B 134 -61.32 30.74 6.77
N LYS B 135 -60.97 30.89 8.04
CA LYS B 135 -59.87 30.17 8.65
C LYS B 135 -60.30 29.28 9.81
N GLN B 136 -61.25 29.74 10.63
CA GLN B 136 -61.72 28.96 11.76
C GLN B 136 -62.50 27.73 11.30
N GLU B 137 -63.38 27.89 10.32
CA GLU B 137 -64.12 26.74 9.80
C GLU B 137 -63.18 25.73 9.17
N LEU B 138 -62.13 26.21 8.49
CA LEU B 138 -61.16 25.29 7.93
C LEU B 138 -60.43 24.51 9.02
N PHE B 139 -60.04 25.19 10.10
CA PHE B 139 -59.39 24.49 11.20
C PHE B 139 -60.33 23.46 11.82
N GLN B 140 -61.61 23.80 11.95
CA GLN B 140 -62.60 22.85 12.44
C GLN B 140 -62.67 21.63 11.52
N PHE B 141 -62.65 21.87 10.21
CA PHE B 141 -62.64 20.77 9.26
C PHE B 141 -61.40 19.90 9.41
N TYR B 142 -60.27 20.51 9.79
CA TYR B 142 -58.99 19.83 9.75
C TYR B 142 -58.59 19.19 11.08
N GLN B 143 -59.28 19.48 12.18
CA GLN B 143 -58.87 18.92 13.48
C GLN B 143 -58.72 17.41 13.48
N PRO B 144 -59.69 16.61 13.03
CA PRO B 144 -59.47 15.16 13.00
C PRO B 144 -58.27 14.77 12.17
N GLU B 145 -57.99 15.53 11.11
CA GLU B 145 -56.77 15.30 10.35
C GLU B 145 -55.54 15.60 11.20
N ILE B 146 -55.64 16.55 12.13
CA ILE B 146 -54.55 16.78 13.08
C ILE B 146 -54.32 15.52 13.91
N LYS B 147 -55.41 14.94 14.42
CA LYS B 147 -55.27 13.69 15.17
C LYS B 147 -54.58 12.62 14.34
N GLY B 148 -55.04 12.44 13.09
CA GLY B 148 -54.47 11.41 12.25
C GLY B 148 -53.00 11.62 11.97
N MET B 149 -52.61 12.85 11.63
CA MET B 149 -51.20 13.12 11.36
C MET B 149 -50.35 12.88 12.60
N VAL B 150 -50.80 13.37 13.75
CA VAL B 150 -49.99 13.21 14.96
C VAL B 150 -49.83 11.73 15.30
N LEU B 151 -50.85 10.92 15.04
CA LEU B 151 -50.72 9.49 15.29
C LEU B 151 -50.02 8.73 14.17
N LEU B 152 -49.79 9.37 13.02
CA LEU B 152 -49.08 8.73 11.93
C LEU B 152 -47.66 9.22 11.75
N ILE B 153 -47.37 10.48 12.08
CA ILE B 153 -46.00 10.97 12.01
C ILE B 153 -45.10 10.19 12.98
N CYS B 154 -45.60 9.94 14.19
CA CYS B 154 -44.82 9.18 15.15
C CYS B 154 -44.48 7.79 14.62
N LEU B 155 -45.34 7.22 13.77
CA LEU B 155 -45.00 5.96 13.13
C LEU B 155 -43.78 6.11 12.24
N TYR B 156 -43.72 7.19 11.46
CA TYR B 156 -42.52 7.45 10.67
C TYR B 156 -41.32 7.70 11.57
N GLY B 157 -41.51 8.46 12.65
CA GLY B 157 -40.41 8.67 13.58
C GLY B 157 -39.89 7.38 14.16
N GLY B 158 -40.79 6.48 14.55
CA GLY B 158 -40.36 5.20 15.08
C GLY B 158 -39.62 4.36 14.06
N LEU B 159 -40.20 4.22 12.86
CA LEU B 159 -39.54 3.46 11.81
C LEU B 159 -38.16 4.05 11.52
N LEU B 160 -38.03 5.37 11.60
CA LEU B 160 -36.76 6.01 11.33
C LEU B 160 -35.75 5.72 12.43
N VAL B 161 -36.15 5.88 13.69
CA VAL B 161 -35.19 5.75 14.79
C VAL B 161 -34.78 4.30 14.98
N PHE B 162 -35.74 3.37 14.93
CA PHE B 162 -35.41 1.96 15.10
C PHE B 162 -34.66 1.38 13.91
N SER B 163 -34.56 2.12 12.80
CA SER B 163 -33.78 1.69 11.65
C SER B 163 -32.39 2.32 11.61
N VAL B 164 -32.03 3.13 12.61
CA VAL B 164 -30.69 3.69 12.67
C VAL B 164 -29.68 2.61 13.01
N PHE B 165 -30.03 1.72 13.94
CA PHE B 165 -29.10 0.68 14.36
C PHE B 165 -28.75 -0.24 13.19
N PHE B 166 -29.73 -0.56 12.34
CA PHE B 166 -29.51 -1.56 11.30
C PHE B 166 -28.47 -1.10 10.29
N GLN B 167 -28.50 0.18 9.91
CA GLN B 167 -27.50 0.68 8.97
C GLN B 167 -26.09 0.53 9.54
N TYR B 168 -25.90 0.98 10.79
CA TYR B 168 -24.59 0.88 11.42
C TYR B 168 -24.15 -0.57 11.53
N GLY B 169 -25.05 -1.44 11.97
CA GLY B 169 -24.69 -2.84 12.11
C GLY B 169 -24.31 -3.47 10.78
N GLN B 170 -25.06 -3.18 9.73
CA GLN B 170 -24.75 -3.70 8.41
C GLN B 170 -23.38 -3.25 7.95
N HIS B 171 -23.11 -1.94 8.02
CA HIS B 171 -21.82 -1.45 7.54
C HIS B 171 -20.67 -2.01 8.38
N TYR B 172 -20.83 -2.02 9.70
CA TYR B 172 -19.77 -2.51 10.57
C TYR B 172 -19.48 -3.98 10.32
N LEU B 173 -20.53 -4.79 10.16
CA LEU B 173 -20.33 -6.21 9.90
C LEU B 173 -19.67 -6.43 8.54
N LEU B 174 -20.07 -5.67 7.53
CA LEU B 174 -19.45 -5.82 6.22
C LEU B 174 -17.96 -5.51 6.30
N GLN B 175 -17.61 -4.41 6.95
CA GLN B 175 -16.20 -4.05 7.05
C GLN B 175 -15.43 -5.06 7.90
N MET B 176 -16.04 -5.57 8.97
CA MET B 176 -15.39 -6.59 9.78
C MET B 176 -15.11 -7.84 8.95
N SER B 177 -16.09 -8.27 8.15
CA SER B 177 -15.90 -9.45 7.31
C SER B 177 -14.80 -9.20 6.28
N ALA B 178 -14.78 -8.02 5.67
CA ALA B 178 -13.74 -7.72 4.69
C ALA B 178 -12.36 -7.77 5.34
N ASN B 179 -12.22 -7.17 6.52
CA ASN B 179 -10.94 -7.17 7.20
C ASN B 179 -10.52 -8.58 7.60
N ARG B 180 -11.46 -9.39 8.08
CA ARG B 180 -11.15 -10.78 8.43
C ARG B 180 -10.68 -11.55 7.21
N ILE B 181 -11.34 -11.36 6.07
CA ILE B 181 -10.95 -12.06 4.86
C ILE B 181 -9.56 -11.64 4.41
N ILE B 182 -9.26 -10.34 4.48
CA ILE B 182 -7.93 -9.87 4.12
C ILE B 182 -6.88 -10.46 5.05
N GLN B 183 -7.21 -10.53 6.35
CA GLN B 183 -6.30 -11.14 7.31
C GLN B 183 -6.01 -12.59 6.95
N LYS B 184 -7.05 -13.35 6.64
CA LYS B 184 -6.86 -14.76 6.28
C LYS B 184 -6.03 -14.87 5.01
N MET B 185 -6.29 -14.01 4.03
CA MET B 185 -5.53 -14.04 2.78
C MET B 185 -4.05 -13.81 3.05
N ARG B 186 -3.75 -12.78 3.84
CA ARG B 186 -2.35 -12.47 4.14
C ARG B 186 -1.68 -13.62 4.88
N GLN B 187 -2.38 -14.21 5.86
CA GLN B 187 -1.79 -15.31 6.61
C GLN B 187 -1.51 -16.51 5.71
N ASP B 188 -2.45 -16.85 4.83
CA ASP B 188 -2.24 -17.97 3.92
C ASP B 188 -1.06 -17.70 2.98
N VAL B 189 -0.99 -16.47 2.44
CA VAL B 189 0.09 -16.15 1.53
C VAL B 189 1.44 -16.24 2.25
N PHE B 190 1.50 -15.76 3.48
CA PHE B 190 2.77 -15.84 4.22
C PHE B 190 3.15 -17.28 4.51
N SER B 191 2.18 -18.12 4.87
CA SER B 191 2.50 -19.53 5.06
C SER B 191 3.06 -20.14 3.79
N HIS B 192 2.43 -19.86 2.66
CA HIS B 192 2.92 -20.42 1.41
C HIS B 192 4.32 -19.93 1.09
N ILE B 193 4.58 -18.63 1.30
CA ILE B 193 5.92 -18.11 1.03
C ILE B 193 6.93 -18.78 1.94
N GLN B 194 6.52 -19.11 3.16
CA GLN B 194 7.38 -19.92 4.02
C GLN B 194 7.58 -21.32 3.47
N LYS B 195 6.67 -21.80 2.63
CA LYS B 195 6.77 -23.14 2.07
C LYS B 195 7.49 -23.19 0.73
N MET B 196 8.02 -22.08 0.22
CA MET B 196 8.63 -22.05 -1.11
C MET B 196 10.14 -22.23 -1.02
N PRO B 197 10.77 -22.72 -2.09
CA PRO B 197 12.21 -22.95 -2.07
C PRO B 197 13.01 -21.66 -2.21
N ILE B 198 14.32 -21.79 -1.98
CA ILE B 198 15.20 -20.62 -1.96
C ILE B 198 15.40 -20.06 -3.37
N ARG B 199 15.35 -20.92 -4.39
CA ARG B 199 15.48 -20.42 -5.77
C ARG B 199 14.47 -19.32 -6.03
N TYR B 200 13.28 -19.46 -5.46
CA TYR B 200 12.25 -18.44 -5.64
C TYR B 200 12.71 -17.09 -5.11
N PHE B 201 13.35 -17.09 -3.93
CA PHE B 201 13.79 -15.85 -3.31
C PHE B 201 15.04 -15.27 -3.95
N ASP B 202 15.90 -16.11 -4.53
CA ASP B 202 17.19 -15.62 -5.00
C ASP B 202 17.07 -14.77 -6.26
N ASN B 203 16.12 -15.06 -7.13
CA ASN B 203 15.95 -14.34 -8.40
C ASN B 203 14.68 -13.50 -8.42
N LEU B 204 14.15 -13.14 -7.25
CA LEU B 204 12.95 -12.32 -7.16
C LEU B 204 13.22 -11.16 -6.23
N PRO B 205 13.04 -9.90 -6.67
CA PRO B 205 13.26 -8.78 -5.76
C PRO B 205 12.34 -8.85 -4.55
N ALA B 206 12.86 -8.44 -3.40
CA ALA B 206 12.07 -8.47 -2.17
C ALA B 206 10.88 -7.54 -2.23
N GLY B 207 10.91 -6.52 -3.09
CA GLY B 207 9.77 -5.63 -3.24
C GLY B 207 8.63 -6.21 -4.04
N LYS B 208 8.88 -7.24 -4.83
CA LYS B 208 7.84 -7.88 -5.61
C LYS B 208 7.05 -8.92 -4.82
N VAL B 209 7.54 -9.33 -3.65
CA VAL B 209 6.86 -10.32 -2.83
C VAL B 209 6.06 -9.59 -1.76
N VAL B 210 6.58 -8.46 -1.28
CA VAL B 210 5.84 -7.65 -0.33
C VAL B 210 4.61 -7.05 -0.99
N ALA B 211 4.71 -6.70 -2.27
CA ALA B 211 3.57 -6.14 -2.99
C ALA B 211 2.43 -7.15 -3.07
N ARG B 212 2.75 -8.41 -3.37
CA ARG B 212 1.72 -9.42 -3.52
C ARG B 212 1.03 -9.74 -2.20
N ILE B 213 1.64 -9.40 -1.07
CA ILE B 213 1.06 -9.70 0.24
C ILE B 213 0.26 -8.53 0.77
N THR B 214 0.86 -7.33 0.79
CA THR B 214 0.21 -6.16 1.36
C THR B 214 -0.51 -5.31 0.32
N ASN B 215 0.20 -4.90 -0.73
CA ASN B 215 -0.41 -4.02 -1.73
C ASN B 215 -1.54 -4.71 -2.47
N ASP B 216 -1.38 -5.99 -2.80
CA ASP B 216 -2.37 -6.70 -3.60
C ASP B 216 -3.51 -7.27 -2.78
N THR B 217 -3.48 -7.13 -1.46
CA THR B 217 -4.59 -7.53 -0.60
C THR B 217 -5.46 -6.36 -0.16
N GLU B 218 -4.88 -5.16 -0.07
CA GLU B 218 -5.68 -3.99 0.26
C GLU B 218 -6.76 -3.73 -0.77
N ALA B 219 -6.49 -4.05 -2.04
CA ALA B 219 -7.42 -3.75 -3.12
C ALA B 219 -8.57 -4.74 -3.21
N ILE B 220 -8.56 -5.82 -2.43
CA ILE B 220 -9.66 -6.78 -2.44
C ILE B 220 -10.72 -6.45 -1.41
N ARG B 221 -10.45 -5.51 -0.50
CA ARG B 221 -11.42 -5.19 0.54
C ARG B 221 -12.71 -4.63 -0.06
N ASP B 222 -12.58 -3.75 -1.05
CA ASP B 222 -13.75 -3.10 -1.62
C ASP B 222 -14.73 -4.10 -2.21
N LEU B 223 -14.24 -5.27 -2.65
CA LEU B 223 -15.11 -6.27 -3.23
C LEU B 223 -16.17 -6.76 -2.25
N TYR B 224 -15.92 -6.63 -0.95
CA TYR B 224 -16.84 -7.15 0.07
C TYR B 224 -17.63 -6.09 0.78
N VAL B 225 -17.23 -4.82 0.68
CA VAL B 225 -17.91 -3.75 1.40
C VAL B 225 -18.78 -2.97 0.43
N THR B 226 -18.15 -2.16 -0.42
CA THR B 226 -18.89 -1.26 -1.28
C THR B 226 -19.63 -2.01 -2.38
N VAL B 227 -18.94 -2.93 -3.05
CA VAL B 227 -19.56 -3.63 -4.17
C VAL B 227 -20.75 -4.45 -3.70
N LEU B 228 -20.56 -5.23 -2.63
CA LEU B 228 -21.64 -6.06 -2.13
C LEU B 228 -22.80 -5.22 -1.63
N SER B 229 -22.50 -4.17 -0.86
CA SER B 229 -23.58 -3.32 -0.34
C SER B 229 -24.38 -2.70 -1.49
N THR B 230 -23.69 -2.13 -2.47
CA THR B 230 -24.37 -1.48 -3.58
C THR B 230 -25.17 -2.47 -4.40
N PHE B 231 -24.61 -3.65 -4.67
CA PHE B 231 -25.33 -4.65 -5.43
C PHE B 231 -26.60 -5.09 -4.71
N VAL B 232 -26.52 -5.32 -3.40
CA VAL B 232 -27.69 -5.74 -2.66
C VAL B 232 -28.76 -4.64 -2.68
N THR B 233 -28.35 -3.39 -2.41
CA THR B 233 -29.31 -2.30 -2.37
C THR B 233 -29.99 -2.13 -3.73
N SER B 234 -29.20 -2.14 -4.80
CA SER B 234 -29.78 -1.96 -6.14
C SER B 234 -30.68 -3.14 -6.51
N GLY B 235 -30.28 -4.35 -6.15
CA GLY B 235 -31.15 -5.49 -6.42
C GLY B 235 -32.49 -5.36 -5.75
N ILE B 236 -32.50 -4.96 -4.47
CA ILE B 236 -33.77 -4.80 -3.77
C ILE B 236 -34.59 -3.68 -4.40
N TYR B 237 -33.96 -2.55 -4.71
CA TYR B 237 -34.68 -1.43 -5.31
C TYR B 237 -35.32 -1.85 -6.63
N MET B 238 -34.54 -2.51 -7.50
CA MET B 238 -35.07 -2.91 -8.80
C MET B 238 -36.13 -3.99 -8.67
N PHE B 239 -36.00 -4.89 -7.69
CA PHE B 239 -37.06 -5.85 -7.47
C PHE B 239 -38.35 -5.15 -7.09
N GLY B 240 -38.27 -4.16 -6.20
CA GLY B 240 -39.46 -3.41 -5.85
C GLY B 240 -40.08 -2.70 -7.05
N ILE B 241 -39.24 -2.03 -7.84
CA ILE B 241 -39.75 -1.29 -9.00
C ILE B 241 -40.40 -2.26 -9.97
N PHE B 242 -39.75 -3.38 -10.26
CA PHE B 242 -40.25 -4.29 -11.28
C PHE B 242 -41.54 -4.98 -10.83
N THR B 243 -41.58 -5.46 -9.58
CA THR B 243 -42.82 -6.05 -9.08
C THR B 243 -43.93 -5.00 -9.09
N ALA B 244 -43.60 -3.75 -8.78
CA ALA B 244 -44.59 -2.68 -8.89
C ALA B 244 -45.03 -2.51 -10.33
N LEU B 245 -44.09 -2.53 -11.28
CA LEU B 245 -44.44 -2.34 -12.68
C LEU B 245 -45.36 -3.45 -13.18
N PHE B 246 -45.03 -4.70 -12.85
CA PHE B 246 -45.79 -5.82 -13.39
C PHE B 246 -47.25 -5.76 -12.97
N LEU B 247 -47.53 -5.23 -11.78
CA LEU B 247 -48.91 -5.21 -11.30
C LEU B 247 -49.79 -4.31 -12.16
N LEU B 248 -49.27 -3.15 -12.56
CA LEU B 248 -50.07 -2.16 -13.28
C LEU B 248 -49.95 -2.28 -14.79
N ASP B 249 -49.15 -3.20 -15.30
CA ASP B 249 -49.00 -3.32 -16.75
C ASP B 249 -48.30 -4.62 -17.09
N VAL B 250 -48.60 -5.14 -18.27
CA VAL B 250 -47.90 -6.28 -18.84
C VAL B 250 -47.62 -5.96 -20.31
N LYS B 251 -46.48 -6.46 -20.80
CA LYS B 251 -45.91 -6.18 -22.10
C LYS B 251 -45.23 -4.82 -22.13
N LEU B 252 -45.35 -4.00 -21.07
CA LEU B 252 -44.58 -2.78 -20.94
C LEU B 252 -43.55 -2.84 -19.83
N ALA B 253 -43.71 -3.76 -18.87
CA ALA B 253 -42.65 -4.08 -17.93
C ALA B 253 -41.76 -5.19 -18.45
N PHE B 254 -42.28 -6.04 -19.34
CA PHE B 254 -41.45 -7.06 -19.96
C PHE B 254 -40.36 -6.42 -20.81
N VAL B 255 -40.69 -5.35 -21.53
CA VAL B 255 -39.67 -4.64 -22.31
C VAL B 255 -38.65 -4.00 -21.39
N CYS B 256 -39.10 -3.47 -20.25
CA CYS B 256 -38.17 -2.89 -19.28
C CYS B 256 -37.17 -3.94 -18.79
N LEU B 257 -37.59 -5.19 -18.71
CA LEU B 257 -36.67 -6.26 -18.31
C LEU B 257 -35.48 -6.36 -19.25
N ALA B 258 -35.60 -5.83 -20.47
CA ALA B 258 -34.47 -5.79 -21.39
C ALA B 258 -33.28 -5.03 -20.82
N ILE B 259 -33.45 -4.32 -19.70
CA ILE B 259 -32.31 -3.69 -19.06
C ILE B 259 -31.35 -4.74 -18.52
N VAL B 260 -31.88 -5.85 -18.03
CA VAL B 260 -31.02 -6.86 -17.41
C VAL B 260 -29.95 -7.38 -18.38
N PRO B 261 -30.29 -7.82 -19.59
CA PRO B 261 -29.23 -8.23 -20.51
C PRO B 261 -28.21 -7.13 -20.77
N ILE B 262 -28.69 -5.91 -21.04
CA ILE B 262 -27.79 -4.84 -21.46
C ILE B 262 -26.68 -4.65 -20.44
N ILE B 263 -27.05 -4.52 -19.17
CA ILE B 263 -26.04 -4.33 -18.13
C ILE B 263 -25.03 -5.47 -18.19
N TRP B 264 -25.51 -6.71 -18.25
CA TRP B 264 -24.59 -7.83 -18.37
C TRP B 264 -23.66 -7.62 -19.56
N LEU B 265 -24.24 -7.35 -20.73
CA LEU B 265 -23.41 -7.09 -21.90
C LEU B 265 -22.44 -5.95 -21.62
N TRP B 266 -22.95 -4.87 -21.02
CA TRP B 266 -22.08 -3.76 -20.66
C TRP B 266 -20.88 -4.26 -19.87
N SER B 267 -21.15 -5.04 -18.82
CA SER B 267 -20.05 -5.57 -18.01
C SER B 267 -19.06 -6.32 -18.88
N VAL B 268 -19.57 -7.19 -19.75
CA VAL B 268 -18.69 -8.00 -20.59
C VAL B 268 -17.80 -7.09 -21.43
N ILE B 269 -18.36 -6.00 -21.96
CA ILE B 269 -17.55 -5.09 -22.75
C ILE B 269 -16.56 -4.34 -21.86
N TYR B 270 -17.00 -3.94 -20.67
CA TYR B 270 -16.10 -3.23 -19.77
C TYR B 270 -14.96 -4.13 -19.33
N ARG B 271 -15.28 -5.31 -18.80
CA ARG B 271 -14.26 -6.20 -18.26
C ARG B 271 -13.11 -6.37 -19.24
N ARG B 272 -13.43 -6.76 -20.48
CA ARG B 272 -12.38 -7.10 -21.43
C ARG B 272 -11.30 -6.05 -21.49
N TYR B 273 -11.69 -4.77 -21.35
CA TYR B 273 -10.69 -3.71 -21.34
C TYR B 273 -10.14 -3.47 -19.95
N ALA B 274 -11.04 -3.30 -18.97
CA ALA B 274 -10.58 -2.97 -17.62
C ALA B 274 -9.64 -4.03 -17.09
N SER B 275 -9.75 -5.26 -17.57
CA SER B 275 -8.78 -6.29 -17.22
C SER B 275 -7.38 -5.89 -17.68
N TYR B 276 -7.21 -5.75 -18.99
CA TYR B 276 -5.86 -5.61 -19.55
C TYR B 276 -5.11 -4.47 -18.87
N TYR B 277 -5.73 -3.30 -18.77
CA TYR B 277 -5.06 -2.17 -18.14
C TYR B 277 -4.74 -2.49 -16.68
N ASN B 278 -5.73 -3.00 -15.94
CA ASN B 278 -5.54 -3.19 -14.51
C ASN B 278 -4.31 -4.04 -14.23
N GLN B 279 -4.23 -5.21 -14.87
CA GLN B 279 -3.04 -6.05 -14.77
C GLN B 279 -1.78 -5.19 -14.87
N LYS B 280 -1.63 -4.48 -15.98
CA LYS B 280 -0.42 -3.68 -16.18
C LYS B 280 -0.20 -2.76 -14.99
N ILE B 281 -1.23 -1.99 -14.61
CA ILE B 281 -1.10 -1.12 -13.45
C ILE B 281 -0.53 -1.90 -12.28
N ARG B 282 -1.21 -2.98 -11.90
CA ARG B 282 -0.75 -3.77 -10.77
C ARG B 282 0.71 -4.16 -10.96
N SER B 283 1.04 -4.70 -12.13
CA SER B 283 2.42 -5.10 -12.39
C SER B 283 3.37 -3.95 -12.10
N ILE B 284 3.10 -2.79 -12.70
CA ILE B 284 3.99 -1.65 -12.52
C ILE B 284 4.12 -1.31 -11.04
N ASN B 285 3.00 -1.38 -10.31
CA ASN B 285 3.05 -1.11 -8.88
C ASN B 285 4.15 -1.93 -8.22
N SER B 286 4.12 -3.25 -8.47
CA SER B 286 5.15 -4.11 -7.90
C SER B 286 6.54 -3.57 -8.23
N ASP B 287 6.77 -3.29 -9.51
CA ASP B 287 8.07 -2.78 -9.92
C ASP B 287 8.46 -1.56 -9.10
N ILE B 288 7.53 -0.62 -8.95
CA ILE B 288 7.84 0.58 -8.18
C ILE B 288 8.33 0.20 -6.80
N ASN B 289 7.59 -0.69 -6.12
CA ASN B 289 8.01 -1.12 -4.80
C ASN B 289 9.43 -1.67 -4.85
N ALA B 290 9.71 -2.55 -5.80
CA ALA B 290 11.05 -3.07 -5.95
C ALA B 290 12.05 -1.92 -6.10
N LYS B 291 11.75 -0.98 -6.99
CA LYS B 291 12.66 0.15 -7.19
C LYS B 291 12.78 0.98 -5.92
N MET B 292 11.72 1.06 -5.13
CA MET B 292 11.81 1.79 -3.87
C MET B 292 12.58 1.01 -2.81
N ASN B 293 12.66 -0.31 -2.93
CA ASN B 293 13.39 -1.11 -1.97
C ASN B 293 14.84 -1.35 -2.41
N GLU B 294 15.03 -1.62 -3.69
CA GLU B 294 16.38 -1.81 -4.21
C GLU B 294 17.22 -0.54 -4.05
N SER B 295 16.62 0.61 -4.36
CA SER B 295 17.37 1.87 -4.28
C SER B 295 17.63 2.27 -2.83
N ILE B 296 16.61 2.17 -1.97
CA ILE B 296 16.77 2.61 -0.60
C ILE B 296 17.84 1.78 0.11
N GLN B 297 17.80 0.46 -0.08
CA GLN B 297 18.78 -0.40 0.57
C GLN B 297 20.19 -0.17 0.07
N GLY B 298 20.35 0.47 -1.09
CA GLY B 298 21.66 0.73 -1.65
C GLY B 298 21.85 2.20 -1.98
N MET B 299 21.30 3.08 -1.14
CA MET B 299 21.39 4.51 -1.41
C MET B 299 22.82 5.02 -1.27
N THR B 300 23.60 4.46 -0.33
CA THR B 300 24.95 4.96 -0.11
C THR B 300 25.80 4.82 -1.36
N ILE B 301 25.70 3.68 -2.05
CA ILE B 301 26.46 3.49 -3.28
C ILE B 301 25.92 4.38 -4.39
N ILE B 302 24.60 4.53 -4.47
CA ILE B 302 24.00 5.37 -5.50
C ILE B 302 24.50 6.80 -5.37
N GLN B 303 24.56 7.32 -4.13
CA GLN B 303 25.05 8.67 -3.92
C GLN B 303 26.57 8.75 -4.09
N ALA B 304 27.29 7.72 -3.63
CA ALA B 304 28.75 7.77 -3.67
C ALA B 304 29.26 7.80 -5.11
N PHE B 305 28.61 7.08 -6.02
CA PHE B 305 29.00 7.03 -7.42
C PHE B 305 28.17 7.96 -8.29
N ARG B 306 27.36 8.84 -7.68
CA ARG B 306 26.61 9.85 -8.41
C ARG B 306 25.71 9.21 -9.47
N HIS B 307 24.93 8.23 -9.04
CA HIS B 307 23.97 7.55 -9.91
C HIS B 307 22.55 8.04 -9.70
N GLN B 308 22.38 9.20 -9.06
CA GLN B 308 21.04 9.70 -8.77
C GLN B 308 20.26 9.97 -10.05
N LYS B 309 20.89 10.60 -11.03
CA LYS B 309 20.19 10.96 -12.26
C LYS B 309 19.66 9.72 -12.97
N GLU B 310 20.51 8.70 -13.13
CA GLU B 310 20.08 7.48 -13.79
C GLU B 310 19.01 6.76 -12.99
N THR B 311 19.16 6.70 -11.67
CA THR B 311 18.16 6.03 -10.84
C THR B 311 16.81 6.73 -10.94
N MET B 312 16.81 8.06 -10.89
CA MET B 312 15.57 8.79 -11.07
C MET B 312 15.00 8.55 -12.46
N ARG B 313 15.85 8.55 -13.49
CA ARG B 313 15.39 8.25 -14.83
C ARG B 313 14.82 6.84 -14.91
N GLU B 314 15.50 5.88 -14.27
CA GLU B 314 14.98 4.51 -14.22
C GLU B 314 13.64 4.47 -13.53
N PHE B 315 13.50 5.18 -12.41
CA PHE B 315 12.23 5.22 -11.69
C PHE B 315 11.16 5.93 -12.51
N GLU B 316 11.54 7.02 -13.19
CA GLU B 316 10.54 7.82 -13.90
C GLU B 316 9.87 7.03 -15.02
N GLU B 317 10.56 6.05 -15.60
CA GLU B 317 9.93 5.24 -16.64
C GLU B 317 8.75 4.45 -16.08
N LEU B 318 8.93 3.84 -14.92
CA LEU B 318 7.84 3.09 -14.30
C LEU B 318 6.69 4.01 -13.90
N ASN B 319 7.02 5.17 -13.33
CA ASN B 319 5.98 6.12 -12.97
C ASN B 319 5.19 6.58 -14.19
N GLU B 320 5.90 6.86 -15.29
CA GLU B 320 5.23 7.29 -16.51
C GLU B 320 4.34 6.19 -17.07
N SER B 321 4.82 4.94 -17.05
CA SER B 321 4.00 3.84 -17.53
C SER B 321 2.74 3.69 -16.67
N HIS B 322 2.90 3.77 -15.35
CA HIS B 322 1.76 3.68 -14.45
C HIS B 322 0.75 4.80 -14.73
N PHE B 323 1.25 6.02 -14.88
CA PHE B 323 0.37 7.15 -15.15
C PHE B 323 -0.34 6.99 -16.48
N TYR B 324 0.38 6.53 -17.50
CA TYR B 324 -0.23 6.33 -18.81
C TYR B 324 -1.35 5.29 -18.73
N PHE B 325 -1.08 4.16 -18.09
CA PHE B 325 -2.09 3.11 -18.03
C PHE B 325 -3.26 3.51 -17.14
N GLN B 326 -3.02 4.33 -16.12
CA GLN B 326 -4.14 4.88 -15.36
C GLN B 326 -4.98 5.79 -16.24
N ASN B 327 -4.33 6.57 -17.10
CA ASN B 327 -5.07 7.41 -18.04
C ASN B 327 -5.88 6.57 -19.02
N ARG B 328 -5.31 5.45 -19.48
CA ARG B 328 -6.07 4.56 -20.36
C ARG B 328 -7.32 4.03 -19.68
N MET B 329 -7.28 3.85 -18.36
CA MET B 329 -8.47 3.50 -17.62
C MET B 329 -9.41 4.69 -17.46
N LEU B 330 -8.89 5.91 -17.56
CA LEU B 330 -9.75 7.09 -17.52
C LEU B 330 -10.72 7.09 -18.69
N ASN B 331 -10.25 6.75 -19.88
CA ASN B 331 -11.13 6.73 -21.04
C ASN B 331 -12.25 5.70 -20.86
N LEU B 332 -11.90 4.51 -20.39
CA LEU B 332 -12.92 3.48 -20.19
C LEU B 332 -13.91 3.90 -19.10
N ASN B 333 -13.40 4.46 -18.00
CA ASN B 333 -14.28 4.91 -16.93
C ASN B 333 -15.11 6.12 -17.33
N SER B 334 -14.72 6.82 -18.40
CA SER B 334 -15.48 7.96 -18.87
C SER B 334 -16.52 7.57 -19.92
N LEU B 335 -16.22 6.59 -20.76
CA LEU B 335 -17.21 6.14 -21.74
C LEU B 335 -18.32 5.34 -21.07
N MET B 336 -17.96 4.43 -20.18
CA MET B 336 -18.92 3.54 -19.50
C MET B 336 -19.03 3.99 -18.05
N SER B 337 -19.94 4.93 -17.81
CA SER B 337 -20.15 5.48 -16.47
C SER B 337 -21.55 6.06 -16.42
N HIS B 338 -21.80 6.90 -15.41
CA HIS B 338 -23.08 7.62 -15.32
C HIS B 338 -23.57 8.05 -16.70
N ASN B 339 -22.65 8.47 -17.55
CA ASN B 339 -23.00 8.96 -18.88
C ASN B 339 -23.85 7.97 -19.65
N LEU B 340 -23.39 6.73 -19.77
CA LEU B 340 -24.05 5.76 -20.63
C LEU B 340 -25.46 5.44 -20.13
N VAL B 341 -25.64 5.37 -18.82
CA VAL B 341 -26.98 5.10 -18.29
C VAL B 341 -27.91 6.28 -18.55
N ASN B 342 -27.39 7.50 -18.46
CA ASN B 342 -28.20 8.66 -18.81
C ASN B 342 -28.51 8.69 -20.31
N VAL B 343 -27.59 8.17 -21.13
CA VAL B 343 -27.87 8.04 -22.55
C VAL B 343 -29.03 7.07 -22.78
N ILE B 344 -29.05 5.96 -22.05
CA ILE B 344 -30.11 4.97 -22.21
C ILE B 344 -31.44 5.55 -21.72
N ARG B 345 -31.42 6.32 -20.64
CA ARG B 345 -32.65 6.90 -20.12
C ARG B 345 -33.34 7.77 -21.15
N ASN B 346 -32.57 8.64 -21.82
CA ASN B 346 -33.13 9.47 -22.87
C ASN B 346 -33.60 8.62 -24.04
N LEU B 347 -32.85 7.57 -24.37
CA LEU B 347 -33.30 6.65 -25.41
C LEU B 347 -34.61 5.98 -25.01
N ALA B 348 -34.74 5.60 -23.74
CA ALA B 348 -35.98 5.01 -23.28
C ALA B 348 -37.14 5.99 -23.40
N PHE B 349 -36.92 7.25 -23.02
CA PHE B 349 -37.97 8.25 -23.17
C PHE B 349 -38.36 8.41 -24.64
N VAL B 350 -37.36 8.44 -25.53
CA VAL B 350 -37.65 8.61 -26.96
C VAL B 350 -38.45 7.42 -27.47
N CYS B 351 -38.08 6.20 -27.07
CA CYS B 351 -38.84 5.03 -27.49
C CYS B 351 -40.27 5.08 -26.99
N LEU B 352 -40.46 5.47 -25.73
CA LEU B 352 -41.80 5.59 -25.18
C LEU B 352 -42.62 6.62 -25.94
N ILE B 353 -42.02 7.77 -26.25
CA ILE B 353 -42.73 8.81 -26.97
C ILE B 353 -43.09 8.35 -28.37
N TRP B 354 -42.16 7.70 -29.06
CA TRP B 354 -42.43 7.25 -30.42
C TRP B 354 -43.52 6.18 -30.45
N HIS B 355 -43.48 5.23 -29.50
CA HIS B 355 -44.50 4.19 -29.46
C HIS B 355 -45.86 4.78 -29.11
N PHE B 356 -45.93 5.57 -28.04
CA PHE B 356 -47.19 6.19 -27.66
C PHE B 356 -47.54 7.36 -28.56
N GLY B 357 -46.53 8.05 -29.11
CA GLY B 357 -46.81 9.08 -30.09
C GLY B 357 -47.51 8.53 -31.32
N GLY B 358 -47.13 7.32 -31.74
CA GLY B 358 -47.83 6.64 -32.81
C GLY B 358 -49.18 6.07 -32.39
N ALA B 359 -49.46 6.03 -31.08
CA ALA B 359 -50.75 5.62 -30.57
C ALA B 359 -51.62 6.80 -30.17
N SER B 360 -51.03 7.96 -29.90
CA SER B 360 -51.80 9.15 -29.55
C SER B 360 -52.53 9.72 -30.76
N LEU B 361 -52.26 9.24 -31.97
CA LEU B 361 -52.98 9.72 -33.14
C LEU B 361 -54.47 9.47 -33.00
N ASN B 362 -54.84 8.31 -32.46
CA ASN B 362 -56.23 7.98 -32.19
C ASN B 362 -56.61 8.26 -30.73
N ALA B 363 -55.73 8.91 -29.98
CA ALA B 363 -55.98 9.21 -28.56
C ALA B 363 -56.15 7.94 -27.74
N ALA B 364 -55.48 6.85 -28.16
CA ALA B 364 -55.62 5.59 -27.45
C ALA B 364 -55.04 5.68 -26.04
N GLY B 365 -53.88 6.33 -25.89
CA GLY B 365 -53.20 6.34 -24.60
C GLY B 365 -53.86 7.24 -23.58
N ILE B 366 -54.57 8.27 -24.02
CA ILE B 366 -55.17 9.21 -23.07
C ILE B 366 -56.30 8.55 -22.30
N VAL B 367 -57.09 7.72 -22.97
CA VAL B 367 -58.13 6.96 -22.28
C VAL B 367 -57.49 5.95 -21.34
N SER B 368 -56.38 5.35 -21.75
CA SER B 368 -55.61 4.42 -20.92
C SER B 368 -54.41 5.11 -20.28
N ILE B 369 -54.53 6.40 -19.95
CA ILE B 369 -53.42 7.15 -19.36
C ILE B 369 -53.19 6.81 -17.91
N GLY B 370 -53.98 5.91 -17.33
CA GLY B 370 -53.74 5.47 -15.97
C GLY B 370 -52.41 4.76 -15.80
N VAL B 371 -51.79 4.34 -16.90
CA VAL B 371 -50.51 3.63 -16.86
C VAL B 371 -49.38 4.50 -17.38
N LEU B 372 -49.57 5.82 -17.41
CA LEU B 372 -48.53 6.73 -17.87
C LEU B 372 -47.79 7.41 -16.72
N TYR B 373 -48.51 8.00 -15.77
CA TYR B 373 -47.85 8.63 -14.63
C TYR B 373 -47.02 7.61 -13.87
N ALA B 374 -47.65 6.49 -13.51
CA ALA B 374 -46.94 5.46 -12.75
C ALA B 374 -45.78 4.88 -13.54
N PHE B 375 -45.99 4.63 -14.84
CA PHE B 375 -44.91 4.07 -15.65
C PHE B 375 -43.73 5.01 -15.74
N VAL B 376 -43.98 6.30 -15.96
CA VAL B 376 -42.89 7.25 -16.07
C VAL B 376 -42.15 7.37 -14.74
N ASP B 377 -42.91 7.42 -13.63
CA ASP B 377 -42.27 7.52 -12.33
C ASP B 377 -41.39 6.30 -12.06
N TYR B 378 -41.90 5.10 -12.36
CA TYR B 378 -41.12 3.89 -12.14
C TYR B 378 -39.90 3.84 -13.04
N LEU B 379 -40.04 4.26 -14.30
CA LEU B 379 -38.91 4.28 -15.20
C LEU B 379 -37.81 5.23 -14.69
N ASN B 380 -38.22 6.40 -14.20
CA ASN B 380 -37.23 7.33 -13.65
C ASN B 380 -36.57 6.75 -12.41
N ARG B 381 -37.35 6.13 -11.52
CA ARG B 381 -36.76 5.52 -10.33
C ARG B 381 -35.86 4.34 -10.67
N LEU B 382 -36.07 3.71 -11.82
CA LEU B 382 -35.30 2.52 -12.18
C LEU B 382 -33.82 2.82 -12.32
N PHE B 383 -33.48 3.95 -12.93
CA PHE B 383 -32.10 4.22 -13.28
C PHE B 383 -31.26 4.75 -12.12
N GLN B 384 -31.88 5.18 -11.03
CA GLN B 384 -31.09 5.55 -9.85
C GLN B 384 -30.34 4.36 -9.29
N PRO B 385 -30.95 3.21 -9.06
CA PRO B 385 -30.16 2.03 -8.66
C PRO B 385 -29.09 1.64 -9.67
N ILE B 386 -29.40 1.68 -10.96
CA ILE B 386 -28.47 1.17 -11.96
C ILE B 386 -27.18 1.97 -11.95
N THR B 387 -27.29 3.30 -11.85
CA THR B 387 -26.09 4.12 -11.76
C THR B 387 -25.24 3.71 -10.57
N GLY B 388 -25.85 3.12 -9.54
CA GLY B 388 -25.08 2.68 -8.39
C GLY B 388 -24.16 1.52 -8.71
N ILE B 389 -24.63 0.56 -9.50
CA ILE B 389 -23.85 -0.65 -9.72
C ILE B 389 -22.81 -0.44 -10.82
N VAL B 390 -23.15 0.32 -11.86
CA VAL B 390 -22.21 0.52 -12.96
C VAL B 390 -20.93 1.17 -12.44
N ASN B 391 -21.03 1.98 -11.38
CA ASN B 391 -19.84 2.58 -10.80
C ASN B 391 -18.99 1.57 -10.02
N GLN B 392 -19.53 0.39 -9.74
CA GLN B 392 -18.80 -0.63 -8.99
C GLN B 392 -17.98 -1.55 -9.89
N PHE B 393 -18.12 -1.44 -11.22
CA PHE B 393 -17.39 -2.31 -12.11
C PHE B 393 -15.88 -2.09 -11.99
N SER B 394 -15.45 -0.84 -11.87
CA SER B 394 -14.03 -0.56 -11.76
C SER B 394 -13.43 -1.23 -10.52
N LYS B 395 -14.08 -1.05 -9.37
CA LYS B 395 -13.59 -1.68 -8.15
C LYS B 395 -13.63 -3.19 -8.27
N LEU B 396 -14.69 -3.73 -8.86
CA LEU B 396 -14.80 -5.18 -9.01
C LEU B 396 -13.65 -5.73 -9.85
N GLU B 397 -13.33 -5.06 -10.96
CA GLU B 397 -12.26 -5.54 -11.82
C GLU B 397 -10.89 -5.41 -11.15
N LEU B 398 -10.66 -4.30 -10.44
CA LEU B 398 -9.40 -4.15 -9.73
C LEU B 398 -9.24 -5.25 -8.68
N ALA B 399 -10.31 -5.53 -7.93
CA ALA B 399 -10.26 -6.58 -6.93
C ALA B 399 -10.05 -7.95 -7.57
N ARG B 400 -10.69 -8.20 -8.71
CA ARG B 400 -10.49 -9.47 -9.39
C ARG B 400 -9.05 -9.65 -9.80
N VAL B 401 -8.44 -8.59 -10.37
CA VAL B 401 -7.06 -8.69 -10.82
C VAL B 401 -6.13 -8.93 -9.63
N SER B 402 -6.33 -8.18 -8.54
CA SER B 402 -5.49 -8.36 -7.36
C SER B 402 -5.64 -9.78 -6.79
N ALA B 403 -6.89 -10.27 -6.73
CA ALA B 403 -7.11 -11.61 -6.22
C ALA B 403 -6.45 -12.66 -7.10
N GLY B 404 -6.52 -12.48 -8.42
CA GLY B 404 -5.84 -13.42 -9.31
C GLY B 404 -4.34 -13.39 -9.11
N ARG B 405 -3.76 -12.21 -8.94
CA ARG B 405 -2.32 -12.12 -8.71
C ARG B 405 -1.93 -12.77 -7.38
N VAL B 406 -2.78 -12.67 -6.37
CA VAL B 406 -2.49 -13.33 -5.10
C VAL B 406 -2.62 -14.85 -5.24
N PHE B 407 -3.66 -15.30 -5.95
CA PHE B 407 -3.91 -16.73 -6.04
C PHE B 407 -2.89 -17.44 -6.90
N GLU B 408 -2.37 -16.79 -7.94
CA GLU B 408 -1.34 -17.44 -8.75
C GLU B 408 -0.09 -17.71 -7.91
N LEU B 409 0.18 -16.86 -6.92
CA LEU B 409 1.25 -17.16 -5.97
C LEU B 409 0.82 -18.24 -4.99
N LEU B 410 -0.41 -18.18 -4.50
CA LEU B 410 -0.89 -19.15 -3.52
C LEU B 410 -1.06 -20.55 -4.10
N GLU B 411 -0.99 -20.70 -5.43
CA GLU B 411 -1.21 -21.99 -6.09
C GLU B 411 0.04 -22.51 -6.78
N GLU B 412 1.22 -22.01 -6.39
CA GLU B 412 2.45 -22.46 -7.02
C GLU B 412 2.64 -23.97 -6.81
N LYS B 413 2.99 -24.67 -7.89
CA LYS B 413 3.16 -26.12 -7.80
C LYS B 413 4.43 -26.48 -7.02
N ASN B 414 5.54 -25.80 -7.31
CA ASN B 414 6.77 -26.06 -6.59
C ASN B 414 6.62 -25.72 -5.12
N THR B 415 6.95 -26.67 -4.25
CA THR B 415 6.80 -26.48 -2.82
C THR B 415 7.51 -27.60 -2.09
N GLU B 416 8.04 -27.28 -0.92
CA GLU B 416 8.77 -28.23 -0.09
C GLU B 416 7.97 -28.47 1.20
N GLU B 417 7.83 -29.74 1.57
CA GLU B 417 7.04 -30.09 2.73
C GLU B 417 7.76 -29.65 4.01
N ALA B 418 7.10 -29.88 5.14
CA ALA B 418 7.61 -29.46 6.44
C ALA B 418 7.53 -30.61 7.42
N GLY B 419 8.37 -30.54 8.46
CA GLY B 419 8.39 -31.53 9.51
C GLY B 419 8.49 -30.90 10.88
N GLU B 420 9.17 -31.57 11.81
CA GLU B 420 9.37 -31.07 13.15
C GLU B 420 10.84 -31.18 13.52
N PRO B 421 11.31 -30.32 14.43
CA PRO B 421 12.73 -30.39 14.81
C PRO B 421 13.17 -31.78 15.26
N ALA B 422 14.48 -32.00 15.32
CA ALA B 422 15.00 -33.31 15.64
C ALA B 422 14.60 -33.73 17.06
N LYS B 423 14.35 -35.02 17.22
CA LYS B 423 13.97 -35.57 18.52
C LYS B 423 15.17 -36.06 19.32
N GLU B 424 16.18 -36.61 18.65
CA GLU B 424 17.38 -37.13 19.31
C GLU B 424 18.61 -36.45 18.72
N ARG B 425 19.49 -35.97 19.60
CA ARG B 425 20.68 -35.26 19.15
C ARG B 425 21.56 -36.16 18.30
N ALA B 426 22.01 -35.63 17.16
CA ALA B 426 22.82 -36.42 16.24
C ALA B 426 24.22 -36.64 16.79
N LEU B 427 24.80 -37.78 16.46
CA LEU B 427 26.16 -38.08 16.88
C LEU B 427 27.14 -37.08 16.26
N GLY B 428 26.94 -36.75 14.99
CA GLY B 428 27.81 -35.80 14.31
C GLY B 428 28.59 -36.43 13.17
N ARG B 429 28.02 -37.46 12.56
CA ARG B 429 28.66 -38.17 11.45
C ARG B 429 28.06 -37.63 10.16
N VAL B 430 28.81 -36.78 9.46
CA VAL B 430 28.39 -36.16 8.22
C VAL B 430 29.24 -36.70 7.09
N GLU B 431 28.60 -37.13 6.01
CA GLU B 431 29.29 -37.77 4.90
C GLU B 431 28.74 -37.28 3.58
N PHE B 432 29.63 -36.93 2.66
CA PHE B 432 29.28 -36.61 1.29
C PHE B 432 29.79 -37.74 0.40
N ARG B 433 28.90 -38.27 -0.45
CA ARG B 433 29.21 -39.41 -1.30
C ARG B 433 28.91 -39.03 -2.76
N ASP B 434 29.96 -38.82 -3.55
CA ASP B 434 29.82 -38.69 -5.00
C ASP B 434 28.82 -37.60 -5.37
N VAL B 435 28.85 -36.50 -4.64
CA VAL B 435 27.87 -35.43 -4.82
C VAL B 435 28.29 -34.59 -6.02
N SER B 436 27.38 -34.46 -6.98
CA SER B 436 27.54 -33.55 -8.11
C SER B 436 26.39 -32.56 -8.11
N PHE B 437 26.71 -31.28 -8.27
CA PHE B 437 25.72 -30.22 -8.13
C PHE B 437 25.88 -29.22 -9.27
N ALA B 438 24.76 -28.61 -9.66
CA ALA B 438 24.74 -27.62 -10.72
C ALA B 438 23.63 -26.62 -10.44
N TYR B 439 23.99 -25.39 -10.10
CA TYR B 439 22.98 -24.36 -9.90
C TYR B 439 22.18 -24.14 -11.18
N GLN B 440 22.86 -24.04 -12.31
CA GLN B 440 22.25 -23.84 -13.61
C GLN B 440 22.44 -25.10 -14.46
N GLU B 441 21.45 -25.37 -15.31
CA GLU B 441 21.45 -26.62 -16.07
C GLU B 441 22.73 -26.73 -16.90
N GLY B 442 23.36 -27.90 -16.84
CA GLY B 442 24.51 -28.19 -17.67
C GLY B 442 25.83 -27.61 -17.19
N GLU B 443 25.88 -27.09 -15.97
CA GLU B 443 27.09 -26.46 -15.43
C GLU B 443 27.32 -26.99 -14.02
N GLU B 444 28.17 -28.00 -13.90
CA GLU B 444 28.44 -28.63 -12.61
C GLU B 444 29.35 -27.70 -11.79
N VAL B 445 28.82 -27.20 -10.67
CA VAL B 445 29.63 -26.39 -9.78
C VAL B 445 30.40 -27.25 -8.79
N LEU B 446 29.94 -28.47 -8.53
CA LEU B 446 30.67 -29.45 -7.75
C LEU B 446 30.68 -30.76 -8.51
N LYS B 447 31.83 -31.41 -8.59
CA LYS B 447 32.00 -32.63 -9.36
C LYS B 447 32.64 -33.70 -8.48
N HIS B 448 31.86 -34.73 -8.14
CA HIS B 448 32.36 -35.90 -7.41
C HIS B 448 33.01 -35.47 -6.08
N ILE B 449 32.18 -34.92 -5.21
CA ILE B 449 32.60 -34.55 -3.86
C ILE B 449 32.42 -35.76 -2.96
N SER B 450 33.49 -36.14 -2.26
CA SER B 450 33.47 -37.33 -1.41
C SER B 450 34.32 -37.06 -0.18
N PHE B 451 33.71 -37.12 0.99
CA PHE B 451 34.46 -37.01 2.23
C PHE B 451 33.57 -37.42 3.39
N THR B 452 34.19 -37.54 4.57
CA THR B 452 33.49 -38.00 5.77
C THR B 452 33.98 -37.20 6.96
N ALA B 453 33.05 -36.75 7.80
CA ALA B 453 33.36 -36.04 9.03
C ALA B 453 32.86 -36.87 10.19
N GLN B 454 33.76 -37.16 11.13
CA GLN B 454 33.44 -37.97 12.30
C GLN B 454 33.17 -37.07 13.50
N LYS B 455 32.47 -37.62 14.48
CA LYS B 455 32.17 -36.85 15.68
C LYS B 455 33.46 -36.43 16.37
N GLY B 456 33.47 -35.20 16.88
CA GLY B 456 34.62 -34.68 17.58
C GLY B 456 35.76 -34.26 16.69
N GLU B 457 35.55 -34.14 15.38
CA GLU B 457 36.57 -33.74 14.44
C GLU B 457 36.28 -32.32 13.95
N THR B 458 37.20 -31.79 13.15
CA THR B 458 37.08 -30.45 12.59
C THR B 458 37.52 -30.52 11.13
N VAL B 459 36.55 -30.57 10.21
CA VAL B 459 36.84 -30.62 8.79
C VAL B 459 36.90 -29.19 8.27
N ALA B 460 38.03 -28.83 7.66
CA ALA B 460 38.26 -27.49 7.14
C ALA B 460 38.21 -27.53 5.62
N LEU B 461 37.49 -26.58 5.03
CA LEU B 461 37.37 -26.46 3.59
C LEU B 461 38.18 -25.26 3.12
N VAL B 462 39.10 -25.49 2.20
CA VAL B 462 39.97 -24.45 1.66
C VAL B 462 39.91 -24.51 0.15
N GLY B 463 40.22 -23.39 -0.49
CA GLY B 463 40.24 -23.33 -1.94
C GLY B 463 40.18 -21.90 -2.41
N HIS B 464 40.43 -21.74 -3.71
CA HIS B 464 40.39 -20.41 -4.31
C HIS B 464 38.96 -19.91 -4.39
N THR B 465 38.83 -18.59 -4.57
CA THR B 465 37.51 -17.98 -4.65
C THR B 465 36.69 -18.62 -5.76
N GLY B 466 35.42 -18.88 -5.47
CA GLY B 466 34.54 -19.51 -6.43
C GLY B 466 34.68 -21.01 -6.53
N SER B 467 35.39 -21.65 -5.59
CA SER B 467 35.61 -23.09 -5.69
C SER B 467 34.30 -23.86 -5.54
N GLY B 468 33.47 -23.49 -4.57
CA GLY B 468 32.21 -24.19 -4.35
C GLY B 468 32.00 -24.65 -2.92
N LYS B 469 32.72 -24.05 -1.97
CA LYS B 469 32.60 -24.46 -0.58
C LYS B 469 31.23 -24.10 -0.01
N SER B 470 30.81 -22.84 -0.19
CA SER B 470 29.48 -22.47 0.26
C SER B 470 28.40 -23.27 -0.46
N SER B 471 28.68 -23.78 -1.65
CA SER B 471 27.75 -24.70 -2.30
C SER B 471 27.66 -26.01 -1.52
N ILE B 472 28.79 -26.49 -0.99
CA ILE B 472 28.75 -27.66 -0.13
C ILE B 472 27.87 -27.37 1.09
N LEU B 473 28.03 -26.19 1.68
CA LEU B 473 27.18 -25.82 2.81
C LEU B 473 25.71 -25.82 2.41
N ASN B 474 25.40 -25.25 1.24
CA ASN B 474 24.02 -25.21 0.77
C ASN B 474 23.44 -26.61 0.63
N LEU B 475 24.21 -27.52 0.04
CA LEU B 475 23.74 -28.89 -0.11
C LEU B 475 23.53 -29.54 1.25
N LEU B 476 24.44 -29.31 2.19
CA LEU B 476 24.30 -29.90 3.51
C LEU B 476 23.02 -29.43 4.19
N PHE B 477 22.72 -28.13 4.08
CA PHE B 477 21.50 -27.58 4.66
C PHE B 477 20.28 -27.83 3.80
N ARG B 478 20.45 -28.39 2.61
CA ARG B 478 19.34 -28.69 1.71
C ARG B 478 18.60 -27.42 1.29
N PHE B 479 19.30 -26.29 1.27
CA PHE B 479 18.76 -25.13 0.56
C PHE B 479 18.59 -25.45 -0.92
N TYR B 480 19.54 -26.19 -1.48
CA TYR B 480 19.51 -26.61 -2.88
C TYR B 480 19.73 -28.11 -2.92
N ASP B 481 18.85 -28.81 -3.63
CA ASP B 481 18.99 -30.25 -3.75
C ASP B 481 20.12 -30.62 -4.70
N ALA B 482 20.78 -31.73 -4.41
CA ALA B 482 21.84 -32.23 -5.28
C ALA B 482 21.24 -32.81 -6.56
N GLN B 483 22.11 -33.35 -7.42
CA GLN B 483 21.68 -33.90 -8.68
C GLN B 483 22.20 -35.33 -8.88
N LYS B 484 23.31 -35.66 -8.24
CA LYS B 484 23.87 -37.01 -8.32
C LYS B 484 24.78 -37.21 -7.14
N GLY B 485 24.47 -38.18 -6.29
CA GLY B 485 25.19 -38.43 -5.06
C GLY B 485 24.29 -38.30 -3.85
N ASP B 486 24.88 -38.53 -2.68
CA ASP B 486 24.13 -38.55 -1.44
C ASP B 486 24.86 -37.77 -0.36
N VAL B 487 24.07 -37.28 0.60
CA VAL B 487 24.59 -36.68 1.82
C VAL B 487 23.92 -37.40 2.99
N LEU B 488 24.74 -37.87 3.93
CA LEU B 488 24.25 -38.70 5.02
C LEU B 488 24.66 -38.09 6.35
N ILE B 489 23.68 -37.82 7.20
CA ILE B 489 23.91 -37.54 8.61
C ILE B 489 23.79 -38.86 9.36
N ASP B 490 24.83 -39.23 10.08
CA ASP B 490 24.94 -40.58 10.65
C ASP B 490 24.85 -41.54 9.46
N GLY B 491 23.96 -42.52 9.47
CA GLY B 491 23.72 -43.37 8.32
C GLY B 491 22.51 -42.98 7.51
N LYS B 492 21.75 -41.98 7.95
CA LYS B 492 20.52 -41.59 7.29
C LYS B 492 20.80 -40.53 6.23
N SER B 493 20.26 -40.75 5.03
CA SER B 493 20.37 -39.74 3.98
C SER B 493 19.57 -38.50 4.36
N ILE B 494 20.10 -37.33 4.01
CA ILE B 494 19.42 -36.09 4.35
C ILE B 494 18.17 -35.86 3.52
N TYR B 495 17.96 -36.67 2.47
CA TYR B 495 16.79 -36.52 1.62
C TYR B 495 15.60 -37.34 2.09
N ASN B 496 15.80 -38.29 3.00
CA ASN B 496 14.71 -38.99 3.63
C ASN B 496 14.22 -38.32 4.91
N MET B 497 14.96 -37.35 5.43
CA MET B 497 14.60 -36.63 6.64
C MET B 497 13.90 -35.33 6.28
N SER B 498 13.08 -34.85 7.21
CA SER B 498 12.47 -33.54 7.03
C SER B 498 13.54 -32.46 7.10
N ARG B 499 13.36 -31.41 6.30
CA ARG B 499 14.34 -30.34 6.27
C ARG B 499 14.49 -29.69 7.64
N GLN B 500 13.39 -29.55 8.38
CA GLN B 500 13.47 -28.94 9.70
C GLN B 500 14.33 -29.76 10.64
N GLU B 501 14.22 -31.09 10.58
CA GLU B 501 15.04 -31.94 11.43
C GLU B 501 16.53 -31.80 11.07
N LEU B 502 16.84 -31.90 9.78
CA LEU B 502 18.22 -31.77 9.33
C LEU B 502 18.81 -30.44 9.77
N ARG B 503 18.06 -29.35 9.56
CA ARG B 503 18.56 -28.03 9.92
C ARG B 503 18.59 -27.83 11.43
N SER B 504 17.81 -28.59 12.19
CA SER B 504 17.89 -28.56 13.64
C SER B 504 19.09 -29.36 14.16
N HIS B 505 19.63 -30.27 13.35
CA HIS B 505 20.82 -30.99 13.74
C HIS B 505 22.07 -30.12 13.75
N MET B 506 22.01 -28.91 13.20
CA MET B 506 23.21 -28.11 13.01
C MET B 506 22.89 -26.62 13.12
N GLY B 507 23.88 -25.85 13.56
CA GLY B 507 23.79 -24.41 13.60
C GLY B 507 24.93 -23.76 12.85
N ILE B 508 24.61 -22.74 12.04
CA ILE B 508 25.55 -22.23 11.05
C ILE B 508 25.79 -20.74 11.25
N VAL B 509 26.99 -20.30 10.91
CA VAL B 509 27.35 -18.90 10.81
C VAL B 509 27.48 -18.59 9.33
N LEU B 510 26.51 -17.87 8.77
CA LEU B 510 26.49 -17.63 7.35
C LEU B 510 27.60 -16.65 6.95
N GLN B 511 27.95 -16.68 5.66
CA GLN B 511 29.05 -15.85 5.18
C GLN B 511 28.79 -14.38 5.43
N ASP B 512 27.58 -13.91 5.11
CA ASP B 512 27.21 -12.52 5.29
C ASP B 512 26.20 -12.43 6.42
N PRO B 513 26.59 -11.97 7.61
CA PRO B 513 25.65 -11.98 8.74
C PRO B 513 24.45 -11.11 8.49
N TYR B 514 23.31 -11.54 9.04
CA TYR B 514 22.06 -10.78 8.98
C TYR B 514 21.57 -10.56 10.41
N LEU B 515 21.17 -9.34 10.71
CA LEU B 515 20.68 -8.98 12.04
C LEU B 515 19.24 -8.49 11.91
N PHE B 516 18.36 -9.05 12.72
CA PHE B 516 16.96 -8.66 12.73
C PHE B 516 16.75 -7.46 13.63
N SER B 517 15.58 -6.83 13.51
CA SER B 517 15.22 -5.74 14.38
C SER B 517 15.00 -6.25 15.80
N GLY B 518 15.29 -5.38 16.77
CA GLY B 518 15.14 -5.69 18.17
C GLY B 518 16.43 -5.45 18.91
N THR B 519 16.57 -6.11 20.05
CA THR B 519 17.76 -5.97 20.87
C THR B 519 18.84 -6.95 20.43
N ILE B 520 20.06 -6.73 20.92
CA ILE B 520 21.16 -7.65 20.62
C ILE B 520 20.86 -9.03 21.18
N GLY B 521 20.28 -9.09 22.38
CA GLY B 521 19.88 -10.37 22.94
C GLY B 521 18.86 -11.08 22.08
N SER B 522 17.97 -10.32 21.44
CA SER B 522 16.99 -10.94 20.54
C SER B 522 17.70 -11.61 19.36
N ASN B 523 18.67 -10.92 18.76
CA ASN B 523 19.40 -11.52 17.65
C ASN B 523 20.18 -12.74 18.11
N VAL B 524 20.83 -12.67 19.27
CA VAL B 524 21.61 -13.79 19.76
C VAL B 524 20.71 -14.98 20.06
N SER B 525 19.49 -14.73 20.53
CA SER B 525 18.56 -15.79 20.92
C SER B 525 17.50 -16.08 19.89
N LEU B 526 17.26 -15.17 18.95
CA LEU B 526 16.24 -15.31 17.92
C LEU B 526 14.83 -15.48 18.51
N ASP B 527 14.65 -15.20 19.79
CA ASP B 527 13.35 -15.31 20.44
C ASP B 527 12.79 -16.72 20.31
N ASP B 528 13.53 -17.69 20.83
CA ASP B 528 13.11 -19.09 20.79
C ASP B 528 14.02 -19.88 21.71
N GLU B 529 13.70 -21.16 21.88
CA GLU B 529 14.47 -22.05 22.75
C GLU B 529 14.42 -21.49 24.17
N ARG B 530 15.51 -21.64 24.92
CA ARG B 530 15.61 -21.13 26.29
C ARG B 530 16.50 -19.89 26.27
N MET B 531 15.87 -18.72 26.24
CA MET B 531 16.60 -17.45 26.13
C MET B 531 16.92 -16.89 27.52
N THR B 532 17.63 -17.69 28.30
CA THR B 532 18.11 -17.21 29.59
C THR B 532 19.17 -16.15 29.36
N GLU B 533 19.03 -15.01 30.04
CA GLU B 533 19.95 -13.90 29.81
C GLU B 533 21.38 -14.30 30.14
N GLU B 534 21.55 -15.12 31.18
CA GLU B 534 22.89 -15.57 31.54
C GLU B 534 23.51 -16.37 30.40
N GLU B 535 22.73 -17.25 29.76
CA GLU B 535 23.27 -18.03 28.66
C GLU B 535 23.66 -17.15 27.48
N ILE B 536 22.83 -16.16 27.15
CA ILE B 536 23.15 -15.25 26.06
C ILE B 536 24.43 -14.49 26.37
N LYS B 537 24.55 -13.99 27.60
CA LYS B 537 25.78 -13.28 27.98
C LYS B 537 26.98 -14.19 27.93
N ASN B 538 26.81 -15.46 28.31
CA ASN B 538 27.91 -16.41 28.24
C ASN B 538 28.35 -16.61 26.79
N ALA B 539 27.40 -16.74 25.88
CA ALA B 539 27.75 -16.88 24.47
C ALA B 539 28.49 -15.65 23.96
N LEU B 540 28.00 -14.46 24.33
CA LEU B 540 28.64 -13.22 23.89
C LEU B 540 30.08 -13.15 24.42
N ARG B 541 30.28 -13.53 25.67
CA ARG B 541 31.63 -13.53 26.23
C ARG B 541 32.51 -14.58 25.54
N GLN B 542 31.94 -15.74 25.20
CA GLN B 542 32.69 -16.76 24.49
C GLN B 542 33.19 -16.23 23.16
N VAL B 543 32.33 -15.53 22.42
CA VAL B 543 32.73 -14.97 21.13
C VAL B 543 33.67 -13.79 21.28
N GLY B 544 33.84 -13.26 22.48
CA GLY B 544 34.70 -12.12 22.69
C GLY B 544 34.06 -10.78 22.49
N ALA B 545 32.73 -10.70 22.56
CA ALA B 545 32.00 -9.46 22.33
C ALA B 545 31.86 -8.60 23.58
N GLU B 546 32.49 -8.99 24.68
CA GLU B 546 32.32 -8.27 25.94
C GLU B 546 32.53 -6.77 25.79
N PRO B 547 33.59 -6.28 25.13
CA PRO B 547 33.76 -4.83 25.01
C PRO B 547 32.53 -4.15 24.42
N LEU B 548 31.93 -4.74 23.39
CA LEU B 548 30.75 -4.15 22.78
C LEU B 548 29.68 -3.90 23.83
N LEU B 549 29.53 -4.83 24.77
CA LEU B 549 28.53 -4.66 25.82
C LEU B 549 28.87 -3.48 26.72
N LYS B 550 30.14 -3.34 27.13
CA LYS B 550 30.49 -2.25 28.02
C LYS B 550 30.64 -0.93 27.28
N LYS B 551 30.59 -0.93 25.96
CA LYS B 551 30.50 0.29 25.17
C LYS B 551 29.06 0.69 24.88
N LEU B 552 28.08 -0.05 25.42
CA LEU B 552 26.68 0.25 25.23
C LEU B 552 26.01 0.45 26.59
N PRO B 553 24.99 1.32 26.66
CA PRO B 553 24.35 1.59 27.96
C PRO B 553 23.57 0.40 28.50
N LYS B 554 22.69 -0.17 27.68
CA LYS B 554 21.79 -1.22 28.12
C LYS B 554 22.31 -2.62 27.84
N GLY B 555 23.54 -2.75 27.35
CA GLY B 555 24.09 -4.08 27.14
C GLY B 555 23.28 -4.85 26.10
N ILE B 556 22.97 -6.10 26.45
CA ILE B 556 22.25 -6.98 25.52
C ILE B 556 20.86 -6.45 25.19
N ASN B 557 20.37 -5.47 25.93
CA ASN B 557 19.08 -4.86 25.65
C ASN B 557 19.19 -3.66 24.72
N GLU B 558 20.38 -3.35 24.23
CA GLU B 558 20.53 -2.22 23.31
C GLU B 558 19.74 -2.49 22.04
N PRO B 559 18.89 -1.56 21.59
CA PRO B 559 18.12 -1.80 20.37
C PRO B 559 19.03 -1.92 19.16
N VAL B 560 18.60 -2.74 18.20
CA VAL B 560 19.33 -2.96 16.95
C VAL B 560 18.45 -2.46 15.82
N ILE B 561 18.95 -1.47 15.08
CA ILE B 561 18.19 -0.95 13.94
C ILE B 561 18.12 -2.01 12.85
N GLU B 562 17.21 -1.79 11.90
CA GLU B 562 17.08 -2.70 10.77
C GLU B 562 18.43 -2.93 10.12
N LYS B 563 18.79 -4.21 9.97
CA LYS B 563 20.08 -4.64 9.42
C LYS B 563 21.26 -4.30 10.32
N GLY B 564 21.00 -3.84 11.53
CA GLY B 564 22.10 -3.46 12.41
C GLY B 564 22.99 -2.40 11.83
N SER B 565 22.39 -1.35 11.25
CA SER B 565 23.18 -0.32 10.59
C SER B 565 24.12 0.38 11.57
N THR B 566 23.75 0.46 12.84
CA THR B 566 24.55 1.16 13.85
C THR B 566 25.53 0.23 14.54
N LEU B 567 25.96 -0.84 13.88
CA LEU B 567 26.96 -1.75 14.41
C LEU B 567 28.00 -2.00 13.34
N SER B 568 29.27 -2.04 13.74
CA SER B 568 30.34 -2.34 12.79
C SER B 568 30.19 -3.76 12.27
N SER B 569 30.66 -3.97 11.04
CA SER B 569 30.53 -5.28 10.42
C SER B 569 31.13 -6.38 11.30
N GLY B 570 32.27 -6.10 11.93
CA GLY B 570 32.84 -7.08 12.85
C GLY B 570 31.93 -7.37 14.03
N GLU B 571 31.29 -6.33 14.56
CA GLU B 571 30.37 -6.55 15.67
C GLU B 571 29.15 -7.36 15.23
N ARG B 572 28.65 -7.11 14.02
CA ARG B 572 27.56 -7.93 13.51
C ARG B 572 27.99 -9.38 13.37
N GLN B 573 29.21 -9.61 12.87
CA GLN B 573 29.71 -10.97 12.75
C GLN B 573 29.84 -11.64 14.11
N LEU B 574 30.31 -10.89 15.12
CA LEU B 574 30.40 -11.46 16.46
C LEU B 574 29.03 -11.81 17.00
N ILE B 575 28.04 -10.95 16.75
CA ILE B 575 26.68 -11.24 17.22
C ILE B 575 26.15 -12.49 16.55
N SER B 576 26.34 -12.63 15.24
CA SER B 576 25.88 -13.83 14.54
C SER B 576 26.63 -15.06 15.04
N PHE B 577 27.92 -14.92 15.33
CA PHE B 577 28.71 -16.03 15.83
C PHE B 577 28.19 -16.50 17.18
N ALA B 578 27.86 -15.54 18.05
CA ALA B 578 27.29 -15.87 19.35
C ALA B 578 25.92 -16.50 19.19
N ARG B 579 25.13 -16.02 18.23
CA ARG B 579 23.84 -16.65 17.95
C ARG B 579 24.03 -18.11 17.57
N ALA B 580 25.00 -18.39 16.71
CA ALA B 580 25.26 -19.77 16.31
C ALA B 580 25.70 -20.61 17.49
N LEU B 581 26.55 -20.05 18.36
CA LEU B 581 27.08 -20.82 19.48
C LEU B 581 26.09 -20.95 20.64
N ALA B 582 25.04 -20.15 20.67
CA ALA B 582 24.10 -20.19 21.78
C ALA B 582 23.14 -21.36 21.71
N PHE B 583 22.94 -21.94 20.52
CA PHE B 583 22.04 -23.06 20.37
C PHE B 583 22.68 -24.40 20.71
N ASP B 584 23.98 -24.42 21.01
CA ASP B 584 24.70 -25.64 21.32
C ASP B 584 24.43 -26.70 20.24
N PRO B 585 24.69 -26.39 18.98
CA PRO B 585 24.35 -27.33 17.91
C PRO B 585 25.24 -28.57 17.96
N ALA B 586 24.66 -29.69 17.50
CA ALA B 586 25.45 -30.92 17.38
C ALA B 586 26.55 -30.76 16.35
N ILE B 587 26.24 -30.12 15.23
CA ILE B 587 27.20 -29.84 14.16
C ILE B 587 27.26 -28.32 14.01
N LEU B 588 28.47 -27.77 14.14
CA LEU B 588 28.69 -26.34 14.01
C LEU B 588 29.37 -26.07 12.67
N ILE B 589 28.82 -25.14 11.91
CA ILE B 589 29.31 -24.80 10.58
C ILE B 589 29.71 -23.33 10.59
N LEU B 590 30.96 -23.05 10.24
CA LEU B 590 31.46 -21.70 10.13
C LEU B 590 31.81 -21.42 8.68
N ASP B 591 31.25 -20.35 8.12
CA ASP B 591 31.44 -19.98 6.72
C ASP B 591 32.18 -18.65 6.69
N GLU B 592 33.51 -18.72 6.73
CA GLU B 592 34.34 -17.53 6.78
C GLU B 592 33.88 -16.62 7.92
N ALA B 593 33.72 -17.22 9.09
CA ALA B 593 33.17 -16.48 10.23
C ALA B 593 34.04 -15.30 10.62
N THR B 594 35.35 -15.49 10.68
CA THR B 594 36.27 -14.43 11.07
C THR B 594 36.87 -13.77 9.83
N ALA B 595 36.01 -13.02 9.15
CA ALA B 595 36.42 -12.25 7.98
C ALA B 595 36.59 -10.78 8.30
N HIS B 596 35.71 -10.20 9.10
CA HIS B 596 35.78 -8.81 9.51
C HIS B 596 36.16 -8.66 10.98
N ILE B 597 36.73 -9.72 11.58
CA ILE B 597 37.08 -9.74 13.00
C ILE B 597 38.60 -9.77 13.11
N ASP B 598 39.13 -8.92 13.99
CA ASP B 598 40.57 -8.76 14.12
C ASP B 598 41.22 -10.05 14.60
N THR B 599 42.55 -10.06 14.68
CA THR B 599 43.27 -11.27 15.07
C THR B 599 43.17 -11.55 16.57
N GLU B 600 43.10 -10.51 17.39
CA GLU B 600 42.97 -10.72 18.84
C GLU B 600 41.65 -11.40 19.17
N THR B 601 40.55 -10.84 18.68
CA THR B 601 39.24 -11.46 18.89
C THR B 601 39.18 -12.82 18.21
N GLU B 602 39.86 -12.98 17.08
CA GLU B 602 39.89 -14.28 16.42
C GLU B 602 40.57 -15.33 17.31
N ALA B 603 41.68 -14.95 17.96
CA ALA B 603 42.34 -15.87 18.86
C ALA B 603 41.46 -16.19 20.06
N VAL B 604 40.76 -15.19 20.58
CA VAL B 604 39.84 -15.45 21.70
C VAL B 604 38.75 -16.43 21.26
N ILE B 605 38.21 -16.24 20.06
CA ILE B 605 37.17 -17.14 19.54
C ILE B 605 37.73 -18.55 19.39
N GLN B 606 38.94 -18.67 18.86
CA GLN B 606 39.55 -19.99 18.71
C GLN B 606 39.74 -20.67 20.05
N LYS B 607 40.20 -19.91 21.06
CA LYS B 607 40.34 -20.47 22.40
C LYS B 607 39.01 -20.95 22.94
N ALA B 608 37.94 -20.16 22.75
CA ALA B 608 36.63 -20.58 23.21
C ALA B 608 36.17 -21.84 22.50
N LEU B 609 36.43 -21.92 21.19
CA LEU B 609 36.02 -23.08 20.42
C LEU B 609 36.74 -24.34 20.91
N ASP B 610 38.06 -24.24 21.10
CA ASP B 610 38.84 -25.43 21.42
C ASP B 610 38.36 -26.11 22.70
N VAL B 611 37.84 -25.33 23.66
CA VAL B 611 37.47 -25.88 24.95
C VAL B 611 36.36 -26.91 24.80
N VAL B 612 35.38 -26.63 23.95
CA VAL B 612 34.20 -27.47 23.85
C VAL B 612 34.06 -28.06 22.45
N LYS B 613 35.18 -28.29 21.78
CA LYS B 613 35.19 -28.91 20.46
C LYS B 613 35.55 -30.40 20.51
N GLN B 614 35.61 -30.99 21.70
CA GLN B 614 35.94 -32.40 21.84
C GLN B 614 34.73 -33.30 21.68
N GLY B 615 33.52 -32.75 21.63
CA GLY B 615 32.32 -33.55 21.48
C GLY B 615 31.32 -32.93 20.52
N ARG B 616 31.82 -32.20 19.53
CA ARG B 616 30.95 -31.49 18.59
C ARG B 616 31.64 -31.39 17.24
N THR B 617 31.02 -31.96 16.21
CA THR B 617 31.57 -31.86 14.87
C THR B 617 31.57 -30.41 14.40
N THR B 618 32.60 -30.03 13.64
CA THR B 618 32.75 -28.66 13.20
C THR B 618 33.18 -28.64 11.74
N PHE B 619 32.55 -27.78 10.95
CA PHE B 619 32.95 -27.49 9.58
C PHE B 619 33.42 -26.05 9.51
N VAL B 620 34.64 -25.85 9.02
CA VAL B 620 35.25 -24.52 8.96
C VAL B 620 35.61 -24.22 7.52
N ILE B 621 34.99 -23.20 6.95
CA ILE B 621 35.35 -22.67 5.65
C ILE B 621 36.08 -21.36 5.90
N ALA B 622 37.39 -21.37 5.74
CA ALA B 622 38.21 -20.23 6.13
C ALA B 622 39.23 -19.92 5.04
N HIS B 623 39.34 -18.65 4.69
CA HIS B 623 40.45 -18.16 3.88
C HIS B 623 41.64 -17.75 4.72
N ARG B 624 41.48 -17.69 6.04
CA ARG B 624 42.58 -17.46 6.97
C ARG B 624 43.07 -18.84 7.42
N LEU B 625 44.14 -19.32 6.80
CA LEU B 625 44.62 -20.67 7.08
C LEU B 625 45.11 -20.84 8.51
N SER B 626 45.33 -19.74 9.24
CA SER B 626 45.76 -19.86 10.63
C SER B 626 44.71 -20.54 11.49
N THR B 627 43.43 -20.21 11.27
CA THR B 627 42.39 -20.76 12.14
C THR B 627 42.23 -22.27 11.96
N ILE B 628 42.56 -22.79 10.79
CA ILE B 628 42.42 -24.21 10.50
C ILE B 628 43.79 -24.90 10.50
N ARG B 629 44.81 -24.29 11.09
CA ARG B 629 46.14 -24.89 11.09
C ARG B 629 46.13 -26.23 11.79
N ASN B 630 45.45 -26.33 12.94
CA ASN B 630 45.33 -27.58 13.68
C ASN B 630 43.89 -28.07 13.49
N ALA B 631 43.67 -28.79 12.40
CA ALA B 631 42.38 -29.36 12.08
C ALA B 631 42.56 -30.83 11.71
N ASP B 632 41.52 -31.62 11.97
CA ASP B 632 41.63 -33.06 11.76
C ASP B 632 41.93 -33.39 10.31
N GLN B 633 41.25 -32.70 9.38
CA GLN B 633 41.56 -32.85 7.97
C GLN B 633 41.17 -31.58 7.23
N ILE B 634 42.03 -31.12 6.35
CA ILE B 634 41.77 -30.00 5.46
C ILE B 634 41.53 -30.56 4.07
N LEU B 635 40.63 -29.89 3.34
CA LEU B 635 40.31 -30.23 1.97
C LEU B 635 40.51 -29.00 1.10
N VAL B 636 41.19 -29.17 -0.03
CA VAL B 636 41.46 -28.07 -0.95
C VAL B 636 40.60 -28.29 -2.19
N LEU B 637 39.77 -27.29 -2.52
CA LEU B 637 38.89 -27.35 -3.65
C LEU B 637 39.45 -26.53 -4.81
N ASP B 638 39.20 -27.00 -6.03
CA ASP B 638 39.72 -26.35 -7.22
C ASP B 638 38.70 -26.55 -8.33
N LYS B 639 37.98 -25.48 -8.68
CA LYS B 639 36.97 -25.52 -9.73
C LYS B 639 35.82 -26.46 -9.38
N GLY B 640 35.54 -26.60 -8.09
CA GLY B 640 34.46 -27.47 -7.66
C GLY B 640 34.86 -28.91 -7.46
N GLU B 641 36.16 -29.20 -7.32
CA GLU B 641 36.64 -30.56 -7.14
C GLU B 641 37.71 -30.57 -6.06
N ILE B 642 37.68 -31.59 -5.21
CA ILE B 642 38.67 -31.72 -4.15
C ILE B 642 39.91 -32.38 -4.74
N VAL B 643 41.03 -31.65 -4.73
CA VAL B 643 42.27 -32.10 -5.34
C VAL B 643 43.24 -32.65 -4.30
N GLU B 644 43.30 -32.02 -3.12
CA GLU B 644 44.20 -32.44 -2.06
C GLU B 644 43.45 -32.47 -0.74
N ARG B 645 43.88 -33.35 0.16
CA ARG B 645 43.25 -33.46 1.46
C ARG B 645 44.24 -34.08 2.44
N GLY B 646 43.96 -33.88 3.72
CA GLY B 646 44.72 -34.51 4.79
C GLY B 646 45.05 -33.52 5.87
N ASN B 647 45.89 -33.94 6.80
CA ASN B 647 46.31 -33.03 7.87
C ASN B 647 47.26 -31.99 7.31
N HIS B 648 47.50 -30.94 8.10
CA HIS B 648 48.32 -29.83 7.64
C HIS B 648 49.73 -30.30 7.30
N GLU B 649 50.32 -31.15 8.14
CA GLU B 649 51.66 -31.65 7.86
C GLU B 649 51.69 -32.44 6.56
N GLU B 650 50.66 -33.26 6.31
CA GLU B 650 50.60 -33.99 5.05
C GLU B 650 50.49 -33.04 3.86
N LEU B 651 49.68 -31.99 3.99
CA LEU B 651 49.54 -31.04 2.89
C LEU B 651 50.85 -30.32 2.59
N MET B 652 51.56 -29.90 3.63
CA MET B 652 52.84 -29.22 3.41
C MET B 652 53.90 -30.17 2.89
N ALA B 653 53.88 -31.43 3.32
CA ALA B 653 54.90 -32.38 2.92
C ALA B 653 54.87 -32.68 1.41
N LEU B 654 53.75 -32.39 0.74
CA LEU B 654 53.61 -32.66 -0.68
C LEU B 654 53.50 -31.38 -1.50
N GLU B 655 53.91 -30.24 -0.94
CA GLU B 655 53.83 -28.97 -1.64
C GLU B 655 52.40 -28.74 -2.10
N GLY B 656 52.18 -28.24 -3.30
CA GLY B 656 50.83 -28.10 -3.82
C GLY B 656 50.21 -26.74 -3.53
N GLN B 657 48.93 -26.66 -3.86
CA GLN B 657 48.20 -25.40 -3.72
C GLN B 657 48.15 -24.96 -2.27
N TYR B 658 47.89 -25.88 -1.34
CA TYR B 658 47.85 -25.50 0.07
C TYR B 658 49.20 -25.00 0.52
N TYR B 659 50.29 -25.67 0.10
CA TYR B 659 51.62 -25.21 0.45
C TYR B 659 51.86 -23.79 -0.04
N GLN B 660 51.52 -23.53 -1.31
CA GLN B 660 51.74 -22.20 -1.87
C GLN B 660 50.92 -21.16 -1.12
N MET B 661 49.65 -21.45 -0.85
CA MET B 661 48.79 -20.48 -0.18
C MET B 661 49.26 -20.21 1.24
N TYR B 662 49.68 -21.26 1.97
CA TYR B 662 50.18 -21.07 3.32
C TYR B 662 51.46 -20.24 3.32
N GLU B 663 52.36 -20.54 2.38
CA GLU B 663 53.61 -19.77 2.31
C GLU B 663 53.33 -18.31 1.99
N LEU B 664 52.40 -18.04 1.06
CA LEU B 664 52.05 -16.66 0.76
C LEU B 664 51.43 -15.97 1.98
N GLN B 665 50.51 -16.66 2.67
CA GLN B 665 49.96 -16.10 3.90
C GLN B 665 51.05 -15.93 4.95
N LYS B 666 51.92 -16.90 5.08
CA LYS B 666 53.06 -16.77 5.98
C LYS B 666 53.95 -15.63 5.53
N GLY B 667 54.59 -14.98 6.50
CA GLY B 667 55.42 -13.84 6.21
C GLY B 667 56.52 -14.15 5.20
N GLN B 668 56.58 -13.36 4.13
CA GLN B 668 57.66 -13.51 3.16
C GLN B 668 59.02 -13.27 3.79
N LYS B 669 59.05 -12.57 4.92
CA LYS B 669 60.27 -12.30 5.68
C LYS B 669 61.33 -13.39 5.51
MG MG C . 34.92 -1.26 8.97
PG ATP D . 35.23 -3.09 11.99
O1G ATP D . 36.62 -3.55 12.23
O2G ATP D . 34.16 -4.01 12.57
O3G ATP D . 34.93 -2.82 10.51
PB ATP D . 35.47 -0.20 12.62
O1B ATP D . 36.82 -0.05 13.18
O2B ATP D . 35.28 0.25 11.17
O3B ATP D . 34.98 -1.69 12.70
PA ATP D . 33.21 1.61 13.22
O1A ATP D . 33.77 2.94 12.90
O2A ATP D . 32.29 1.00 12.16
O3A ATP D . 34.37 0.56 13.48
O5' ATP D . 32.43 1.65 14.58
C5' ATP D . 32.95 2.38 15.72
C4' ATP D . 31.98 2.32 16.86
O4' ATP D . 30.79 3.04 16.45
C3' ATP D . 31.50 0.90 17.12
O3' ATP D . 30.97 0.90 18.44
C2' ATP D . 30.28 0.80 16.20
O2' ATP D . 29.36 -0.06 16.86
C1' ATP D . 29.68 2.18 16.39
N9 ATP D . 28.88 2.61 15.25
C8 ATP D . 29.08 2.27 13.93
N7 ATP D . 28.22 2.81 13.11
C5 ATP D . 27.39 3.55 13.94
C6 ATP D . 26.27 4.36 13.69
N6 ATP D . 25.75 4.56 12.47
N1 ATP D . 25.68 4.96 14.75
C2 ATP D . 26.18 4.77 15.97
N3 ATP D . 27.23 4.02 16.33
C4 ATP D . 27.80 3.43 15.26
H5'1 ATP D . 33.79 1.97 15.99
H5'2 ATP D . 33.11 3.30 15.46
H4' ATP D . 32.38 2.71 17.66
H3' ATP D . 32.16 0.22 16.96
HO3' ATP D . 30.92 0.08 18.69
H2' ATP D . 30.47 0.53 15.29
HO2' ATP D . 28.65 -0.08 16.39
H1' ATP D . 29.15 2.22 17.20
H8 ATP D . 29.77 1.70 13.65
HN61 ATP D . 25.07 5.08 12.37
HN62 ATP D . 26.10 4.18 11.79
H2 ATP D . 25.74 5.20 16.67
C1 HT1 E . -41.52 18.31 -9.65
O1 HT1 E . -42.87 18.28 -9.43
C2 HT1 E . -41.03 17.70 -10.79
C3 HT1 E . -39.67 17.72 -11.06
C4 HT1 E . -38.80 18.33 -10.19
C5 HT1 E . -39.30 18.92 -9.04
C6 HT1 E . -40.65 18.92 -8.77
C7 HT1 E . -37.36 18.37 -10.40
N1 HT1 E . -36.66 17.28 -10.80
C8 HT1 E . -35.34 17.67 -10.90
C9 HT1 E . -35.31 19.02 -10.55
N2 HT1 E . -36.59 19.44 -10.23
C10 HT1 E . -34.09 19.68 -10.55
C11 HT1 E . -32.95 18.91 -10.48
C12 HT1 E . -32.97 17.59 -10.90
C13 HT1 E . -34.18 17.00 -11.26
C14 HT1 E . -31.71 16.93 -11.23
N3 HT1 E . -30.50 17.29 -10.74
C15 HT1 E . -29.57 16.46 -11.34
C16 HT1 E . -30.27 15.74 -12.30
N4 HT1 E . -31.62 16.05 -12.22
C17 HT1 E . -29.62 14.74 -13.03
C18 HT1 E . -28.27 14.56 -12.85
C19 HT1 E . -27.56 15.37 -11.95
C20 HT1 E . -28.25 16.17 -11.05
N5 HT1 E . -26.21 15.10 -11.74
C21 HT1 E . -25.15 15.50 -12.66
C22 HT1 E . -24.34 14.29 -13.05
N6 HT1 E . -23.79 13.64 -11.85
C23 HT1 E . -24.88 13.22 -10.98
C24 HT1 E . -25.70 14.41 -10.55
C25 HT1 E . -22.98 12.49 -12.24
C26 HT1 E . -43.50 19.19 -8.51
C27 HT1 E . -43.46 20.56 -9.12
H2 HT1 E . -41.62 17.30 -11.39
H3 HT1 E . -39.35 17.31 -11.83
H5 HT1 E . -38.72 19.34 -8.45
H6 HT1 E . -40.96 19.33 -8.00
HN1 HT1 E . -36.98 16.49 -10.97
H10 HT1 E . -34.06 20.60 -10.42
H11 HT1 E . -32.14 19.34 -10.31
H13 HT1 E . -34.21 16.14 -11.59
HN3 HT1 E . -30.35 17.85 -10.11
H17 HT1 E . -30.07 14.26 -13.68
H18 HT1 E . -27.81 13.99 -13.41
H20 HT1 E . -27.81 16.57 -10.34
H211 HT1 E . -25.54 15.91 -13.45
H212 HT1 E . -24.59 16.16 -12.24
H221 HT1 E . -24.90 13.66 -13.53
H222 HT1 E . -23.63 14.55 -13.64
H231 HT1 E . -25.44 12.57 -11.44
H232 HT1 E . -24.52 12.78 -10.20
H241 HT1 E . -25.15 15.01 -10.03
H242 HT1 E . -26.43 14.13 -9.99
H251 HT1 E . -22.64 12.06 -11.43
H252 HT1 E . -23.53 11.87 -12.74
H253 HT1 E . -22.24 12.79 -12.79
H261 HT1 E . -44.42 18.92 -8.34
H262 HT1 E . -43.05 19.18 -7.65
H271 HT1 E . -44.08 21.13 -8.62
H272 HT1 E . -42.57 20.91 -9.05
H273 HT1 E . -43.74 20.50 -10.04
P POV F . -40.33 20.32 -37.92
C1 POV F . -38.94 22.48 -37.28
C2 POV F . -38.67 23.86 -37.88
C3 POV F . -39.89 24.74 -37.92
C210 POV F . -31.46 23.75 -45.77
C310 POV F . -35.62 24.94 -28.67
O11 POV F . -39.41 21.61 -38.29
C211 POV F . -31.28 22.28 -45.54
C311 POV F . -35.90 25.34 -27.23
O12 POV F . -41.71 20.79 -38.71
C212 POV F . -32.33 21.47 -46.28
C312 POV F . -35.57 24.25 -26.23
O13 POV F . -40.59 20.37 -36.44
C313 POV F . -35.49 24.71 -24.79
O14 POV F . -39.80 19.08 -38.56
C314 POV F . -34.35 24.06 -24.02
C315 POV F . -32.98 24.63 -24.38
C316 POV F . -31.89 23.57 -24.43
C21 POV F . -37.27 24.64 -39.65
O21 POV F . -38.19 23.78 -39.22
C22 POV F . -37.36 24.84 -41.14
O22 POV F . -36.48 25.20 -38.93
C23 POV F . -36.64 26.08 -41.65
C24 POV F . -35.22 25.77 -42.09
C25 POV F . -34.32 26.99 -42.09
C26 POV F . -33.10 26.85 -43.00
C27 POV F . -32.20 25.68 -42.64
C28 POV F . -32.42 24.46 -43.52
C29 POV F . -31.94 24.67 -44.93
C31 POV F . -40.73 26.43 -36.49
O31 POV F . -40.08 25.28 -36.62
C32 POV F . -40.32 27.11 -35.22
O32 POV F . -41.54 26.84 -37.28
C33 POV F . -38.82 27.23 -35.03
C34 POV F . -38.48 28.04 -33.78
C35 POV F . -39.01 27.44 -32.48
C36 POV F . -38.51 28.20 -31.26
C37 POV F . -37.10 27.83 -30.84
C38 POV F . -37.05 26.55 -30.01
C39 POV F . -35.64 26.10 -29.66
H29 POV F . -31.98 25.55 -45.22
H1 POV F . -38.12 22.13 -36.89
H1A POV F . -39.56 22.58 -36.55
H2 POV F . -38.02 24.32 -37.31
H3 POV F . -39.74 25.45 -38.56
H3A POV F . -40.67 24.24 -38.20
H310 POV F . -34.75 24.51 -28.71
H31A POV F . -36.27 24.27 -28.95
H210 POV F . -31.20 24.05 -46.61
H211 POV F . -30.40 22.02 -45.84
H21A POV F . -31.32 22.07 -44.59
H311 POV F . -35.39 26.14 -27.01
H31B POV F . -36.84 25.60 -27.14
H22 POV F . -36.99 24.03 -41.55
H22A POV F . -38.29 24.85 -41.39
H32 POV F . -40.75 27.98 -35.19
H312 POV F . -36.24 23.54 -26.31
H32A POV F . -40.72 26.60 -34.49
H31C POV F . -34.72 23.84 -26.48
H23 POV F . -37.13 26.46 -42.39
H23A POV F . -36.62 26.76 -40.95
H33 POV F . -38.42 26.35 -34.96
H313 POV F . -35.39 25.68 -24.77
H33A POV F . -38.43 27.66 -35.80
H31D POV F . -36.34 24.53 -24.34
H24 POV F . -34.83 25.09 -41.51
H24A POV F . -35.24 25.38 -42.98
H34 POV F . -37.52 28.14 -33.72
H314 POV F . -34.50 24.16 -23.07
H34A POV F . -38.84 28.93 -33.87
H31E POV F . -34.35 23.11 -24.18
H25 POV F . -34.83 27.77 -42.36
H25A POV F . -34.02 27.18 -41.19
H35 POV F . -39.98 27.45 -32.50
H315 POV F . -33.04 25.07 -25.23
H35A POV F . -38.75 26.51 -32.42
H31F POV F . -32.74 25.31 -23.73
H26 POV F . -33.40 26.75 -43.92
H26A POV F . -32.59 27.68 -42.97
H36 POV F . -38.57 29.15 -31.42
H316 POV F . -31.03 23.96 -24.66
H36A POV F . -39.12 28.02 -30.51
H31G POV F . -31.79 23.12 -23.58
H31H POV F . -32.09 22.89 -25.10
H27 POV F . -31.27 25.96 -42.70
H27A POV F . -32.34 25.43 -41.71
H37 POV F . -36.55 27.73 -31.63
H37A POV F . -36.71 28.56 -30.32
H28 POV F . -31.99 23.68 -43.12
H28A POV F . -33.37 24.26 -43.53
H38 POV F . -37.56 26.67 -29.19
H38A POV F . -37.50 25.84 -30.50
H39 POV F . -35.14 26.84 -29.29
H39A POV F . -35.18 25.84 -30.47
N POV G . -9.75 13.61 -26.51
P POV G . -7.42 9.80 -27.15
C1 POV G . -8.69 7.51 -27.52
C2 POV G . -10.09 6.92 -27.33
C3 POV G . -10.22 5.49 -27.83
C210 POV G . -21.54 10.51 -28.66
C310 POV G . -19.36 3.09 -25.73
C11 POV G . -8.13 11.78 -25.57
O11 POV G . -8.76 8.92 -27.39
C211 POV G . -22.84 11.23 -28.82
C311 POV G . -19.84 3.29 -27.15
C12 POV G . -9.43 12.14 -26.28
O12 POV G . -7.83 10.41 -25.67
C212 POV G . -24.01 10.32 -28.47
C312 POV G . -21.14 4.09 -27.24
C13 POV G . -8.72 14.26 -27.39
O13 POV G . -6.29 8.83 -26.96
C213 POV G . -25.37 10.98 -28.69
C313 POV G . -21.01 5.54 -26.81
C14 POV G . -11.05 13.67 -27.21
O14 POV G . -7.32 10.92 -28.14
C314 POV G . -22.10 6.44 -27.36
C15 POV G . -9.85 14.36 -25.23
C315 POV G . -23.48 6.11 -26.84
C316 POV G . -24.58 6.83 -27.62
C21 POV G . -12.00 8.34 -27.28
O21 POV G . -11.09 7.69 -27.99
C22 POV G . -12.62 9.46 -28.06
O22 POV G . -12.29 8.05 -26.14
C23 POV G . -13.81 10.10 -27.37
C24 POV G . -14.47 11.16 -28.24
C25 POV G . -15.80 11.65 -27.68
C26 POV G . -16.92 10.64 -27.84
C27 POV G . -17.86 10.96 -29.00
C28 POV G . -19.08 10.04 -29.04
C29 POV G . -20.36 10.79 -29.22
C31 POV G . -10.23 3.34 -26.84
O31 POV G . -9.92 4.62 -26.75
C32 POV G . -10.24 2.69 -25.48
O32 POV G . -10.46 2.78 -27.90
C33 POV G . -11.30 1.62 -25.28
C34 POV G . -12.69 2.23 -25.21
C35 POV G . -13.81 1.20 -25.07
C36 POV G . -15.19 1.78 -25.30
C37 POV G . -16.25 0.72 -25.58
C38 POV G . -17.62 1.28 -25.97
C39 POV G . -17.89 2.72 -25.62
H29 POV G . -20.32 11.53 -29.79
H1 POV G . -8.09 7.14 -26.86
H1A POV G . -8.37 7.24 -28.40
H2 POV G . -10.27 6.88 -26.37
H3 POV G . -11.13 5.36 -28.14
H3A POV G . -9.62 5.34 -28.57
H310 POV G . -19.53 3.91 -25.21
H31A POV G . -19.89 2.40 -25.30
H210 POV G . -21.57 9.77 -28.10
H11 POV G . -7.45 12.30 -26.03
H11A POV G . -8.15 12.11 -24.67
H211 POV G . -22.85 12.00 -28.24
H21A POV G . -22.95 11.57 -29.72
H311 POV G . -19.15 3.75 -27.66
H31B POV G . -19.96 2.43 -27.58
H12 POV G . -10.19 11.78 -25.80
H12A POV G . -9.42 11.74 -27.16
H22 POV G . -11.93 10.11 -28.23
H212 POV G . -23.96 9.51 -28.99
H22A POV G . -12.87 9.13 -28.94
H21B POV G . -23.94 10.04 -27.54
H32 POV G . -9.36 2.34 -25.31
H312 POV G . -21.47 4.05 -28.15
H32A POV G . -10.37 3.41 -24.85
H31C POV G . -21.81 3.65 -26.70
H13 POV G . -9.04 15.12 -27.67
H13A POV G . -7.91 14.36 -26.87
H13B POV G . -8.53 13.68 -28.15
H23 POV G . -14.46 9.42 -27.14
H23A POV G . -13.52 10.51 -26.54
H33 POV G . -11.26 0.98 -26.00
H313 POV G . -21.02 5.59 -25.84
H33A POV G . -11.11 1.13 -24.47
H31D POV G . -20.14 5.88 -27.07
H14 POV G . -11.30 14.60 -27.34
H14A POV G . -10.99 13.21 -28.06
H14B POV G . -11.74 13.25 -26.66
H24 POV G . -13.87 11.91 -28.37
H24A POV G . -14.62 10.80 -29.14
H34 POV G . -12.74 2.85 -24.47
H314 POV G . -21.89 7.36 -27.16
H34A POV G . -12.86 2.74 -26.02
H31E POV G . -22.10 6.38 -28.33
H15 POV G . -10.12 15.28 -25.41
H15A POV G . -10.52 13.93 -24.67
H15B POV G . -8.99 14.34 -24.77
H25 POV G . -15.68 11.87 -26.74
H25A POV G . -16.04 12.49 -28.11
H35 POV G . -13.65 0.47 -25.69
H315 POV G . -23.64 5.15 -26.89
H35A POV G . -13.76 0.79 -24.19
H31F POV G . -23.54 6.35 -25.90
H26 POV G . -16.55 9.76 -27.96
H26A POV G . -17.44 10.61 -27.02
H36 POV G . -15.45 2.31 -24.53
H316 POV G . -25.47 6.53 -27.35
H36A POV G . -15.16 2.40 -26.05
H31G POV G . -24.54 7.79 -27.48
H31H POV G . -24.50 6.66 -28.57
H27 POV G . -18.16 11.88 -28.93
H27A POV G . -17.38 10.91 -29.84
H37 POV G . -15.93 0.14 -26.29
H37A POV G . -16.35 0.15 -24.80
H28 POV G . -18.96 9.38 -29.74
H28A POV G . -19.10 9.55 -28.21
H38 POV G . -17.74 1.16 -26.93
H38A POV G . -18.31 0.72 -25.56
H39 POV G . -17.37 3.30 -26.20
H39A POV G . -17.57 2.91 -24.72
N POV H . -0.74 23.70 -17.22
P POV H . -4.75 22.45 -18.65
C1 POV H . -5.15 21.35 -21.03
C2 POV H . -6.37 21.91 -21.80
C3 POV H . -7.60 21.05 -21.63
C210 POV H . -14.51 22.77 -28.28
C310 POV H . -20.23 20.30 -26.62
C11 POV H . -2.37 21.73 -17.78
O11 POV H . -5.45 21.37 -19.65
C211 POV H . -15.23 23.78 -27.43
C311 POV H . -21.29 19.33 -27.09
C12 POV H . -2.09 23.04 -17.07
O12 POV H . -3.74 21.40 -17.86
C212 POV H . -16.52 24.26 -28.11
C312 POV H . -22.30 19.96 -28.04
C13 POV H . 0.35 22.82 -16.70
O13 POV H . -3.91 23.36 -19.50
C213 POV H . -17.45 25.02 -27.18
C313 POV H . -23.19 18.95 -28.75
C14 POV H . -0.51 23.97 -18.66
O14 POV H . -5.74 23.00 -17.69
C214 POV H . -17.96 24.17 -26.02
C314 POV H . -24.03 19.58 -29.86
C15 POV H . -0.69 25.00 -16.50
C215 POV H . -19.17 24.76 -25.31
C315 POV H . -25.01 18.60 -30.50
C216 POV H . -19.72 23.86 -24.21
C316 POV H . -24.33 17.44 -31.22
C217 POV H . -20.97 24.41 -23.53
C218 POV H . -22.17 24.46 -24.46
C21 POV H . -5.80 23.17 -23.75
O21 POV H . -6.12 22.01 -23.20
C22 POV H . -5.21 22.99 -25.11
O22 POV H . -6.00 24.24 -23.21
C23 POV H . -6.18 22.45 -26.15
C24 POV H . -7.31 23.44 -26.43
C25 POV H . -8.31 22.92 -27.46
C26 POV H . -9.62 23.69 -27.46
C27 POV H . -10.82 22.81 -27.82
C28 POV H . -12.11 23.59 -28.07
C29 POV H . -13.21 22.70 -28.55
C31 POV H . -9.53 20.86 -22.98
O31 POV H . -8.67 21.64 -22.36
C32 POV H . -10.86 21.52 -23.14
O32 POV H . -9.25 19.74 -23.37
C33 POV H . -11.98 20.55 -23.48
C34 POV H . -13.28 21.26 -23.78
C35 POV H . -14.45 20.30 -23.97
C36 POV H . -15.74 21.00 -24.38
C37 POV H . -16.89 20.03 -24.63
C38 POV H . -18.01 20.64 -25.45
C39 POV H . -19.01 19.63 -25.99
H29 POV H . -12.93 21.99 -29.09
H1 POV H . -4.97 20.45 -21.33
H1A POV H . -4.39 21.89 -21.26
H2 POV H . -6.59 22.77 -21.42
H3 POV H . -7.40 20.17 -21.97
H3A POV H . -7.83 20.96 -20.69
H310 POV H . -19.94 20.85 -27.36
H31A POV H . -20.62 20.91 -25.98
H210 POV H . -15.06 22.12 -28.66
H11 POV H . -2.02 21.84 -18.67
H11A POV H . -1.83 21.02 -17.38
H211 POV H . -15.44 23.38 -26.58
H21A POV H . -14.66 24.54 -27.25
H311 POV H . -20.87 18.57 -27.53
H31B POV H . -21.76 18.96 -26.33
H12 POV H . -2.24 22.95 -16.11
H12A POV H . -2.74 23.69 -17.38
H22 POV H . -4.85 23.85 -25.39
H212 POV H . -16.29 24.81 -28.87
H22A POV H . -4.44 22.41 -25.03
H21B POV H . -16.98 23.49 -28.47
H32 POV H . -11.05 22.02 -22.34
H312 POV H . -22.85 20.58 -27.56
H32A POV H . -10.76 22.18 -23.85
H31C POV H . -21.83 20.48 -28.71
H13 POV H . 1.21 23.25 -16.88
H13A POV H . 0.23 22.72 -15.75
H13B POV H . 0.31 21.96 -17.14
H23 POV H . -5.71 22.26 -26.97
H213 POV H . -16.98 25.80 -26.82
H23A POV H . -6.55 21.61 -25.85
H21C POV H . -18.20 25.36 -27.68
H33 POV H . -11.73 20.01 -24.25
H313 POV H . -22.64 18.24 -29.12
H33A POV H . -12.10 19.93 -22.75
H31D POV H . -23.77 18.52 -28.10
H14 POV H . 0.21 24.61 -18.76
H14A POV H . -0.26 23.14 -19.10
H14B POV H . -1.32 24.32 -19.07
H24 POV H . -7.77 23.64 -25.60
H214 POV H . -18.19 23.29 -26.35
H24A POV H . -6.94 24.28 -26.74
H21D POV H . -17.24 24.03 -25.37
H34 POV H . -13.49 21.88 -23.05
H314 POV H . -24.52 20.33 -29.50
H34A POV H . -13.18 21.80 -24.58
H31E POV H . -23.44 19.94 -30.54
H15 POV H . 0.17 25.42 -16.62
H15A POV H . -1.38 25.58 -16.87
H15B POV H . -0.87 24.86 -15.56
H25 POV H . -7.91 22.96 -28.33
H215 POV H . -18.92 25.62 -24.92
H25A POV H . -8.49 21.98 -27.29
H21E POV H . -19.87 24.95 -25.95
H35 POV H . -14.21 19.64 -24.65
H315 POV H . -25.61 18.25 -29.82
H35A POV H . -14.60 19.81 -23.16
H31F POV H . -25.57 19.08 -31.13
H26 POV H . -9.78 24.10 -26.60
H216 POV H . -19.92 22.99 -24.59
H26A POV H . -9.56 24.42 -28.09
H21F POV H . -19.03 23.70 -23.54
H36 POV H . -15.98 21.64 -23.71
H316 POV H . -24.96 16.87 -31.66
H36A POV H . -15.58 21.51 -25.20
H31G POV H . -23.69 17.77 -31.88
H31H POV H . -23.82 16.89 -30.60
H27 POV H . -10.60 22.29 -28.62
H217 POV H . -21.17 23.86 -22.76
H27A POV H . -10.96 22.16 -27.11
H21G POV H . -20.78 25.30 -23.19
H37 POV H . -16.55 19.24 -25.08
H37A POV H . -17.23 19.72 -23.77
H28 POV H . -12.36 24.06 -27.25
H218 POV H . -22.97 24.76 -23.99
H28A POV H . -11.93 24.27 -28.73
H21H POV H . -22.02 25.08 -25.19
H21J POV H . -22.37 23.60 -24.85
H38 POV H . -18.47 21.30 -24.91
H38A POV H . -17.62 21.13 -26.20
H39 POV H . -19.30 19.04 -25.28
H39A POV H . -18.58 19.07 -26.65
P POV I . -6.23 17.45 -23.96
C1 POV I . -5.42 18.65 -26.17
C2 POV I . -5.79 18.81 -27.64
C210 POV I . -17.55 19.93 -29.79
O11 POV I . -6.31 17.74 -25.55
C211 POV I . -18.27 19.76 -31.09
O12 POV I . -5.54 15.94 -24.05
C212 POV I . -19.74 20.19 -30.98
O13 POV I . -5.21 18.39 -23.39
C213 POV I . -19.91 21.70 -30.87
O14 POV I . -7.59 17.32 -23.36
C21 POV I . -8.14 19.11 -27.34
O21 POV I . -6.99 19.57 -27.82
C22 POV I . -8.94 18.40 -28.41
O22 POV I . -8.48 19.24 -26.19
C23 POV I . -10.20 17.73 -27.89
C24 POV I . -11.45 18.58 -28.09
C25 POV I . -12.34 18.10 -29.24
C26 POV I . -13.82 18.28 -28.95
C27 POV I . -14.71 17.79 -30.09
C28 POV I . -16.20 17.77 -29.72
C29 POV I . -16.69 19.10 -29.22
H29 POV I . -16.32 19.35 -28.40
H1 POV I . -4.51 18.34 -26.09
H1A POV I . -5.45 19.53 -25.76
H210 POV I . -17.74 20.72 -29.34
H211 POV I . -17.85 20.29 -31.77
H21A POV I . -18.24 18.84 -31.40
H22 POV I . -9.16 19.06 -29.09
H212 POV I . -20.22 19.87 -31.76
H22A POV I . -8.36 17.77 -28.85
H21B POV I . -20.14 19.75 -30.21
H23 POV I . -10.31 16.87 -28.34
H23A POV I . -10.10 17.53 -26.95
H24 POV I . -11.96 18.60 -27.28
H24A POV I . -11.18 19.50 -28.26
H25 POV I . -12.10 18.58 -30.05
H25A POV I . -12.15 17.16 -29.42
H26 POV I . -14.05 17.81 -28.14
H26A POV I . -14.00 19.22 -28.79
H27 POV I . -14.59 18.35 -30.87
H27A POV I . -14.44 16.90 -30.35
H28 POV I . -16.72 17.47 -30.48
H28A POV I . -16.33 17.10 -29.02
P POV J . -0.81 34.00 -5.80
C1 POV J . -1.90 32.99 -7.99
C2 POV J . -3.17 33.29 -8.79
C3 POV J . -3.86 32.06 -9.33
C210 POV J . -6.49 37.78 -13.70
C310 POV J . -5.41 33.20 -20.13
O11 POV J . -1.53 34.14 -7.26
C211 POV J . -5.87 38.50 -12.55
C311 POV J . -4.26 32.24 -19.84
O12 POV J . 0.65 33.44 -6.33
C212 POV J . -6.92 39.02 -11.56
C312 POV J . -4.55 30.81 -20.26
O13 POV J . -0.62 35.39 -5.28
C213 POV J . -6.30 39.62 -10.30
C313 POV J . -4.70 30.61 -21.77
O14 POV J . -1.46 32.95 -4.97
C314 POV J . -5.68 29.49 -22.11
C315 POV J . -5.92 29.31 -23.61
C316 POV J . -6.61 30.51 -24.24
C21 POV J . -3.11 35.45 -9.79
O21 POV J . -2.91 34.15 -9.91
C22 POV J . -3.17 36.13 -11.13
O22 POV J . -3.21 36.02 -8.73
C23 POV J . -1.87 36.14 -11.90
C24 POV J . -1.78 37.32 -12.86
C25 POV J . -2.75 37.22 -14.02
C26 POV J . -3.01 38.56 -14.71
C27 POV J . -3.96 38.45 -15.90
C28 POV J . -5.36 39.01 -15.62
C29 POV J . -6.26 37.99 -15.00
C31 POV J . -5.77 31.74 -10.70
O31 POV J . -4.70 32.47 -10.39
C32 POV J . -6.42 32.25 -11.96
O32 POV J . -6.16 30.81 -10.04
C33 POV J . -5.54 32.15 -13.20
C34 POV J . -4.81 33.46 -13.45
C35 POV J . -3.78 33.40 -14.57
C36 POV J . -4.05 34.40 -15.68
C37 POV J . -5.29 34.09 -16.50
C38 POV J . -5.18 34.52 -17.96
C39 POV J . -6.11 33.76 -18.89
H29 POV J . -6.73 37.47 -15.61
H1 POV J . -2.05 32.24 -7.39
H1A POV J . -1.20 32.71 -8.62
H2 POV J . -3.80 33.71 -8.19
H3 POV J . -3.19 31.44 -9.64
H3A POV J . -4.37 31.63 -8.64
H310 POV J . -5.08 33.94 -20.66
H31A POV J . -6.07 32.76 -20.69
H210 POV J . -7.09 37.11 -13.48
H211 POV J . -5.28 37.89 -12.08
H21A POV J . -5.31 39.23 -12.84
H311 POV J . -3.47 32.56 -20.28
H31B POV J . -4.07 32.25 -18.89
H22 POV J . -3.86 35.68 -11.64
H212 POV J . -7.46 39.69 -12.00
H22A POV J . -3.50 37.03 -11.00
H21B POV J . -7.51 38.30 -11.31
H32 POV J . -7.25 31.77 -12.08
H312 POV J . -3.85 30.23 -19.93
H32A POV J . -6.66 33.17 -11.78
H31C POV J . -5.37 30.50 -19.82
H23 POV J . -1.11 36.17 -11.28
H23A POV J . -1.77 35.31 -12.40
H33 POV J . -4.90 31.44 -13.09
H313 POV J . -5.00 31.44 -22.18
H33A POV J . -6.09 31.93 -13.96
H31D POV J . -3.84 30.41 -22.15
H24 POV J . -1.95 38.14 -12.37
H24A POV J . -0.88 37.40 -13.19
H34 POV J . -5.46 34.16 -13.65
H314 POV J . -5.36 28.65 -21.74
H34A POV J . -4.36 33.74 -12.63
H31E POV J . -6.53 29.66 -21.68
H25 POV J . -2.41 36.59 -14.67
H25A POV J . -3.59 36.85 -13.72
H35 POV J . -2.90 33.55 -14.20
H315 POV J . -5.06 29.16 -24.04
H35A POV J . -3.76 32.50 -14.93
H31F POV J . -6.44 28.51 -23.76
H26 POV J . -3.37 39.19 -14.07
H26A POV J . -2.16 38.93 -15.00
H36 POV J . -4.13 35.28 -15.30
H316 POV J . -6.82 30.34 -25.17
H36A POV J . -3.28 34.42 -16.28
H31G POV J . -7.44 30.72 -23.79
H31H POV J . -6.04 31.30 -24.20
H27 POV J . -3.57 38.91 -16.66
H27A POV J . -4.04 37.52 -16.17
H37 POV J . -5.47 33.14 -16.46
H37A POV J . -6.06 34.53 -16.10
H28 POV J . -5.29 39.80 -15.08
H28A POV J . -5.74 39.31 -16.46
H38 POV J . -5.37 35.47 -18.03
H38A POV J . -4.26 34.41 -18.26
H39 POV J . -6.84 34.34 -19.18
H39A POV J . -6.53 33.02 -18.41
P POV K . -3.85 31.56 -2.80
C1 POV K . -5.95 31.04 -1.29
C2 POV K . -6.12 30.12 -0.08
C3 POV K . -5.53 28.74 -0.31
C210 POV K . -12.81 33.81 6.95
C310 POV K . -13.09 26.55 -5.18
O11 POV K . -4.60 31.46 -1.37
C211 POV K . -11.95 32.76 7.57
C311 POV K . -13.19 27.77 -6.10
O12 POV K . -4.90 32.62 -3.53
C212 POV K . -10.47 33.00 7.26
C312 POV K . -12.07 28.78 -5.88
O13 POV K . -2.56 32.27 -2.58
C213 POV K . -9.57 31.83 7.67
C313 POV K . -11.94 29.26 -4.44
O14 POV K . -3.90 30.25 -3.53
C214 POV K . -9.60 31.55 9.16
C314 POV K . -10.69 28.71 -3.74
C215 POV K . -8.55 30.53 9.60
C315 POV K . -10.40 29.39 -2.41
C216 POV K . -8.58 30.24 11.10
C316 POV K . -9.55 30.65 -2.55
C217 POV K . -7.48 29.28 11.55
C218 POV K . -7.52 29.02 13.04
C21 POV K . -7.89 29.89 1.51
O21 POV K . -7.50 29.93 0.24
C22 POV K . -9.38 29.85 1.62
O22 POV K . -7.12 29.90 2.45
C23 POV K . -10.06 31.18 1.37
C24 POV K . -10.13 32.02 2.64
C25 POV K . -11.44 31.87 3.39
C26 POV K . -12.42 33.00 3.12
C27 POV K . -13.84 32.71 3.60
C28 POV K . -13.93 32.46 5.10
C29 POV K . -13.63 33.69 5.90
C31 POV K . -5.92 27.22 -2.08
O31 POV K . -6.43 28.00 -1.13
C32 POV K . -6.75 25.97 -2.25
O32 POV K . -4.94 27.50 -2.71
C33 POV K . -7.95 26.11 -3.16
C34 POV K . -8.59 24.75 -3.41
C35 POV K . -9.86 24.79 -4.25
C36 POV K . -10.37 23.41 -4.61
C37 POV K . -11.52 23.40 -5.61
C38 POV K . -12.79 24.05 -5.06
C39 POV K . -13.31 25.22 -5.88
H29 POV K . -14.09 34.45 5.63
H1 POV K . -6.21 30.57 -2.10
H1A POV K . -6.56 31.80 -1.18
H2 POV K . -5.64 30.49 0.67
H3 POV K . -4.68 28.85 -0.74
H3A POV K . -5.39 28.28 0.54
H310 POV K . -12.20 26.54 -4.78
H31A POV K . -13.71 26.65 -4.46
H210 POV K . -12.74 34.65 7.33
H211 POV K . -12.08 32.78 8.54
H21A POV K . -12.20 31.87 7.28
H311 POV K . -13.19 27.47 -7.03
H31B POV K . -14.05 28.20 -5.97
H22 POV K . -9.70 29.19 0.98
H212 POV K . -10.37 33.17 6.31
H22A POV K . -9.62 29.50 2.49
H21B POV K . -10.17 33.80 7.72
H32 POV K . -6.16 25.26 -2.56
H312 POV K . -11.23 28.39 -6.17
H32A POV K . -7.03 25.71 -1.36
H31C POV K . -12.22 29.54 -6.46
H23 POV K . -9.59 31.68 0.68
H213 POV K . -9.84 31.04 7.18
H23A POV K . -10.97 31.04 1.03
H21C POV K . -8.66 32.02 7.39
H33 POV K . -8.61 26.71 -2.76
H313 POV K . -11.91 30.23 -4.44
H33A POV K . -7.69 26.51 -4.01
H31D POV K . -12.72 29.00 -3.94
H24 POV K . -9.39 31.78 3.22
H214 POV K . -9.46 32.37 9.65
H24A POV K . -9.99 32.96 2.41
H21D POV K . -10.48 31.23 9.41
H34 POV K . -7.94 24.16 -3.83
H314 POV K . -10.78 27.76 -3.61
H34A POV K . -8.80 24.34 -2.55
H31E POV K . -9.93 28.83 -4.32
H25 POV K . -11.85 31.02 3.16
H215 POV K . -8.67 29.71 9.11
H25A POV K . -11.25 31.83 4.35
H21E POV K . -7.66 30.85 9.35
H35 POV K . -10.54 25.28 -3.76
H315 POV K . -11.24 29.62 -1.97
H35A POV K . -9.70 25.30 -5.05
H31F POV K . -9.96 28.76 -1.83
H26 POV K . -12.10 33.82 3.53
H216 POV K . -8.50 31.07 11.58
H26A POV K . -12.44 33.18 2.17
H21F POV K . -9.45 29.87 11.34
H36 POV K . -9.64 22.88 -4.95
H316 POV K . -9.36 31.05 -1.70
H36A POV K . -10.66 22.96 -3.79
H31G POV K . -8.70 30.44 -2.98
H31H POV K . -9.99 31.31 -3.10
H27 POV K . -14.41 33.46 3.37
H217 POV K . -7.57 28.45 11.06
H27A POV K . -14.20 31.95 3.12
H21G POV K . -6.62 29.66 11.30
H37 POV K . -11.24 23.87 -6.42
H37A POV K . -11.71 22.49 -5.88
H28 POV K . -14.80 32.10 5.32
H218 POV K . -6.80 28.42 13.30
H28A POV K . -13.29 31.76 5.33
H21H POV K . -7.39 29.84 13.55
H21J POV K . -8.35 28.63 13.32
H38 POV K . -13.48 23.38 -4.98
H38A POV K . -12.61 24.36 -4.15
H39 POV K . -14.27 25.10 -6.04
H39A POV K . -12.90 25.22 -6.75
N POV L . -2.88 22.75 9.64
P POV L . -6.62 20.55 11.48
C1 POV L . -8.47 22.43 11.40
C2 POV L . -9.97 22.12 11.54
C3 POV L . -10.32 20.72 11.09
C210 POV L . -13.52 28.52 2.92
C11 POV L . -5.31 21.80 9.60
O11 POV L . -7.73 21.51 12.18
C12 POV L . -4.33 22.87 9.22
O12 POV L . -5.58 21.74 10.98
C13 POV L . -2.48 21.33 9.84
O13 POV L . -7.27 19.95 10.26
C14 POV L . -2.06 23.31 8.53
O14 POV L . -5.94 19.68 12.48
C15 POV L . -2.57 23.53 10.87
C21 POV L . -12.05 23.20 11.12
O21 POV L . -10.78 23.01 10.78
C22 POV L . -12.62 24.43 10.47
O22 POV L . -12.65 22.47 11.88
C23 POV L . -12.98 24.24 9.01
C24 POV L . -13.67 25.47 8.43
C25 POV L . -13.49 25.61 6.93
C26 POV L . -14.57 26.44 6.26
C27 POV L . -14.42 27.93 6.47
C28 POV L . -14.63 28.75 5.20
C29 POV L . -13.48 28.62 4.26
C31 POV L . -10.57 19.73 8.97
O31 POV L . -10.77 20.79 9.74
C32 POV L . -11.87 19.15 8.53
O32 POV L . -9.48 19.32 8.66
C33 POV L . -12.85 18.87 9.65
C34 POV L . -12.22 18.02 10.74
H29 POV L . -12.64 28.62 4.65
H1 POV L . -8.21 22.38 10.47
H1A POV L . -8.33 23.35 11.68
H2 POV L . -10.21 22.17 12.48
H3 POV L . -9.53 20.16 11.16
H3A POV L . -11.01 20.34 11.67
H11 POV L . -6.12 22.04 9.13
H11A POV L . -5.04 20.94 9.23
H12 POV L . -4.62 23.75 9.55
H12A POV L . -4.31 22.93 8.25
H22 POV L . -13.40 24.69 10.97
H22A POV L . -12.00 25.15 10.57
H32 POV L . -12.26 19.73 7.85
H32A POV L . -11.66 18.32 8.05
H13 POV L . -1.51 21.28 9.95
H13A POV L . -2.91 20.99 10.64
H13B POV L . -2.76 20.79 9.07
H23 POV L . -12.18 24.04 8.48
H23A POV L . -13.56 23.47 8.90
H33 POV L . -13.16 19.71 10.04
H33A POV L . -13.64 18.43 9.31
H14 POV L . -1.13 23.37 8.81
H14A POV L . -2.12 22.73 7.75
H14B POV L . -2.38 24.20 8.31
H24 POV L . -14.61 25.44 8.64
H24A POV L . -13.32 26.27 8.86
H15 POV L . -1.64 23.42 11.12
H15A POV L . -2.76 24.46 10.70
H15B POV L . -3.15 23.21 11.58
H25 POV L . -12.62 26.00 6.74
H25A POV L . -13.47 24.72 6.52
H26 POV L . -14.58 26.26 5.30
H26A POV L . -15.44 26.16 6.59
H27 POV L . -15.04 28.24 7.15
H27A POV L . -13.54 28.13 6.84
H28 POV L . -15.45 28.48 4.78
H28A POV L . -14.74 29.69 5.44
C210 POV M . -37.80 28.12 11.42
C310 POV M . -39.12 36.44 7.82
C211 POV M . -36.56 28.75 10.87
C311 POV M . -40.29 35.54 8.19
C312 POV M . -40.68 35.63 9.67
C313 POV M . -40.08 34.54 10.53
C314 POV M . -38.56 34.59 10.65
C315 POV M . -37.83 33.71 9.65
C316 POV M . -36.32 33.69 9.87
C21 POV M . -45.06 32.30 10.51
C22 POV M . -44.62 31.95 11.90
C23 POV M . -43.12 31.76 12.04
C24 POV M . -42.72 31.53 13.49
C25 POV M . -41.21 31.50 13.71
C26 POV M . -40.51 30.41 12.91
C27 POV M . -39.89 30.92 11.62
C28 POV M . -39.54 29.80 10.63
C29 POV M . -39.06 28.56 11.32
C39 POV M . -38.69 36.32 6.36
H29 POV M . -39.72 28.05 11.72
H310 POV M . -39.36 37.36 8.00
H31A POV M . -38.37 36.25 8.39
H210 POV M . -37.66 27.32 11.88
H311 POV M . -41.06 35.78 7.65
H31B POV M . -40.08 34.62 7.98
H22 POV M . -44.93 32.63 12.50
H22A POV M . -45.09 31.14 12.17
H312 POV M . -40.40 36.49 10.01
H31C POV M . -41.64 35.62 9.75
H23 POV M . -42.82 31.00 11.50
H23A POV M . -42.66 32.54 11.70
H313 POV M . -40.47 34.58 11.43
H31D POV M . -40.34 33.66 10.18
H24 POV M . -43.11 32.23 14.05
H24A POV M . -43.10 30.69 13.80
H314 POV M . -38.27 35.51 10.54
H31E POV M . -38.29 34.35 11.55
H25 POV M . -40.83 32.37 13.48
H25A POV M . -41.02 31.38 14.65
H315 POV M . -38.18 32.81 9.70
H31F POV M . -38.02 34.01 8.75
H26 POV M . -39.83 30.01 13.46
H26A POV M . -41.15 29.71 12.71
H316 POV M . -35.88 33.13 9.23
H31G POV M . -35.94 34.58 9.81
H31H POV M . -36.11 33.35 10.76
H27 POV M . -40.50 31.54 11.19
H27A POV M . -39.09 31.43 11.82
H28 POV M . -40.31 29.61 10.08
H28A POV M . -38.84 30.13 10.04
P POV N . -45.70 31.53 -4.29
C1 POV N . -45.19 32.32 -6.75
C2 POV N . -44.10 32.26 -7.83
C3 POV N . -43.63 33.62 -8.28
C310 POV N . -38.38 30.75 -13.76
O11 POV N . -44.79 31.57 -5.63
C311 POV N . -37.00 31.08 -14.30
O12 POV N . -46.97 30.68 -4.90
C312 POV N . -36.23 29.85 -14.76
O13 POV N . -44.99 30.68 -3.28
C313 POV N . -34.87 30.18 -15.35
O14 POV N . -46.17 32.91 -3.92
C21 POV N . -43.67 31.04 -9.83
O21 POV N . -44.55 31.57 -8.99
C22 POV N . -44.35 30.13 -10.83
O22 POV N . -42.49 31.27 -9.79
C23 POV N . -44.29 30.62 -12.26
C24 POV N . -42.87 30.60 -12.81
C25 POV N . -42.80 31.03 -14.27
C31 POV N . -41.38 33.99 -7.68
O31 POV N . -42.66 34.08 -7.34
C32 POV N . -40.60 35.13 -7.08
O32 POV N . -40.92 33.11 -8.36
C33 POV N . -39.09 34.93 -7.05
C34 POV N . -38.52 34.79 -8.46
C35 POV N . -37.79 33.47 -8.71
C36 POV N . -36.98 33.50 -9.99
C37 POV N . -37.82 33.42 -11.26
C38 POV N . -38.28 32.00 -11.57
C39 POV N . -38.98 31.87 -12.91
H1 POV N . -45.34 33.25 -6.48
H1A POV N . -46.02 31.99 -7.13
H2 POV N . -43.32 31.82 -7.45
H3 POV N . -43.24 33.54 -9.16
H3A POV N . -44.37 34.25 -8.33
H310 POV N . -38.97 30.55 -14.50
H31A POV N . -38.33 29.94 -13.23
H311 POV N . -37.09 31.70 -15.05
H31B POV N . -36.49 31.55 -13.62
H22 POV N . -43.92 29.25 -10.75
H22A POV N . -45.26 29.99 -10.54
H32 POV N . -40.83 35.94 -7.56
H312 POV N . -36.11 29.25 -14.00
H32A POV N . -40.93 35.25 -6.18
H31C POV N . -36.76 29.37 -15.41
H23 POV N . -44.86 30.07 -12.82
H23A POV N . -44.65 31.52 -12.31
H33 POV N . -38.66 35.67 -6.61
H33A POV N . -38.87 34.13 -6.53
H24 POV N . -42.31 31.18 -12.28
H24A POV N . -42.51 29.70 -12.72
H34 POV N . -39.24 34.88 -9.11
H34A POV N . -37.91 35.51 -8.62
H35 POV N . -37.21 33.28 -7.95
H35A POV N . -38.45 32.74 -8.74
H36 POV N . -36.43 34.30 -10.00
H36A POV N . -36.35 32.75 -9.98
H37 POV N . -38.58 34.01 -11.17
H37A POV N . -37.30 33.76 -12.01
H38 POV N . -37.52 31.40 -11.54
H38A POV N . -38.89 31.71 -10.86
H39 POV N . -38.94 32.70 -13.39
H39A POV N . -39.93 31.70 -12.77
P POV O . -52.27 26.98 18.56
C1 POV O . -50.06 27.27 17.13
C2 POV O . -48.82 28.15 17.15
C3 POV O . -47.91 27.94 15.95
O11 POV O . -51.08 27.88 17.90
O12 POV O . -51.53 26.66 20.00
O13 POV O . -53.42 27.90 18.81
O14 POV O . -52.46 25.70 17.81
C21 POV O . -47.41 28.92 18.92
O21 POV O . -48.02 27.91 18.32
C22 POV O . -47.94 29.13 20.31
O22 POV O . -46.55 29.59 18.39
C23 POV O . -49.13 30.07 20.39
C24 POV O . -49.47 30.44 21.83
C25 POV O . -49.89 29.24 22.66
C26 POV O . -50.39 29.63 24.05
C27 POV O . -49.31 30.22 24.95
C28 POV O . -49.80 30.46 26.38
C31 POV O . -45.59 27.82 15.50
O31 POV O . -46.57 27.86 16.39
C32 POV O . -44.29 27.43 16.15
O32 POV O . -45.76 28.06 14.33
C33 POV O . -44.24 25.99 16.60
C34 POV O . -44.41 25.84 18.11
C35 POV O . -43.11 25.51 18.85
C36 POV O . -42.65 24.08 18.59
C37 POV O . -41.26 23.78 19.12
H1 POV O . -50.36 27.14 16.21
H1A POV O . -49.82 26.39 17.47
H2 POV O . -49.10 29.08 17.12
H3 POV O . -48.18 27.13 15.50
H3A POV O . -48.03 28.68 15.32
H22 POV O . -48.18 28.26 20.66
H22A POV O . -47.21 29.44 20.87
H32 POV O . -43.57 27.64 15.54
H32A POV O . -44.18 28.04 16.90
H23 POV O . -48.93 30.89 19.89
H23A POV O . -49.90 29.67 19.97
H33 POV O . -44.93 25.48 16.16
H33A POV O . -43.39 25.60 16.34
H24 POV O . -48.70 30.86 22.24
H24A POV O . -50.18 31.09 21.83
H34 POV O . -44.78 26.66 18.48
H34A POV O . -45.06 25.14 18.28
H25 POV O . -50.58 28.75 22.20
H25A POV O . -49.14 28.63 22.76
H35 POV O . -42.42 26.13 18.58
H35A POV O . -43.25 25.65 19.80
H26 POV O . -51.12 30.27 23.96
H26A POV O . -50.78 28.85 24.47
H36 POV O . -43.29 23.47 18.99
H36A POV O . -42.68 23.90 17.64
H27 POV O . -48.55 29.63 24.96
H27A POV O . -49.01 31.06 24.57
MG MG P . 30.30 -17.86 0.00
PB AOV Q . 32.73 -19.87 -2.53
O1B AOV Q . 31.86 -19.93 -1.37
O2B AOV Q . 33.89 -20.91 -2.28
O3B AOV Q . 33.39 -18.45 -2.78
PA AOV Q . 30.32 -20.54 -4.05
O1A AOV Q . 29.49 -19.56 -3.39
O2A AOV Q . 29.96 -22.01 -3.64
O3A AOV Q . 31.86 -20.30 -3.78
O5' AOV Q . 30.00 -20.55 -5.60
C5' AOV Q . 30.57 -21.55 -6.40
C4' AOV Q . 30.28 -21.28 -7.85
O4' AOV Q . 28.89 -21.22 -8.03
C3' AOV Q . 30.82 -19.94 -8.24
O3' AOV Q . 31.14 -20.05 -9.61
C2' AOV Q . 29.62 -19.02 -8.07
O2' AOV Q . 29.71 -17.95 -9.00
C1' AOV Q . 28.49 -19.94 -8.53
N9 AOV Q . 27.31 -19.60 -7.77
C8 AOV Q . 27.29 -19.20 -6.49
N7 AOV Q . 26.09 -18.98 -6.11
C5 AOV Q . 25.26 -19.21 -7.13
C6 AOV Q . 23.89 -19.13 -7.32
N6 AOV Q . 23.07 -18.74 -6.29
N1 AOV Q . 23.38 -19.44 -8.48
C2 AOV Q . 24.16 -19.82 -9.47
N3 AOV Q . 25.46 -19.91 -9.35
C4 AOV Q . 26.04 -19.61 -8.21
VG AOV Q . 34.25 -17.53 -1.44
O1G AOV Q . 34.19 -16.20 -2.21
O2G AOV Q . 35.76 -18.50 -1.61
O3G AOV Q . 32.91 -17.96 -0.31
O4G AOV Q . 35.12 -16.63 -0.14
C1 HT1 R . -28.57 10.68 -9.59
O1 HT1 R . -27.21 10.67 -9.69
C2 HT1 R . -29.24 9.49 -9.36
C3 HT1 R . -30.60 9.46 -9.27
C4 HT1 R . -31.36 10.62 -9.40
C5 HT1 R . -30.68 11.82 -9.63
C6 HT1 R . -29.31 11.85 -9.73
C7 HT1 R . -32.81 10.64 -9.30
N1 HT1 R . -33.57 11.69 -9.69
C8 HT1 R . -34.88 11.34 -9.45
C9 HT1 R . -34.84 10.06 -8.91
N2 HT1 R . -33.52 9.63 -8.82
C10 HT1 R . -36.02 9.43 -8.55
C11 HT1 R . -37.22 10.04 -8.85
C12 HT1 R . -37.25 11.35 -9.32
C13 HT1 R . -36.08 12.00 -9.64
C14 HT1 R . -38.55 12.00 -9.53
N3 HT1 R . -39.75 11.35 -9.50
C15 HT1 R . -40.72 12.32 -9.54
C16 HT1 R . -40.06 13.53 -9.36
N4 HT1 R . -38.69 13.32 -9.47
C17 HT1 R . -40.77 14.72 -9.36
C18 HT1 R . -42.14 14.67 -9.43
C19 HT1 R . -42.80 13.49 -9.77
C20 HT1 R . -42.09 12.29 -9.79
N5 HT1 R . -44.16 13.49 -9.92
C21 HT1 R . -44.83 13.73 -11.19
C22 HT1 R . -45.77 14.90 -11.08
N6 HT1 R . -46.73 14.74 -9.99
C23 HT1 R . -46.04 14.47 -8.72
C24 HT1 R . -45.11 13.28 -8.83
C25 HT1 R . -47.73 13.71 -10.28
C26 HT1 R . -26.45 9.82 -8.81
C27 HT1 R . -25.00 10.13 -9.00
H2 HT1 R . -28.75 8.71 -9.28
H3 HT1 R . -31.04 8.66 -9.12
H5 HT1 R . -31.16 12.61 -9.72
H6 HT1 R . -28.87 12.66 -9.88
HN1 HT1 R . -33.28 12.43 -10.03
H10 HT1 R . -36.00 8.54 -8.26
H11 HT1 R . -38.00 9.64 -8.53
H13 HT1 R . -36.09 12.91 -9.86
HN3 HT1 R . -39.86 10.51 -9.60
H17 HT1 R . -40.34 15.53 -9.21
H18 HT1 R . -42.61 15.48 -9.48
H20 HT1 R . -42.52 11.48 -9.90
H211 HT1 R . -44.18 13.90 -11.89
H212 HT1 R . -45.32 12.94 -11.46
H221 HT1 R . -45.26 15.72 -10.94
H222 HT1 R . -46.25 15.02 -11.91
H231 HT1 R . -45.54 15.25 -8.45
H232 HT1 R . -46.69 14.30 -8.02
H241 HT1 R . -45.62 12.48 -8.98
H242 HT1 R . -44.63 13.17 -7.99
H251 HT1 R . -48.35 13.66 -9.54
H252 HT1 R . -48.21 13.97 -11.09
H253 HT1 R . -47.29 12.86 -10.41
H261 HT1 R . -26.70 9.98 -7.88
H262 HT1 R . -26.63 8.89 -8.99
H271 HT1 R . -24.47 9.54 -8.43
H272 HT1 R . -24.76 9.97 -9.94
H273 HT1 R . -24.83 11.06 -8.77
N POV S . -53.64 -4.06 -16.19
P POV S . -52.47 -7.81 -13.38
C1 POV S . -53.97 -9.94 -13.77
C2 POV S . -53.12 -10.92 -12.94
C3 POV S . -53.54 -12.38 -13.08
C210 POV S . -52.61 -7.72 -3.15
C310 POV S . -50.53 -12.40 -18.52
C11 POV S . -53.36 -6.57 -15.55
O11 POV S . -53.12 -8.97 -14.32
C211 POV S . -53.78 -7.14 -2.43
C12 POV S . -53.10 -5.43 -16.52
O12 POV S . -52.50 -6.54 -14.44
C212 POV S . -54.41 -8.15 -1.47
C13 POV S . -55.12 -4.00 -16.32
O13 POV S . -51.04 -8.19 -13.16
C213 POV S . -55.33 -7.52 -0.44
C14 POV S . -53.27 -3.76 -14.78
O14 POV S . -53.37 -7.50 -12.23
C214 POV S . -56.55 -6.86 -1.05
C15 POV S . -53.04 -3.00 -17.04
C21 POV S . -52.10 -10.20 -10.90
O21 POV S . -53.20 -10.62 -11.54
C22 POV S . -51.30 -11.35 -10.38
O22 POV S . -51.83 -9.03 -10.76
C23 POV S . -51.68 -11.80 -8.99
C24 POV S . -51.24 -10.80 -7.93
C25 POV S . -52.37 -10.34 -7.02
C26 POV S . -53.18 -9.19 -7.60
C27 POV S . -52.90 -7.85 -6.94
C28 POV S . -53.51 -7.75 -5.54
C29 POV S . -52.49 -7.97 -4.46
C31 POV S . -52.47 -14.49 -12.94
O31 POV S . -52.36 -13.16 -13.00
C32 POV S . -51.18 -15.09 -12.46
O32 POV S . -53.47 -15.09 -13.23
C33 POV S . -50.78 -16.38 -13.15
C34 POV S . -49.26 -16.49 -13.25
C35 POV S . -48.63 -15.56 -14.28
C36 POV S . -48.62 -16.14 -15.69
C37 POV S . -49.78 -15.69 -16.56
C38 POV S . -49.65 -14.25 -17.03
C39 POV S . -50.72 -13.82 -18.01
H29 POV S . -51.69 -8.34 -4.75
H1 POV S . -54.43 -10.42 -14.47
H1A POV S . -54.64 -9.56 -13.19
H2 POV S . -52.21 -10.87 -13.24
H3 POV S . -54.15 -12.59 -12.37
H3A POV S . -54.00 -12.52 -13.92
H210 POV S . -51.88 -7.92 -2.61
H11 POV S . -54.28 -6.45 -15.26
H11A POV S . -53.35 -7.41 -16.03
H211 POV S . -53.50 -6.36 -1.92
H21A POV S . -54.46 -6.83 -3.05
H12 POV S . -53.44 -5.64 -17.40
H12A POV S . -52.14 -5.32 -16.59
H22 POV S . -51.40 -12.08 -11.01
H212 POV S . -54.91 -8.81 -1.99
H22A POV S . -50.36 -11.10 -10.42
H21B POV S . -53.70 -8.65 -1.02
H32 POV S . -50.48 -14.43 -12.52
H32A POV S . -51.30 -15.24 -11.51
H13 POV S . -55.43 -3.10 -16.08
H13A POV S . -55.35 -4.18 -17.24
H13B POV S . -55.52 -4.66 -15.74
H23 POV S . -52.64 -11.93 -8.93
H213 POV S . -55.61 -8.20 0.20
H23A POV S . -51.28 -12.67 -8.79
H21C POV S . -54.83 -6.87 0.08
H33 POV S . -51.13 -17.14 -12.66
H33A POV S . -51.18 -16.42 -14.03
H14 POV S . -53.40 -2.82 -14.60
H14A POV S . -53.83 -4.28 -14.18
H14B POV S . -52.33 -3.99 -14.63
H24 POV S . -50.53 -11.18 -7.39
H24A POV S . -50.85 -10.02 -8.37
H34 POV S . -48.87 -16.32 -12.38
H34A POV S . -49.03 -17.41 -13.47
H15 POV S . -53.38 -2.13 -16.81
H15A POV S . -52.08 -3.01 -16.91
H15B POV S . -53.23 -3.20 -17.98
H25 POV S . -52.96 -11.09 -6.83
H25A POV S . -52.00 -10.07 -6.15
H35 POV S . -49.09 -14.72 -14.28
H35A POV S . -47.72 -15.36 -14.01
H26 POV S . -53.00 -9.12 -8.55
H26A POV S . -54.13 -9.40 -7.52
H36 POV S . -47.78 -15.91 -16.12
H36A POV S . -48.63 -17.11 -15.63
H27 POV S . -51.95 -7.70 -6.88
H27A POV S . -53.27 -7.13 -7.49
H37 POV S . -49.84 -16.27 -17.33
H37A POV S . -50.62 -15.81 -16.08
H28 POV S . -53.94 -6.88 -5.43
H28A POV S . -54.21 -8.41 -5.44
H38 POV S . -49.67 -13.66 -16.25
H38A POV S . -48.78 -14.13 -17.44
H39 POV S . -51.60 -13.90 -17.59
H39A POV S . -50.73 -14.43 -18.77
N POV T . -18.17 -16.01 -16.64
P POV T . -15.42 -15.78 -12.99
C1 POV T . -16.46 -14.47 -10.94
C2 POV T . -17.69 -13.57 -10.77
C3 POV T . -17.59 -12.25 -11.51
C11 POV T . -17.59 -15.04 -14.31
O11 POV T . -16.05 -14.46 -12.29
C12 POV T . -18.63 -15.43 -15.33
O12 POV T . -16.55 -16.00 -14.18
C13 POV T . -17.87 -17.46 -16.53
O13 POV T . -14.13 -15.37 -13.63
C14 POV T . -19.30 -15.84 -17.61
O14 POV T . -15.47 -16.96 -12.07
C15 POV T . -16.99 -15.29 -17.19
C21 POV T . -17.00 -12.82 -8.57
O21 POV T . -17.96 -13.26 -9.39
C22 POV T . -16.74 -13.84 -7.50
O22 POV T . -16.45 -11.77 -8.68
C23 POV T . -17.82 -13.98 -6.45
C24 POV T . -17.72 -12.89 -5.39
C25 POV T . -18.42 -13.26 -4.09
C26 POV T . -18.58 -12.08 -3.14
C27 POV T . -18.93 -12.51 -1.72
C28 POV T . -20.07 -13.51 -1.66
C31 POV T . -19.05 -10.50 -12.12
O31 POV T . -18.91 -11.74 -11.66
C32 POV T . -20.50 -10.11 -12.13
O32 POV T . -18.13 -9.81 -12.47
C33 POV T . -21.28 -10.60 -13.34
C34 POV T . -22.69 -10.01 -13.35
H1 POV T . -15.73 -14.17 -10.38
H1A POV T . -16.70 -15.36 -10.64
H2 POV T . -18.45 -14.02 -11.16
H3 POV T . -17.04 -11.64 -10.99
H3A POV T . -17.17 -12.37 -12.37
H11 POV T . -17.23 -14.20 -14.64
H11A POV T . -18.02 -14.83 -13.47
H12 POV T . -19.20 -14.68 -15.53
H12A POV T . -19.18 -16.12 -14.92
H22 POV T . -16.59 -14.70 -7.95
H22A POV T . -15.88 -13.63 -7.09
H32 POV T . -20.92 -10.41 -11.31
H32A POV T . -20.52 -9.14 -12.08
H13 POV T . -17.62 -17.80 -17.41
H13A POV T . -17.12 -17.57 -15.92
H13B POV T . -18.63 -17.94 -16.18
H23 POV T . -18.69 -13.92 -6.87
H23A POV T . -17.78 -14.85 -6.03
H33 POV T . -20.82 -10.34 -14.16
H33A POV T . -21.33 -11.57 -13.34
H14 POV T . -19.07 -16.27 -18.45
H14A POV T . -20.10 -16.24 -17.23
H14B POV T . -19.45 -14.90 -17.76
H24 POV T . -16.78 -12.71 -5.20
H24A POV T . -18.09 -12.06 -5.73
H15 POV T . -16.83 -15.57 -18.11
H15A POV T . -17.16 -14.34 -17.17
H15B POV T . -16.22 -15.49 -16.64
H25 POV T . -19.30 -13.62 -4.31
H25A POV T . -17.94 -13.97 -3.65
H26 POV T . -17.76 -11.56 -3.14
H26A POV T . -19.27 -11.49 -3.48
H27 POV T . -18.14 -12.88 -1.29
H27A POV T . -19.17 -11.71 -1.20
N POV U . 0.99 -0.24 -27.43
P POV U . -2.71 -3.73 -27.36
C1 POV U . -4.65 -3.81 -25.57
C2 POV U . -5.84 -2.98 -25.07
C3 POV U . -6.87 -3.80 -24.34
C210 POV U . -15.12 -1.50 -28.82
C310 POV U . -14.54 -6.09 -31.04
C11 POV U . -0.44 -2.42 -27.45
O11 POV U . -4.10 -3.19 -26.71
C311 POV U . -15.60 -6.32 -32.11
C12 POV U . 0.46 -1.46 -26.71
O12 POV U . -1.76 -2.44 -26.94
C312 POV U . -15.79 -5.14 -33.06
C13 POV U . 1.84 -0.61 -28.60
O13 POV U . -2.29 -4.92 -26.57
C313 POV U . -16.09 -3.81 -32.39
C14 POV U . -0.18 0.54 -27.92
O14 POV U . -2.80 -3.79 -28.86
C314 POV U . -15.90 -2.61 -33.32
C15 POV U . 1.78 0.63 -26.52
C315 POV U . -14.44 -2.33 -33.65
C316 POV U . -14.25 -1.04 -34.44
C21 POV U . -6.13 -1.11 -26.54
O21 POV U . -6.52 -2.32 -26.15
C22 POV U . -6.68 -0.80 -27.90
O22 POV U . -5.43 -0.37 -25.89
C23 POV U . -8.06 -1.39 -28.16
C24 POV U . -8.60 -0.96 -29.52
C25 POV U . -10.04 -1.42 -29.74
C26 POV U . -10.74 -0.66 -30.85
C27 POV U . -12.22 -0.99 -30.97
C28 POV U . -13.06 -0.40 -29.84
C29 POV U . -14.46 -0.95 -29.83
C31 POV U . -8.04 -5.82 -24.81
O31 POV U . -7.48 -4.70 -25.26
C32 POV U . -9.16 -6.24 -25.71
O32 POV U . -7.68 -6.39 -23.81
C33 POV U . -8.72 -6.64 -27.11
C34 POV U . -9.88 -6.54 -28.09
C35 POV U . -9.46 -6.77 -29.54
C36 POV U . -9.55 -5.52 -30.40
C37 POV U . -10.94 -4.93 -30.57
C38 POV U . -12.01 -6.00 -30.81
C39 POV U . -13.24 -5.49 -31.56
H29 POV U . -14.91 -0.87 -30.64
H1 POV U . -3.98 -3.87 -24.87
H1A POV U . -4.96 -4.71 -25.75
H2 POV U . -5.51 -2.33 -24.43
H3 POV U . -6.43 -4.28 -23.63
H3A POV U . -7.55 -3.22 -23.94
H310 POV U . -14.90 -5.50 -30.35
H31A POV U . -14.35 -6.93 -30.59
H11 POV U . -0.45 -2.11 -28.37
H11A POV U . -0.04 -3.30 -27.48
H311 POV U . -15.37 -7.11 -32.62
H31B POV U . -16.45 -6.52 -31.68
H12 POV U . 1.24 -1.93 -26.36
H12A POV U . -0.04 -1.13 -25.96
H22 POV U . -6.71 0.17 -27.98
H22A POV U . -6.05 -1.09 -28.57
H32 POV U . -9.65 -6.96 -25.28
H312 POV U . -14.99 -5.05 -33.61
H32A POV U . -9.78 -5.50 -25.75
H31C POV U . -16.50 -5.35 -33.68
H13 POV U . 2.16 0.19 -29.03
H13A POV U . 2.59 -1.13 -28.28
H13B POV U . 1.33 -1.14 -29.23
H23 POV U . -8.01 -2.35 -28.13
H23A POV U . -8.67 -1.11 -27.47
H33 POV U . -8.00 -6.08 -27.40
H313 POV U . -17.00 -3.82 -32.06
H33A POV U . -8.38 -7.55 -27.10
H31D POV U . -15.52 -3.70 -31.61
H14 POV U . 0.12 1.42 -28.21
H14A POV U . -0.58 0.09 -28.67
H14B POV U . -0.83 0.64 -27.20
H24 POV U . -8.55 -0.01 -29.60
H24A POV U . -8.03 -1.32 -30.22
H34 POV U . -10.57 -7.17 -27.85
H314 POV U . -16.39 -2.77 -34.14
H34A POV U . -10.27 -5.65 -28.02
H31E POV U . -16.29 -1.83 -32.91
H15 POV U . 2.10 1.42 -27.01
H15A POV U . 1.22 0.91 -25.79
H15B POV U . 2.53 0.13 -26.18
H25 POV U . -10.04 -2.37 -29.95
H25A POV U . -10.53 -1.33 -28.92
H35 POV U . -8.55 -7.10 -29.55
H315 POV U . -13.92 -2.28 -32.83
H35A POV U . -10.01 -7.48 -29.92
H31F POV U . -14.07 -3.08 -34.15
H26 POV U . -10.64 0.30 -30.70
H26A POV U . -10.30 -0.84 -31.70
H36 POV U . -8.97 -4.84 -30.03
H316 POV U . -13.32 -0.87 -34.64
H36A POV U . -9.18 -5.72 -31.28
H31G POV U . -14.73 -1.08 -35.29
H31H POV U . -14.59 -0.28 -33.95
H27 POV U . -12.56 -0.68 -31.82
H27A POV U . -12.33 -1.95 -30.98
H37 POV U . -11.18 -4.42 -29.77
H37A POV U . -10.95 -4.31 -31.31
H28 POV U . -12.63 -0.56 -28.99
H28A POV U . -13.10 0.56 -29.96
H38 POV U . -11.62 -6.74 -31.30
H38A POV U . -12.29 -6.36 -29.96
H39 POV U . -13.14 -5.69 -32.50
H39A POV U . -13.28 -4.52 -31.50
N POV V . -15.02 -4.26 20.76
P POV V . -18.56 -2.25 18.95
C1 POV V . -20.84 -3.58 18.77
C2 POV V . -20.71 -4.28 17.41
C3 POV V . -21.57 -3.68 16.33
C210 POV V . -17.57 -12.93 16.54
C310 POV V . -26.26 4.20 16.02
C11 POV V . -17.31 -3.08 21.11
O11 POV V . -20.17 -2.35 18.74
C211 POV V . -18.62 -13.99 16.69
C311 POV V . -25.83 5.65 16.21
C12 POV V . -16.45 -4.31 21.25
O12 POV V . -18.41 -3.29 20.23
C212 POV V . -18.65 -14.92 15.48
C312 POV V . -25.95 6.46 14.92
C13 POV V . -14.94 -3.85 19.34
O13 POV V . -17.92 -2.90 17.76
C213 POV V . -19.72 -15.99 15.56
C313 POV V . -25.91 7.97 15.14
C14 POV V . -14.29 -3.27 21.59
O14 POV V . -18.14 -0.88 19.39
C214 POV V . -21.14 -15.44 15.54
C314 POV V . -27.22 8.52 15.66
C15 POV V . -14.32 -5.58 20.92
C215 POV V . -21.53 -14.75 14.24
C315 POV V . -27.31 10.04 15.63
C216 POV V . -22.89 -14.07 14.29
C316 POV V . -26.21 10.72 16.43
C217 POV V . -22.92 -12.81 15.15
C218 POV V . -22.04 -11.69 14.59
C21 POV V . -21.99 -6.13 18.25
O21 POV V . -21.03 -5.67 17.47
C22 POV V . -23.15 -6.65 17.44
O22 POV V . -21.94 -6.16 19.46
C23 POV V . -22.82 -6.96 15.98
C24 POV V . -22.07 -8.27 15.83
C25 POV V . -20.56 -8.16 15.98
C26 POV V . -20.04 -8.59 17.33
C27 POV V . -18.77 -9.44 17.25
C28 POV V . -19.01 -10.83 16.67
C29 POV V . -17.74 -11.61 16.53
C31 POV V . -23.85 -3.15 16.03
O31 POV V . -22.94 -3.89 16.65
C32 POV V . -25.23 -3.53 16.49
O32 POV V . -23.58 -2.30 15.23
C33 POV V . -26.23 -2.39 16.50
C34 POV V . -25.92 -1.39 17.61
C35 POV V . -25.08 -0.19 17.17
C36 POV V . -24.72 0.71 18.35
C37 POV V . -23.81 1.87 17.99
C38 POV V . -24.37 2.75 16.87
C39 POV V . -25.78 3.26 17.11
H29 POV V . -16.98 -11.09 16.43
H1 POV V . -21.78 -3.44 18.97
H1A POV V . -20.50 -4.17 19.45
H2 POV V . -19.78 -4.16 17.11
H3 POV V . -21.37 -2.72 16.28
H3A POV V . -21.35 -4.07 15.46
H310 POV V . -27.23 4.16 15.96
H31A POV V . -25.94 3.89 15.16
H210 POV V . -16.71 -13.25 16.46
H11 POV V . -17.64 -2.92 22.00
H11A POV V . -16.78 -2.32 20.87
H211 POV V . -18.45 -14.51 17.49
H21A POV V . -19.50 -13.60 16.82
H311 POV V . -26.37 6.06 16.89
H31B POV V . -24.92 5.68 16.53
H12 POV V . -16.85 -5.08 20.81
H12A POV V . -16.40 -4.52 22.19
H22 POV V . -23.49 -7.44 17.88
H212 POV V . -18.76 -14.40 14.68
H22A POV V . -23.87 -5.99 17.49
H21B POV V . -17.78 -15.35 15.40
H32 POV V . -25.55 -4.27 15.94
H312 POV V . -25.23 6.21 14.32
H32A POV V . -25.13 -3.90 17.38
H31C POV V . -26.76 6.22 14.46
H13 POV V . -14.01 -3.84 19.05
H13A POV V . -15.43 -4.48 18.79
H13B POV V . -15.33 -2.97 19.22
H23 POV V . -23.65 -7.00 15.47
H213 POV V . -19.62 -16.61 14.81
H23A POV V . -22.31 -6.24 15.59
H21C POV V . -19.60 -16.53 16.36
H33 POV V . -26.21 -1.93 15.64
H313 POV V . -25.20 8.19 15.75
H33A POV V . -27.12 -2.73 16.61
H31D POV V . -25.68 8.41 14.30
H14 POV V . -13.34 -3.31 21.39
H14A POV V . -14.63 -2.38 21.39
H14B POV V . -14.42 -3.46 22.54
H24 POV V . -22.42 -8.92 16.47
H214 POV V . -21.77 -16.15 15.72
H24A POV V . -22.28 -8.64 14.96
H21D POV V . -21.26 -14.82 16.28
H34 POV V . -26.75 -1.06 17.98
H314 POV V . -27.96 8.16 15.15
H34A POV V . -25.45 -1.85 18.32
H31E POV V . -27.36 8.22 16.58
H15 POV V . -13.41 -5.50 20.64
H15A POV V . -14.37 -5.83 21.86
H15B POV V . -14.80 -6.24 20.40
H25 POV V . -20.13 -8.68 15.28
H215 POV V . -20.85 -14.09 14.01
H25A POV V . -20.29 -7.24 15.81
H21E POV V . -21.51 -15.40 13.53
H35 POV V . -24.26 -0.52 16.75
H315 POV V . -27.26 10.34 14.71
H35A POV V . -25.56 0.30 16.50
H31F POV V . -28.17 10.32 15.96
H26 POV V . -19.85 -7.81 17.88
H216 POV V . -23.17 -13.84 13.39
H26A POV V . -20.72 -9.09 17.80
H21F POV V . -23.54 -14.69 14.62
H36 POV V . -25.54 1.04 18.74
H316 POV V . -26.32 11.69 16.44
H36A POV V . -24.30 0.18 19.04
H31G POV V . -26.21 10.42 17.35
H31H POV V . -25.33 10.52 16.06
H27 POV V . -18.11 -8.98 16.72
H217 POV V . -23.83 -12.50 15.23
H27A POV V . -18.39 -9.53 18.14
H21G POV V . -22.63 -13.02 16.05
H37 POV V . -23.66 2.42 18.77
H37A POV V . -22.95 1.53 17.72
H28 POV V . -19.67 -11.31 17.21
H218 POV V . -22.11 -10.90 15.15
H28A POV V . -19.41 -10.73 15.78
H21H POV V . -21.11 -11.95 14.57
H21J POV V . -22.31 -11.45 13.69
H38 POV V . -23.78 3.51 16.75
H38A POV V . -24.35 2.26 16.04
H39 POV V . -25.84 3.71 17.96
H39A POV V . -26.40 2.50 17.16
P POV W . -19.02 -18.05 -7.91
C1 POV W . -19.99 -20.25 -6.81
C2 POV W . -21.33 -20.80 -6.31
C3 POV W . -21.44 -22.31 -6.36
C310 POV W . -24.21 -19.10 1.92
O11 POV W . -20.14 -18.87 -7.07
C311 POV W . -23.28 -18.01 2.45
O12 POV W . -19.44 -18.58 -9.42
C312 POV W . -23.30 -16.76 1.58
O13 POV W . -19.38 -16.60 -7.80
C313 POV W . -22.54 -15.58 2.19
O14 POV W . -17.64 -18.52 -7.59
C314 POV W . -22.37 -14.42 1.24
C315 POV W . -23.69 -13.78 0.79
C316 POV W . -23.49 -12.67 -0.23
C21 POV W . -23.43 -19.69 -6.48
O21 POV W . -22.42 -20.29 -7.08
C22 POV W . -24.24 -18.88 -7.45
O22 POV W . -23.67 -19.78 -5.30
C23 POV W . -24.59 -19.63 -8.73
C24 POV W . -25.28 -18.71 -9.74
C31 POV W . -22.83 -23.51 -4.85
O31 POV W . -21.74 -22.78 -5.05
C32 POV W . -22.81 -24.10 -3.48
O32 POV W . -23.70 -23.66 -5.67
C33 POV W . -24.18 -24.37 -2.87
C34 POV W . -24.06 -24.83 -1.42
C35 POV W . -23.54 -23.75 -0.47
C36 POV W . -23.92 -24.01 0.98
C37 POV W . -23.57 -22.88 1.94
C38 POV W . -24.41 -21.63 1.71
C39 POV W . -24.01 -20.46 2.60
H1 POV W . -19.30 -20.39 -6.15
H1A POV W . -19.73 -20.75 -7.60
H2 POV W . -21.41 -20.56 -5.38
H3 POV W . -22.15 -22.53 -6.99
H3A POV W . -20.62 -22.70 -6.69
H310 POV W . -25.13 -18.82 2.04
H31A POV W . -24.09 -19.20 0.96
H311 POV W . -23.54 -17.78 3.35
H31B POV W . -22.37 -18.36 2.50
H22 POV W . -25.05 -18.59 -7.01
H22A POV W . -23.75 -18.07 -7.66
H32 POV W . -22.28 -24.91 -3.49
H312 POV W . -22.91 -16.97 0.72
H32A POV W . -22.32 -23.48 -2.92
H31C POV W . -24.21 -16.51 1.42
H23 POV W . -23.80 -20.00 -9.14
H23A POV W . -25.17 -20.38 -8.54
H33 POV W . -24.72 -23.57 -2.92
H313 POV W . -23.00 -15.29 2.99
H33A POV W . -24.64 -25.06 -3.39
H31D POV W . -21.66 -15.89 2.49
H34 POV W . -24.93 -25.12 -1.11
H314 POV W . -21.82 -13.73 1.65
H34A POV W . -23.47 -25.58 -1.37
H31E POV W . -21.88 -14.71 0.45
H35 POV W . -22.57 -23.70 -0.55
H315 POV W . -24.26 -14.48 0.41
H35A POV W . -23.88 -22.88 -0.75
H31F POV W . -24.16 -13.44 1.57
H36 POV W . -24.86 -24.20 1.03
H316 POV W . -24.34 -12.28 -0.50
H36A POV W . -23.47 -24.83 1.28
H31G POV W . -22.94 -11.96 0.13
H31H POV W . -23.06 -13.01 -1.03
H37 POV W . -23.69 -23.18 2.85
H37A POV W . -22.63 -22.66 1.85
H38 POV W . -24.34 -21.37 0.78
H38A POV W . -25.34 -21.84 1.86
H39 POV W . -23.09 -20.55 2.87
H39A POV W . -24.53 -20.48 3.41
P POV X . -52.61 1.31 -8.66
C1 POV X . -52.16 2.74 -6.49
C2 POV X . -51.28 2.74 -5.23
C3 POV X . -49.81 2.64 -5.54
C210 POV X . -42.67 -1.51 1.47
C310 POV X . -41.35 -4.04 -2.40
O11 POV X . -52.06 1.49 -7.14
C211 POV X . -43.19 -2.42 2.54
C311 POV X . -40.78 -5.42 -2.64
O12 POV X . -54.22 1.23 -8.30
C212 POV X . -42.64 -3.83 2.41
C312 POV X . -39.94 -5.94 -1.48
O13 POV X . -52.16 -0.05 -9.12
C313 POV X . -38.82 -5.01 -1.06
O14 POV X . -52.35 2.53 -9.49
C314 POV X . -39.12 -4.22 0.21
C315 POV X . -39.12 -5.06 1.48
C316 POV X . -37.72 -5.53 1.88
C21 POV X . -51.94 1.82 -3.11
O21 POV X . -51.58 1.62 -4.38
C22 POV X . -50.80 2.39 -2.31
O22 POV X . -53.03 1.55 -2.68
C23 POV X . -49.56 1.51 -2.24
C24 POV X . -48.42 2.24 -1.55
C25 POV X . -47.06 1.57 -1.74
C26 POV X . -46.76 0.45 -0.75
C27 POV X . -45.32 0.49 -0.24
C28 POV X . -44.85 -0.85 0.32
C29 POV X . -43.37 -0.86 0.54
C31 POV X . -48.31 1.02 -6.40
O31 POV X . -49.52 1.30 -5.93
C32 POV X . -48.30 -0.36 -7.00
O32 POV X . -47.38 1.77 -6.33
C33 POV X . -48.16 -1.49 -6.00
C34 POV X . -46.96 -1.27 -5.09
C35 POV X . -46.53 -2.51 -4.31
C36 POV X . -45.36 -2.22 -3.38
C37 POV X . -44.08 -1.82 -4.10
C38 POV X . -42.83 -2.18 -3.31
C39 POV X . -42.49 -3.67 -3.34
H29 POV X . -42.89 -0.32 -0.06
H1 POV X . -53.09 2.92 -6.24
H1A POV X . -51.88 3.48 -7.05
H2 POV X . -51.42 3.57 -4.76
H3 POV X . -49.61 3.26 -6.26
H3A POV X . -49.28 2.89 -4.77
H310 POV X . -41.67 -3.99 -1.48
H31A POV X . -40.64 -3.37 -2.46
H210 POV X . -41.74 -1.40 1.46
H211 POV X . -42.93 -2.06 3.41
H21A POV X . -44.16 -2.45 2.54
H311 POV X . -41.50 -6.05 -2.83
H31B POV X . -40.23 -5.41 -3.45
H22 POV X . -50.58 3.26 -2.68
H22A POV X . -51.13 2.58 -1.41
H32 POV X . -49.09 -0.47 -7.55
H312 POV X . -40.53 -6.10 -0.72
H32A POV X . -47.55 -0.37 -7.62
H31C POV X . -39.57 -6.80 -1.71
H23 POV X . -49.77 0.69 -1.77
H23A POV X . -49.29 1.27 -3.14
H33 POV X . -48.96 -1.56 -5.47
H313 POV X . -38.01 -5.53 -0.93
H33A POV X . -48.07 -2.34 -6.47
H31D POV X . -38.63 -4.39 -1.77
H24 POV X . -48.37 3.15 -1.86
H24A POV X . -48.61 2.28 -0.60
H34 POV X . -46.21 -0.96 -5.62
H314 POV X . -38.49 -3.50 0.31
H34A POV X . -47.16 -0.57 -4.46
H31E POV X . -40.00 -3.79 0.12
H25 POV X . -47.01 1.20 -2.65
H25A POV X . -46.37 2.24 -1.69
H35 POV X . -47.28 -2.83 -3.79
H315 POV X . -39.51 -4.54 2.21
H35A POV X . -46.29 -3.22 -4.92
H31F POV X . -39.69 -5.83 1.36
H26 POV X . -47.37 0.52 0.01
H26A POV X . -46.94 -0.41 -1.16
H36 POV X . -45.61 -1.52 -2.75
H316 POV X . -37.73 -6.02 2.72
H36A POV X . -45.19 -3.01 -2.84
H31G POV X . -37.33 -6.09 1.20
H31H POV X . -37.12 -4.77 2.01
H27 POV X . -44.74 0.75 -0.97
H27A POV X . -45.24 1.18 0.43
H37 POV X . -44.05 -2.26 -4.96
H37A POV X . -44.08 -0.87 -4.27
H28 POV X . -45.32 -1.04 1.15
H28A POV X . -45.09 -1.55 -0.29
H38 POV X . -42.07 -1.67 -3.66
H38A POV X . -42.93 -1.90 -2.39
H39 POV X . -42.25 -3.93 -4.25
H39A POV X . -43.28 -4.18 -3.11
P POV Y . -52.54 5.08 0.60
C1 POV Y . -51.21 3.41 2.13
C2 POV Y . -50.48 2.06 1.97
C3 POV Y . -51.39 0.87 2.12
C310 POV Y . -45.15 -5.49 0.27
O11 POV Y . -52.12 3.58 1.07
C311 POV Y . -44.73 -6.86 -0.23
O12 POV Y . -53.83 5.27 1.63
C312 POV Y . -43.23 -6.96 -0.48
O13 POV Y . -53.08 4.97 -0.81
C313 POV Y . -42.83 -8.21 -1.27
O14 POV Y . -51.48 6.07 0.94
C314 POV Y . -43.25 -9.51 -0.59
C315 POV Y . -42.62 -9.74 0.78
C316 POV Y . -41.11 -9.88 0.72
C21 POV Y . -48.23 2.40 2.71
O21 POV Y . -49.45 1.90 2.95
C22 POV Y . -47.35 2.24 3.91
O22 POV Y . -47.90 2.89 1.66
C23 POV Y . -47.26 0.81 4.42
C24 POV Y . -46.20 0.68 5.51
C25 POV Y . -46.10 -0.72 6.09
C26 POV Y . -44.93 -0.92 7.04
C27 POV Y . -44.94 0.03 8.23
C28 POV Y . -43.79 -0.23 9.20
C31 POV Y . -51.25 -1.43 1.59
O31 POV Y . -50.82 -0.19 1.38
C32 POV Y . -50.29 -2.43 1.01
O32 POV Y . -52.28 -1.69 2.17
C33 POV Y . -49.01 -2.60 1.81
C34 POV Y . -49.27 -3.22 3.18
C35 POV Y . -50.00 -4.57 3.14
C36 POV Y . -49.29 -5.61 2.29
C37 POV Y . -47.94 -6.07 2.83
C38 POV Y . -46.75 -5.32 2.25
C39 POV Y . -46.61 -5.44 0.74
H1 POV Y . -51.67 3.42 2.98
H1A POV Y . -50.54 4.10 2.16
H2 POV Y . -50.12 2.03 1.08
H3 POV Y . -51.45 0.64 3.06
H3A POV Y . -52.29 1.07 1.80
H310 POV Y . -44.57 -5.22 0.99
H31A POV Y . -45.03 -4.84 -0.44
H311 POV Y . -44.99 -7.53 0.41
H31B POV Y . -45.21 -7.07 -1.05
H22 POV Y . -46.47 2.56 3.67
H22A POV Y . -47.67 2.83 4.61
H32 POV Y . -50.74 -3.27 0.89
H312 POV Y . -42.94 -6.18 -0.96
H32A POV Y . -50.08 -2.12 0.12
H31C POV Y . -42.76 -6.95 0.36
H23 POV Y . -48.12 0.54 4.79
H23A POV Y . -47.06 0.21 3.70
H33 POV Y . -48.38 -3.16 1.31
H313 POV Y . -43.21 -8.17 -2.15
H33A POV Y . -48.57 -1.75 1.93
H31D POV Y . -41.86 -8.21 -1.38
H24 POV Y . -45.33 0.94 5.15
H24A POV Y . -46.38 1.31 6.23
H34 POV Y . -48.43 -3.32 3.65
H314 POV Y . -44.22 -9.53 -0.50
H34A POV Y . -49.81 -2.60 3.70
H31E POV Y . -43.02 -10.26 -1.16
H25 POV Y . -46.94 -0.93 6.56
H25A POV Y . -46.04 -1.36 5.36
H35 POV Y . -50.09 -4.90 4.05
H315 POV Y . -42.86 -9.00 1.37
H35A POV Y . -50.91 -4.44 2.82
H31F POV Y . -43.00 -10.54 1.18
H26 POV Y . -44.92 -1.83 7.35
H26A POV Y . -44.10 -0.80 6.53
H36 POV Y . -49.87 -6.38 2.19
H316 POV Y . -40.74 -10.08 1.60
H36A POV Y . -49.17 -5.26 1.39
H31G POV Y . -40.84 -10.59 0.12
H31H POV Y . -40.70 -9.06 0.42
H27 POV Y . -44.90 0.95 7.92
H27A POV Y . -45.78 -0.06 8.70
H37 POV Y . -47.95 -5.97 3.79
H37A POV Y . -47.83 -7.02 2.67
H38 POV Y . -46.81 -4.39 2.49
H38A POV Y . -45.94 -5.65 2.67
H39 POV Y . -47.05 -4.70 0.31
H39A POV Y . -47.07 -6.23 0.43
P POV Z . -51.39 2.65 8.69
C1 POV Z . -52.93 3.03 10.82
C2 POV Z . -52.07 2.44 11.94
C3 POV Z . -52.70 1.23 12.62
C310 POV Z . -47.33 -3.10 19.54
O11 POV Z . -52.09 3.58 9.82
C311 POV Z . -47.99 -3.59 20.82
O12 POV Z . -52.77 2.18 7.92
C312 POV Z . -47.28 -4.79 21.43
O13 POV Z . -50.64 3.57 7.78
O14 POV Z . -50.73 1.45 9.29
C21 POV Z . -50.91 3.16 13.92
O21 POV Z . -51.80 3.40 12.96
C22 POV Z . -49.53 2.96 13.37
O22 POV Z . -51.21 3.09 15.09
C23 POV Z . -49.05 1.52 13.39
C24 POV Z . -48.66 1.08 14.79
C25 POV Z . -47.94 -0.27 14.84
C26 POV Z . -46.57 -0.24 14.17
C27 POV Z . -45.68 -1.41 14.57
C31 POV Z . -54.61 0.83 13.95
O31 POV Z . -53.72 1.70 13.50
C32 POV Z . -55.22 1.31 15.24
O32 POV Z . -54.89 -0.20 13.39
C33 POV Z . -54.21 1.62 16.34
C34 POV Z . -53.54 0.35 16.83
C35 POV Z . -52.17 0.58 17.46
C36 POV Z . -51.46 -0.73 17.78
C37 POV Z . -49.99 -0.57 18.16
C38 POV Z . -49.36 -1.90 18.56
C39 POV Z . -47.90 -1.78 19.02
H1 POV Z . -53.49 2.33 10.44
H1A POV Z . -53.52 3.69 11.21
H2 POV Z . -51.24 2.12 11.55
H3 POV Z . -53.08 0.67 11.93
H3A POV Z . -52.03 0.72 13.10
H310 POV Z . -46.39 -3.00 19.69
H31A POV Z . -47.43 -3.78 18.86
H311 POV Z . -48.00 -2.86 21.48
H31B POV Z . -48.92 -3.81 20.65
H22 POV Z . -49.52 3.31 12.47
H22A POV Z . -48.92 3.52 13.87
H32 POV Z . -55.77 2.08 15.05
H32A POV Z . -55.83 0.61 15.53
H23 POV Z . -49.73 0.93 13.05
H23A POV Z . -48.29 1.42 12.79
H33 POV Z . -53.54 2.24 16.01
H33A POV Z . -54.65 2.06 17.08
H24 POV Z . -48.09 1.75 15.19
H24A POV Z . -49.45 1.03 15.35
H34 POV Z . -54.10 -0.09 17.48
H34A POV Z . -53.43 -0.27 16.09
H25 POV Z . -47.84 -0.55 15.76
H25A POV Z . -48.49 -0.94 14.42
H35 POV Z . -51.61 1.10 16.86
H35A POV Z . -52.27 1.10 18.27
H26 POV Z . -46.69 -0.23 13.21
H26A POV Z . -46.13 0.60 14.39
H36 POV Z . -51.93 -1.18 18.51
H36A POV Z . -51.52 -1.32 17.02
H37 POV Z . -49.51 -0.20 17.41
H37A POV Z . -49.90 0.06 18.89
H38 POV Z . -49.88 -2.30 19.26
H38A POV Z . -49.40 -2.51 17.82
H39 POV Z . -47.83 -1.10 19.71
H39A POV Z . -47.36 -1.47 18.27
N POV AA . -62.35 18.57 18.69
P POV AA . -59.24 15.17 17.33
C1 POV AA . -57.24 16.17 18.75
C2 POV AA . -55.95 15.74 19.47
C3 POV AA . -54.99 14.99 18.59
C210 POV AA . -51.25 13.52 30.12
C310 POV AA . -44.19 7.51 20.26
C11 POV AA . -61.48 16.15 18.29
O11 POV AA . -57.92 15.02 18.28
C211 POV AA . -50.55 13.27 31.42
C311 POV AA . -43.21 7.43 19.09
C12 POV AA . -62.14 17.40 17.76
O12 POV AA . -60.08 16.23 18.29
C212 POV AA . -49.09 12.90 31.21
C312 POV AA . -42.00 6.56 19.40
C13 POV AA . -63.41 18.30 19.69
O13 POV AA . -58.80 15.92 16.10
C213 POV AA . -48.32 12.70 32.51
C313 POV AA . -40.84 6.77 18.43
C14 POV AA . -61.07 18.80 19.41
O14 POV AA . -59.98 13.89 17.23
C214 POV AA . -46.90 12.17 32.29
C15 POV AA . -62.68 19.83 17.95
C215 POV AA . -46.86 10.70 31.88
C216 POV AA . -45.65 10.35 31.03
C217 POV AA . -45.88 9.14 30.12
C218 POV AA . -46.81 9.43 28.96
C21 POV AA . -55.50 15.06 21.70
O21 POV AA . -56.21 14.90 20.59
C22 POV AA . -55.22 13.72 22.36
O22 POV AA . -55.14 16.13 22.12
C23 POV AA . -54.32 13.82 23.58
C24 POV AA . -53.70 12.46 23.90
C25 POV AA . -53.14 12.38 25.31
C26 POV AA . -54.22 12.19 26.37
C27 POV AA . -53.65 11.97 27.77
C28 POV AA . -53.08 13.25 28.39
C29 POV AA . -52.40 12.99 29.68
C31 POV AA . -53.11 14.04 19.65
O31 POV AA . -54.39 13.95 19.35
C32 POV AA . -52.47 12.67 19.78
O32 POV AA . -52.52 15.09 19.80
C33 POV AA . -51.14 12.68 20.49
C34 POV AA . -50.39 11.36 20.31
C35 POV AA . -48.98 11.39 20.91
C36 POV AA . -48.25 10.06 20.76
C37 POV AA . -46.88 10.06 21.44
C38 POV AA . -46.15 8.72 21.32
C39 POV AA . -45.22 8.63 20.11
H29 POV AA . -52.82 12.37 30.25
H1 POV AA . -57.80 16.66 19.37
H1A POV AA . -57.00 16.77 18.03
H2 POV AA . -55.49 16.55 19.75
H3 POV AA . -55.47 14.62 17.83
H3A POV AA . -54.31 15.59 18.23
H310 POV AA . -44.66 6.65 20.34
H31A POV AA . -43.70 7.63 21.08
H210 POV AA . -50.82 14.13 29.57
H11 POV AA . -61.81 16.07 19.21
H11A POV AA . -61.82 15.37 17.82
H211 POV AA . -50.60 14.06 31.97
H21A POV AA . -50.99 12.56 31.92
H311 POV AA . -43.67 7.07 18.31
H31B POV AA . -42.92 8.32 18.86
H12 POV AA . -63.02 17.20 17.39
H12A POV AA . -61.60 17.74 17.04
H22 POV AA . -56.08 13.34 22.60
H212 POV AA . -49.04 12.10 30.67
H22A POV AA . -54.84 13.13 21.69
H21B POV AA . -48.65 13.60 30.69
H32 POV AA . -53.10 12.08 20.21
H312 POV AA . -41.70 6.73 20.30
H32A POV AA . -52.38 12.34 18.87
H31C POV AA . -42.27 5.63 19.37
H13 POV AA . -63.48 19.06 20.30
H13A POV AA . -64.26 18.19 19.22
H13B POV AA . -63.21 17.50 20.18
H23 POV AA . -53.62 14.46 23.43
H213 POV AA . -48.28 13.53 33.00
H23A POV AA . -54.83 14.13 24.35
H21C POV AA . -48.81 12.08 33.08
H33 POV AA . -50.58 13.41 20.17
H33A POV AA . -51.27 12.85 21.44
H14 POV AA . -61.08 19.68 19.82
H14A POV AA . -60.96 18.13 20.10
H14B POV AA . -60.33 18.74 18.79
H24 POV AA . -54.36 11.76 23.78
H214 POV AA . -46.47 12.71 31.62
H24A POV AA . -52.99 12.27 23.27
H21D POV AA . -46.39 12.28 33.11
H34 POV AA . -50.90 10.65 20.71
H34A POV AA . -50.32 11.17 19.36
H15 POV AA . -62.81 20.56 18.57
H15A POV AA . -61.95 20.02 17.35
H15B POV AA . -63.49 19.67 17.44
H25 POV AA . -52.51 11.64 25.37
H215 POV AA . -46.87 10.15 32.67
H25A POV AA . -52.64 13.19 25.50
H21E POV AA . -47.67 10.48 31.39
H35 POV AA . -48.47 12.09 20.47
H35A POV AA . -49.04 11.63 21.85
H26 POV AA . -54.80 12.97 26.38
H216 POV AA . -45.41 11.11 30.47
H26A POV AA . -54.78 11.44 26.13
H21F POV AA . -44.89 10.19 31.60
H36 POV AA . -48.80 9.35 21.12
H36A POV AA . -48.13 9.86 19.81
H27 POV AA . -54.35 11.62 28.35
H217 POV AA . -45.02 8.84 29.78
H27A POV AA . -52.97 11.30 27.74
H21G POV AA . -46.23 8.41 30.66
H37 POV AA . -46.33 10.75 21.05
H37A POV AA . -46.99 10.28 22.37
H28 POV AA . -52.49 13.68 27.76
H218 POV AA . -46.91 8.66 28.38
H28A POV AA . -53.82 13.88 28.53
H21H POV AA . -47.70 9.66 29.27
H21J POV AA . -46.50 10.17 28.42
H38 POV AA . -45.66 8.55 22.13
H38A POV AA . -46.82 8.01 21.27
H39 POV AA . -44.76 9.47 19.99
H39A POV AA . -45.75 8.49 19.31
P POV BA . -55.44 19.60 20.62
C1 POV BA . -53.25 18.39 19.80
C2 POV BA . -52.30 19.43 19.20
C3 POV BA . -52.79 20.02 17.91
C310 POV BA . -43.41 22.49 13.55
O11 POV BA . -53.97 18.99 20.86
C311 POV BA . -42.93 21.12 13.10
O12 POV BA . -56.32 18.35 21.26
C312 POV BA . -42.79 20.12 14.24
O13 POV BA . -55.58 20.79 21.53
C313 POV BA . -42.90 18.67 13.79
O14 POV BA . -55.77 19.71 19.16
C314 POV BA . -42.55 17.68 14.88
C315 POV BA . -41.80 16.46 14.38
C316 POV BA . -40.35 16.76 14.03
C21 POV BA . -49.92 19.63 19.03
O21 POV BA . -51.01 18.87 18.94
C22 POV BA . -48.68 18.78 19.09
O22 POV BA . -49.95 20.84 19.06
C23 POV BA . -47.50 19.34 18.30
C24 POV BA . -46.76 20.41 19.07
C25 POV BA . -45.34 20.65 18.55
C26 POV BA . -44.39 19.50 18.84
C31 POV BA . -52.70 22.11 16.79
O31 POV BA . -52.46 21.41 17.90
C32 POV BA . -51.53 22.99 16.48
O32 POV BA . -53.73 22.05 16.16
C33 POV BA . -50.27 22.23 16.11
C34 POV BA . -49.05 23.13 16.19
C35 POV BA . -47.73 22.40 15.98
C36 POV BA . -46.57 23.35 15.74
C37 POV BA . -46.65 24.10 14.43
C38 POV BA . -45.33 24.14 13.67
C39 POV BA . -44.85 22.78 13.18
H1 POV BA . -53.85 18.07 19.12
H1A POV BA . -52.71 17.63 20.10
H2 POV BA . -52.22 20.17 19.83
H3 POV BA . -52.34 19.57 17.17
H3A POV BA . -53.75 19.89 17.81
H310 POV BA . -43.30 22.56 14.51
H31A POV BA . -42.84 23.17 13.17
H311 POV BA . -43.55 20.77 12.43
H31B POV BA . -42.07 21.21 12.64
H22 POV BA . -48.44 18.68 20.02
H22A POV BA . -48.91 17.89 18.78
H32 POV BA . -51.79 23.61 15.77
H312 POV BA . -41.94 20.26 14.69
H32A POV BA . -51.37 23.53 17.27
H31C POV BA . -43.48 20.30 14.91
H23 POV BA . -46.89 18.61 18.08
H23A POV BA . -47.81 19.69 17.45
H33 POV BA . -50.16 21.47 16.69
H313 POV BA . -43.80 18.50 13.48
H33A POV BA . -50.35 21.88 15.21
H31D POV BA . -42.31 18.53 13.03
H24 POV BA . -47.25 21.24 19.03
H24A POV BA . -46.72 20.16 20.01
H34 POV BA . -49.13 23.84 15.55
H314 POV BA . -42.03 18.12 15.57
H34A POV BA . -49.03 23.55 17.07
H31E POV BA . -43.37 17.40 15.33
H25 POV BA . -45.37 20.80 17.59
H25A POV BA . -44.98 21.47 18.94
H35 POV BA . -47.54 21.84 16.75
H315 POV BA . -41.83 15.76 15.06
H35A POV BA . -47.82 21.79 15.22
H31F POV BA . -42.26 16.10 13.61
H36 POV BA . -46.53 23.98 16.48
H316 POV BA . -39.89 15.98 13.70
H36A POV BA . -45.74 22.85 15.77
H31G POV BA . -40.29 17.45 13.35
H31H POV BA . -39.86 17.07 14.81
H37 POV BA . -47.33 23.68 13.86
H37A POV BA . -46.96 25.01 14.58
H38 POV BA . -45.40 24.75 12.93
H38A POV BA . -44.64 24.52 14.25
H39 POV BA . -44.96 22.73 12.22
H39A POV BA . -45.42 22.08 13.55
#